data_1JLI
# 
_entry.id   1JLI 
# 
_audit_conform.dict_name       mmcif_pdbx.dic 
_audit_conform.dict_version    5.399 
_audit_conform.dict_location   http://mmcif.pdb.org/dictionaries/ascii/mmcif_pdbx.dic 
# 
loop_
_database_2.database_id 
_database_2.database_code 
_database_2.pdbx_database_accession 
_database_2.pdbx_DOI 
PDB   1JLI         pdb_00001jli 10.2210/pdb1jli/pdb 
WWPDB D_1000174341 ?            ?                   
# 
loop_
_pdbx_audit_revision_history.ordinal 
_pdbx_audit_revision_history.data_content_type 
_pdbx_audit_revision_history.major_revision 
_pdbx_audit_revision_history.minor_revision 
_pdbx_audit_revision_history.revision_date 
1 'Structure model' 1 0 1997-06-16 
2 'Structure model' 1 1 2008-03-24 
3 'Structure model' 1 2 2011-07-13 
4 'Structure model' 1 3 2021-11-03 
5 'Structure model' 1 4 2024-11-20 
# 
_pdbx_audit_revision_details.ordinal             1 
_pdbx_audit_revision_details.revision_ordinal    1 
_pdbx_audit_revision_details.data_content_type   'Structure model' 
_pdbx_audit_revision_details.provider            repository 
_pdbx_audit_revision_details.type                'Initial release' 
_pdbx_audit_revision_details.description         ? 
_pdbx_audit_revision_details.details             ? 
# 
loop_
_pdbx_audit_revision_group.ordinal 
_pdbx_audit_revision_group.revision_ordinal 
_pdbx_audit_revision_group.data_content_type 
_pdbx_audit_revision_group.group 
1 2 'Structure model' 'Version format compliance' 
2 3 'Structure model' 'Version format compliance' 
3 4 'Structure model' 'Database references'       
4 4 'Structure model' 'Derived calculations'      
5 4 'Structure model' Other                       
6 5 'Structure model' 'Data collection'           
7 5 'Structure model' 'Structure summary'         
# 
loop_
_pdbx_audit_revision_category.ordinal 
_pdbx_audit_revision_category.revision_ordinal 
_pdbx_audit_revision_category.data_content_type 
_pdbx_audit_revision_category.category 
1 4 'Structure model' database_2                
2 4 'Structure model' pdbx_database_status      
3 4 'Structure model' pdbx_struct_assembly      
4 4 'Structure model' pdbx_struct_oper_list     
5 4 'Structure model' struct_ref_seq_dif        
6 5 'Structure model' chem_comp_atom            
7 5 'Structure model' chem_comp_bond            
8 5 'Structure model' pdbx_entry_details        
9 5 'Structure model' pdbx_modification_feature 
# 
loop_
_pdbx_audit_revision_item.ordinal 
_pdbx_audit_revision_item.revision_ordinal 
_pdbx_audit_revision_item.data_content_type 
_pdbx_audit_revision_item.item 
1 4 'Structure model' '_database_2.pdbx_DOI'                
2 4 'Structure model' '_database_2.pdbx_database_accession' 
3 4 'Structure model' '_pdbx_database_status.process_site'  
4 4 'Structure model' '_struct_ref_seq_dif.details'         
# 
_pdbx_database_status.status_code                     REL 
_pdbx_database_status.entry_id                        1JLI 
_pdbx_database_status.recvd_initial_deposition_date   1995-12-14 
_pdbx_database_status.deposit_site                    ? 
_pdbx_database_status.process_site                    BNL 
_pdbx_database_status.status_code_sf                  ? 
_pdbx_database_status.status_code_mr                  REL 
_pdbx_database_status.SG_entry                        ? 
_pdbx_database_status.pdb_format_compatible           Y 
_pdbx_database_status.status_code_cs                  ? 
_pdbx_database_status.status_code_nmr_data            ? 
_pdbx_database_status.methods_development_category    ? 
# 
loop_
_audit_author.name 
_audit_author.pdbx_ordinal 
'Feng, Y.'        1 
'Klein, B.K.'     2 
'Mcwherter, C.A.' 3 
# 
loop_
_citation.id 
_citation.title 
_citation.journal_abbrev 
_citation.journal_volume 
_citation.page_first 
_citation.page_last 
_citation.year 
_citation.journal_id_ASTM 
_citation.country 
_citation.journal_id_ISSN 
_citation.journal_id_CSD 
_citation.book_publisher 
_citation.pdbx_database_id_PubMed 
_citation.pdbx_database_id_DOI 
primary 'Three-dimensional solution structure and backbone dynamics of a variant of human interleukin-3.' J.Mol.Biol.  259 524  
541 1996 JMOBAK UK 0022-2836 0070 ? 8676386 10.1006/jmbi.1996.0337 
1       
'1H, 13C, and 15N NMR Resonance Assignments, Secondary Structure, and Backbone Topology of a Variant of Human Interleukin-3' 
Biochemistry 34  6540 ?   1995 BICHAW US 0006-2960 0033 ? ?       ?                      
# 
loop_
_citation_author.citation_id 
_citation_author.name 
_citation_author.ordinal 
_citation_author.identifier_ORCID 
primary 'Feng, Y.'        1 ? 
primary 'Klein, B.K.'     2 ? 
primary 'McWherter, C.A.' 3 ? 
1       'Feng, Y.'        4 ? 
1       'Klein, B.K.'     5 ? 
1       'Vu, L.'          6 ? 
1       'Aykent, S.'      7 ? 
1       'Mcwherter, C.A.' 8 ? 
# 
_entity.id                         1 
_entity.type                       polymer 
_entity.src_method                 man 
_entity.pdbx_description           'INTERLEUKIN 3' 
_entity.formula_weight             12844.856 
_entity.pdbx_number_of_molecules   1 
_entity.pdbx_ec                    ? 
_entity.pdbx_mutation              
'DEL(1-13), V14A, N18I, T25H, Q29R, L32N, F37P, G42S, Q45M, N51R, R55T, E59L, N62V, S67H, Q69E, DEL(126-133)' 
_entity.pdbx_fragment              ? 
_entity.details                    ? 
# 
_entity_name_com.entity_id   1 
_entity_name_com.name        MULTI-CSF 
# 
_entity_poly.entity_id                      1 
_entity_poly.type                           'polypeptide(L)' 
_entity_poly.nstd_linkage                   no 
_entity_poly.nstd_monomer                   no 
_entity_poly.pdbx_seq_one_letter_code       
;ANCSIMIDEIIHHLKRPPNPLLDPNNLNSEDMDILMERNLRTPNLLAFVRAVKHLENASAIESILKNLLPCLPLATAAPT
RHPIHIKDGDWNEFRRKLTFYLKTLENAQAQQ
;
_entity_poly.pdbx_seq_one_letter_code_can   
;ANCSIMIDEIIHHLKRPPNPLLDPNNLNSEDMDILMERNLRTPNLLAFVRAVKHLENASAIESILKNLLPCLPLATAAPT
RHPIHIKDGDWNEFRRKLTFYLKTLENAQAQQ
;
_entity_poly.pdbx_strand_id                 A 
_entity_poly.pdbx_target_identifier         ? 
# 
loop_
_entity_poly_seq.entity_id 
_entity_poly_seq.num 
_entity_poly_seq.mon_id 
_entity_poly_seq.hetero 
1 1   ALA n 
1 2   ASN n 
1 3   CYS n 
1 4   SER n 
1 5   ILE n 
1 6   MET n 
1 7   ILE n 
1 8   ASP n 
1 9   GLU n 
1 10  ILE n 
1 11  ILE n 
1 12  HIS n 
1 13  HIS n 
1 14  LEU n 
1 15  LYS n 
1 16  ARG n 
1 17  PRO n 
1 18  PRO n 
1 19  ASN n 
1 20  PRO n 
1 21  LEU n 
1 22  LEU n 
1 23  ASP n 
1 24  PRO n 
1 25  ASN n 
1 26  ASN n 
1 27  LEU n 
1 28  ASN n 
1 29  SER n 
1 30  GLU n 
1 31  ASP n 
1 32  MET n 
1 33  ASP n 
1 34  ILE n 
1 35  LEU n 
1 36  MET n 
1 37  GLU n 
1 38  ARG n 
1 39  ASN n 
1 40  LEU n 
1 41  ARG n 
1 42  THR n 
1 43  PRO n 
1 44  ASN n 
1 45  LEU n 
1 46  LEU n 
1 47  ALA n 
1 48  PHE n 
1 49  VAL n 
1 50  ARG n 
1 51  ALA n 
1 52  VAL n 
1 53  LYS n 
1 54  HIS n 
1 55  LEU n 
1 56  GLU n 
1 57  ASN n 
1 58  ALA n 
1 59  SER n 
1 60  ALA n 
1 61  ILE n 
1 62  GLU n 
1 63  SER n 
1 64  ILE n 
1 65  LEU n 
1 66  LYS n 
1 67  ASN n 
1 68  LEU n 
1 69  LEU n 
1 70  PRO n 
1 71  CYS n 
1 72  LEU n 
1 73  PRO n 
1 74  LEU n 
1 75  ALA n 
1 76  THR n 
1 77  ALA n 
1 78  ALA n 
1 79  PRO n 
1 80  THR n 
1 81  ARG n 
1 82  HIS n 
1 83  PRO n 
1 84  ILE n 
1 85  HIS n 
1 86  ILE n 
1 87  LYS n 
1 88  ASP n 
1 89  GLY n 
1 90  ASP n 
1 91  TRP n 
1 92  ASN n 
1 93  GLU n 
1 94  PHE n 
1 95  ARG n 
1 96  ARG n 
1 97  LYS n 
1 98  LEU n 
1 99  THR n 
1 100 PHE n 
1 101 TYR n 
1 102 LEU n 
1 103 LYS n 
1 104 THR n 
1 105 LEU n 
1 106 GLU n 
1 107 ASN n 
1 108 ALA n 
1 109 GLN n 
1 110 ALA n 
1 111 GLN n 
1 112 GLN n 
# 
_entity_src_gen.entity_id                          1 
_entity_src_gen.pdbx_src_id                        1 
_entity_src_gen.pdbx_alt_source_flag               sample 
_entity_src_gen.pdbx_seq_type                      ? 
_entity_src_gen.pdbx_beg_seq_num                   ? 
_entity_src_gen.pdbx_end_seq_num                   ? 
_entity_src_gen.gene_src_common_name               human 
_entity_src_gen.gene_src_genus                     Homo 
_entity_src_gen.pdbx_gene_src_gene                 ? 
_entity_src_gen.gene_src_species                   ? 
_entity_src_gen.gene_src_strain                    ? 
_entity_src_gen.gene_src_tissue                    ? 
_entity_src_gen.gene_src_tissue_fraction           ? 
_entity_src_gen.gene_src_details                   ? 
_entity_src_gen.pdbx_gene_src_fragment             ? 
_entity_src_gen.pdbx_gene_src_scientific_name      'Homo sapiens' 
_entity_src_gen.pdbx_gene_src_ncbi_taxonomy_id     9606 
_entity_src_gen.pdbx_gene_src_variant              ? 
_entity_src_gen.pdbx_gene_src_cell_line            ? 
_entity_src_gen.pdbx_gene_src_atcc                 ? 
_entity_src_gen.pdbx_gene_src_organ                ? 
_entity_src_gen.pdbx_gene_src_organelle            ? 
_entity_src_gen.pdbx_gene_src_cell                 ? 
_entity_src_gen.pdbx_gene_src_cellular_location    ? 
_entity_src_gen.host_org_common_name               ? 
_entity_src_gen.pdbx_host_org_scientific_name      'Escherichia coli' 
_entity_src_gen.pdbx_host_org_ncbi_taxonomy_id     562 
_entity_src_gen.host_org_genus                     Escherichia 
_entity_src_gen.pdbx_host_org_gene                 ? 
_entity_src_gen.pdbx_host_org_organ                ? 
_entity_src_gen.host_org_species                   ? 
_entity_src_gen.pdbx_host_org_tissue               ? 
_entity_src_gen.pdbx_host_org_tissue_fraction      ? 
_entity_src_gen.pdbx_host_org_strain               JM101 
_entity_src_gen.pdbx_host_org_variant              ? 
_entity_src_gen.pdbx_host_org_cell_line            ? 
_entity_src_gen.pdbx_host_org_atcc                 ? 
_entity_src_gen.pdbx_host_org_culture_collection   ? 
_entity_src_gen.pdbx_host_org_cell                 ? 
_entity_src_gen.pdbx_host_org_organelle            ? 
_entity_src_gen.pdbx_host_org_cellular_location    ? 
_entity_src_gen.pdbx_host_org_vector_type          ? 
_entity_src_gen.pdbx_host_org_vector               ? 
_entity_src_gen.host_org_details                   ? 
_entity_src_gen.expression_system_id               ? 
_entity_src_gen.plasmid_name                       'PMON 13302' 
_entity_src_gen.plasmid_details                    ? 
_entity_src_gen.pdbx_description                   ? 
# 
loop_
_chem_comp.id 
_chem_comp.type 
_chem_comp.mon_nstd_flag 
_chem_comp.name 
_chem_comp.pdbx_synonyms 
_chem_comp.formula 
_chem_comp.formula_weight 
ALA 'L-peptide linking' y ALANINE         ? 'C3 H7 N O2'     89.093  
ARG 'L-peptide linking' y ARGININE        ? 'C6 H15 N4 O2 1' 175.209 
ASN 'L-peptide linking' y ASPARAGINE      ? 'C4 H8 N2 O3'    132.118 
ASP 'L-peptide linking' y 'ASPARTIC ACID' ? 'C4 H7 N O4'     133.103 
CYS 'L-peptide linking' y CYSTEINE        ? 'C3 H7 N O2 S'   121.158 
GLN 'L-peptide linking' y GLUTAMINE       ? 'C5 H10 N2 O3'   146.144 
GLU 'L-peptide linking' y 'GLUTAMIC ACID' ? 'C5 H9 N O4'     147.129 
GLY 'peptide linking'   y GLYCINE         ? 'C2 H5 N O2'     75.067  
HIS 'L-peptide linking' y HISTIDINE       ? 'C6 H10 N3 O2 1' 156.162 
ILE 'L-peptide linking' y ISOLEUCINE      ? 'C6 H13 N O2'    131.173 
LEU 'L-peptide linking' y LEUCINE         ? 'C6 H13 N O2'    131.173 
LYS 'L-peptide linking' y LYSINE          ? 'C6 H15 N2 O2 1' 147.195 
MET 'L-peptide linking' y METHIONINE      ? 'C5 H11 N O2 S'  149.211 
PHE 'L-peptide linking' y PHENYLALANINE   ? 'C9 H11 N O2'    165.189 
PRO 'L-peptide linking' y PROLINE         ? 'C5 H9 N O2'     115.130 
SER 'L-peptide linking' y SERINE          ? 'C3 H7 N O3'     105.093 
THR 'L-peptide linking' y THREONINE       ? 'C4 H9 N O3'     119.119 
TRP 'L-peptide linking' y TRYPTOPHAN      ? 'C11 H12 N2 O2'  204.225 
TYR 'L-peptide linking' y TYROSINE        ? 'C9 H11 N O3'    181.189 
VAL 'L-peptide linking' y VALINE          ? 'C5 H11 N O2'    117.146 
# 
loop_
_pdbx_poly_seq_scheme.asym_id 
_pdbx_poly_seq_scheme.entity_id 
_pdbx_poly_seq_scheme.seq_id 
_pdbx_poly_seq_scheme.mon_id 
_pdbx_poly_seq_scheme.ndb_seq_num 
_pdbx_poly_seq_scheme.pdb_seq_num 
_pdbx_poly_seq_scheme.auth_seq_num 
_pdbx_poly_seq_scheme.pdb_mon_id 
_pdbx_poly_seq_scheme.auth_mon_id 
_pdbx_poly_seq_scheme.pdb_strand_id 
_pdbx_poly_seq_scheme.pdb_ins_code 
_pdbx_poly_seq_scheme.hetero 
A 1 1   ALA 1   14  14  ALA ALA A . n 
A 1 2   ASN 2   15  15  ASN ASN A . n 
A 1 3   CYS 3   16  16  CYS CYS A . n 
A 1 4   SER 4   17  17  SER SER A . n 
A 1 5   ILE 5   18  18  ILE ILE A . n 
A 1 6   MET 6   19  19  MET MET A . n 
A 1 7   ILE 7   20  20  ILE ILE A . n 
A 1 8   ASP 8   21  21  ASP ASP A . n 
A 1 9   GLU 9   22  22  GLU GLU A . n 
A 1 10  ILE 10  23  23  ILE ILE A . n 
A 1 11  ILE 11  24  24  ILE ILE A . n 
A 1 12  HIS 12  25  25  HIS HIS A . n 
A 1 13  HIS 13  26  26  HIS HIS A . n 
A 1 14  LEU 14  27  27  LEU LEU A . n 
A 1 15  LYS 15  28  28  LYS LYS A . n 
A 1 16  ARG 16  29  29  ARG ARG A . n 
A 1 17  PRO 17  30  30  PRO PRO A . n 
A 1 18  PRO 18  31  31  PRO PRO A . n 
A 1 19  ASN 19  32  32  ASN ASN A . n 
A 1 20  PRO 20  33  33  PRO PRO A . n 
A 1 21  LEU 21  34  34  LEU LEU A . n 
A 1 22  LEU 22  35  35  LEU LEU A . n 
A 1 23  ASP 23  36  36  ASP ASP A . n 
A 1 24  PRO 24  37  37  PRO PRO A . n 
A 1 25  ASN 25  38  38  ASN ASN A . n 
A 1 26  ASN 26  39  39  ASN ASN A . n 
A 1 27  LEU 27  40  40  LEU LEU A . n 
A 1 28  ASN 28  41  41  ASN ASN A . n 
A 1 29  SER 29  42  42  SER SER A . n 
A 1 30  GLU 30  43  43  GLU GLU A . n 
A 1 31  ASP 31  44  44  ASP ASP A . n 
A 1 32  MET 32  45  45  MET MET A . n 
A 1 33  ASP 33  46  46  ASP ASP A . n 
A 1 34  ILE 34  47  47  ILE ILE A . n 
A 1 35  LEU 35  48  48  LEU LEU A . n 
A 1 36  MET 36  49  49  MET MET A . n 
A 1 37  GLU 37  50  50  GLU GLU A . n 
A 1 38  ARG 38  51  51  ARG ARG A . n 
A 1 39  ASN 39  52  52  ASN ASN A . n 
A 1 40  LEU 40  53  53  LEU LEU A . n 
A 1 41  ARG 41  54  54  ARG ARG A . n 
A 1 42  THR 42  55  55  THR THR A . n 
A 1 43  PRO 43  56  56  PRO PRO A . n 
A 1 44  ASN 44  57  57  ASN ASN A . n 
A 1 45  LEU 45  58  58  LEU LEU A . n 
A 1 46  LEU 46  59  59  LEU LEU A . n 
A 1 47  ALA 47  60  60  ALA ALA A . n 
A 1 48  PHE 48  61  61  PHE PHE A . n 
A 1 49  VAL 49  62  62  VAL VAL A . n 
A 1 50  ARG 50  63  63  ARG ARG A . n 
A 1 51  ALA 51  64  64  ALA ALA A . n 
A 1 52  VAL 52  65  65  VAL VAL A . n 
A 1 53  LYS 53  66  66  LYS LYS A . n 
A 1 54  HIS 54  67  67  HIS HIS A . n 
A 1 55  LEU 55  68  68  LEU LEU A . n 
A 1 56  GLU 56  69  69  GLU GLU A . n 
A 1 57  ASN 57  70  70  ASN ASN A . n 
A 1 58  ALA 58  71  71  ALA ALA A . n 
A 1 59  SER 59  72  72  SER SER A . n 
A 1 60  ALA 60  73  73  ALA ALA A . n 
A 1 61  ILE 61  74  74  ILE ILE A . n 
A 1 62  GLU 62  75  75  GLU GLU A . n 
A 1 63  SER 63  76  76  SER SER A . n 
A 1 64  ILE 64  77  77  ILE ILE A . n 
A 1 65  LEU 65  78  78  LEU LEU A . n 
A 1 66  LYS 66  79  79  LYS LYS A . n 
A 1 67  ASN 67  80  80  ASN ASN A . n 
A 1 68  LEU 68  81  81  LEU LEU A . n 
A 1 69  LEU 69  82  82  LEU LEU A . n 
A 1 70  PRO 70  83  83  PRO PRO A . n 
A 1 71  CYS 71  84  84  CYS CYS A . n 
A 1 72  LEU 72  85  85  LEU LEU A . n 
A 1 73  PRO 73  86  86  PRO PRO A . n 
A 1 74  LEU 74  87  87  LEU LEU A . n 
A 1 75  ALA 75  88  88  ALA ALA A . n 
A 1 76  THR 76  89  89  THR THR A . n 
A 1 77  ALA 77  90  90  ALA ALA A . n 
A 1 78  ALA 78  91  91  ALA ALA A . n 
A 1 79  PRO 79  92  92  PRO PRO A . n 
A 1 80  THR 80  93  93  THR THR A . n 
A 1 81  ARG 81  94  94  ARG ARG A . n 
A 1 82  HIS 82  95  95  HIS HIS A . n 
A 1 83  PRO 83  96  96  PRO PRO A . n 
A 1 84  ILE 84  97  97  ILE ILE A . n 
A 1 85  HIS 85  98  98  HIS HIS A . n 
A 1 86  ILE 86  99  99  ILE ILE A . n 
A 1 87  LYS 87  100 100 LYS LYS A . n 
A 1 88  ASP 88  101 101 ASP ASP A . n 
A 1 89  GLY 89  102 102 GLY GLY A . n 
A 1 90  ASP 90  103 103 ASP ASP A . n 
A 1 91  TRP 91  104 104 TRP TRP A . n 
A 1 92  ASN 92  105 105 ASN ASN A . n 
A 1 93  GLU 93  106 106 GLU GLU A . n 
A 1 94  PHE 94  107 107 PHE PHE A . n 
A 1 95  ARG 95  108 108 ARG ARG A . n 
A 1 96  ARG 96  109 109 ARG ARG A . n 
A 1 97  LYS 97  110 110 LYS LYS A . n 
A 1 98  LEU 98  111 111 LEU LEU A . n 
A 1 99  THR 99  112 112 THR THR A . n 
A 1 100 PHE 100 113 113 PHE PHE A . n 
A 1 101 TYR 101 114 114 TYR TYR A . n 
A 1 102 LEU 102 115 115 LEU LEU A . n 
A 1 103 LYS 103 116 116 LYS LYS A . n 
A 1 104 THR 104 117 117 THR THR A . n 
A 1 105 LEU 105 118 118 LEU LEU A . n 
A 1 106 GLU 106 119 119 GLU GLU A . n 
A 1 107 ASN 107 120 120 ASN ASN A . n 
A 1 108 ALA 108 121 121 ALA ALA A . n 
A 1 109 GLN 109 122 122 GLN GLN A . n 
A 1 110 ALA 110 123 123 ALA ALA A . n 
A 1 111 GLN 111 124 124 GLN GLN A . n 
A 1 112 GLN 112 125 125 GLN GLN A . n 
# 
loop_
_software.name 
_software.classification 
_software.version 
_software.citation_id 
_software.pdbx_ordinal 
X-PLOR 'model building' 3.1 ? 1 
X-PLOR refinement       3.1 ? 2 
X-PLOR phasing          3.1 ? 3 
# 
_cell.entry_id           1JLI 
_cell.length_a           1.000 
_cell.length_b           1.000 
_cell.length_c           1.000 
_cell.angle_alpha        90.00 
_cell.angle_beta         90.00 
_cell.angle_gamma        90.00 
_cell.Z_PDB              1 
_cell.pdbx_unique_axis   ? 
# 
_symmetry.entry_id                         1JLI 
_symmetry.space_group_name_H-M             'P 1' 
_symmetry.pdbx_full_space_group_name_H-M   ? 
_symmetry.cell_setting                     ? 
_symmetry.Int_Tables_number                1 
# 
_exptl.entry_id          1JLI 
_exptl.method            'SOLUTION NMR' 
_exptl.crystals_number   ? 
# 
_struct.entry_id                  1JLI 
_struct.title                     
'HUMAN INTERLEUKIN 3 (IL-3) MUTANT WITH TRUNCATION AT BOTH N-AND C-TERMINI AND 14 RESIDUE CHANGES, NMR, MINIMIZED AVERAGE STRUCTURE' 
_struct.pdbx_model_details        ? 
_struct.pdbx_CASP_flag            ? 
_struct.pdbx_model_type_details   ? 
# 
_struct_keywords.entry_id        1JLI 
_struct_keywords.pdbx_keywords   CYTOKINE 
_struct_keywords.text            'HEMATOPOIETIC GROWTH FACTOR, COLONY-STIMULATING FACTOR, CYTOKINE' 
# 
_struct_asym.id                            A 
_struct_asym.pdbx_blank_PDB_chainid_flag   Y 
_struct_asym.pdbx_modified                 N 
_struct_asym.entity_id                     1 
_struct_asym.details                       ? 
# 
_struct_ref.id                         1 
_struct_ref.db_name                    UNP 
_struct_ref.db_code                    IL3_HUMAN 
_struct_ref.entity_id                  1 
_struct_ref.pdbx_db_accession          P08700 
_struct_ref.pdbx_align_begin           1 
_struct_ref.pdbx_seq_one_letter_code   
;MSRLPVLLLLQLLVRPGLQAPMTQTTPLKTSWVNCSNMIDEIITHLKQPPLPLLDFNNLNGEDQDILMENNLRRPNLEAF
NRAVKSLQNASAIESILKNLLPCLPLATAAPTRHPIHIKDGDWNEFRRKLTFYLKTLENAQAQQTTLSLAIF
;
_struct_ref.pdbx_db_isoform            ? 
# 
_struct_ref_seq.align_id                      1 
_struct_ref_seq.ref_id                        1 
_struct_ref_seq.pdbx_PDB_id_code              1JLI 
_struct_ref_seq.pdbx_strand_id                A 
_struct_ref_seq.seq_align_beg                 2 
_struct_ref_seq.pdbx_seq_align_beg_ins_code   ? 
_struct_ref_seq.seq_align_end                 112 
_struct_ref_seq.pdbx_seq_align_end_ins_code   ? 
_struct_ref_seq.pdbx_db_accession             P08700 
_struct_ref_seq.db_align_beg                  34 
_struct_ref_seq.pdbx_db_align_beg_ins_code    ? 
_struct_ref_seq.db_align_end                  144 
_struct_ref_seq.pdbx_db_align_end_ins_code    ? 
_struct_ref_seq.pdbx_auth_seq_align_beg       15 
_struct_ref_seq.pdbx_auth_seq_align_end       125 
# 
loop_
_struct_ref_seq_dif.align_id 
_struct_ref_seq_dif.pdbx_pdb_id_code 
_struct_ref_seq_dif.mon_id 
_struct_ref_seq_dif.pdbx_pdb_strand_id 
_struct_ref_seq_dif.seq_num 
_struct_ref_seq_dif.pdbx_pdb_ins_code 
_struct_ref_seq_dif.pdbx_seq_db_name 
_struct_ref_seq_dif.pdbx_seq_db_accession_code 
_struct_ref_seq_dif.db_mon_id 
_struct_ref_seq_dif.pdbx_seq_db_seq_num 
_struct_ref_seq_dif.details 
_struct_ref_seq_dif.pdbx_auth_seq_num 
_struct_ref_seq_dif.pdbx_ordinal 
1 1JLI ILE A 5  ? UNP P08700 ASN 37 'engineered mutation' 18 1  
1 1JLI HIS A 12 ? UNP P08700 THR 44 'engineered mutation' 25 2  
1 1JLI ARG A 16 ? UNP P08700 GLN 48 'engineered mutation' 29 3  
1 1JLI ASN A 19 ? UNP P08700 LEU 51 'engineered mutation' 32 4  
1 1JLI PRO A 24 ? UNP P08700 PHE 56 'engineered mutation' 37 5  
1 1JLI SER A 29 ? UNP P08700 GLY 61 'engineered mutation' 42 6  
1 1JLI MET A 32 ? UNP P08700 GLN 64 'engineered mutation' 45 7  
1 1JLI ARG A 38 ? UNP P08700 ASN 70 'engineered mutation' 51 8  
1 1JLI THR A 42 ? UNP P08700 ARG 74 'engineered mutation' 55 9  
1 1JLI LEU A 46 ? UNP P08700 GLU 78 'engineered mutation' 59 10 
1 1JLI VAL A 49 ? UNP P08700 ASN 81 'engineered mutation' 62 11 
1 1JLI HIS A 54 ? UNP P08700 SER 86 'engineered mutation' 67 12 
1 1JLI GLU A 56 ? UNP P08700 GLN 88 'engineered mutation' 69 13 
# 
_pdbx_struct_assembly.id                   1 
_pdbx_struct_assembly.details              author_defined_assembly 
_pdbx_struct_assembly.method_details       ? 
_pdbx_struct_assembly.oligomeric_details   monomeric 
_pdbx_struct_assembly.oligomeric_count     1 
# 
_pdbx_struct_assembly_gen.assembly_id       1 
_pdbx_struct_assembly_gen.oper_expression   1 
_pdbx_struct_assembly_gen.asym_id_list      A 
# 
_pdbx_struct_oper_list.id                   1 
_pdbx_struct_oper_list.type                 'identity operation' 
_pdbx_struct_oper_list.name                 1_555 
_pdbx_struct_oper_list.symmetry_operation   ? 
_pdbx_struct_oper_list.matrix[1][1]         1.0000000000 
_pdbx_struct_oper_list.matrix[1][2]         0.0000000000 
_pdbx_struct_oper_list.matrix[1][3]         0.0000000000 
_pdbx_struct_oper_list.vector[1]            0.0000000000 
_pdbx_struct_oper_list.matrix[2][1]         0.0000000000 
_pdbx_struct_oper_list.matrix[2][2]         1.0000000000 
_pdbx_struct_oper_list.matrix[2][3]         0.0000000000 
_pdbx_struct_oper_list.vector[2]            0.0000000000 
_pdbx_struct_oper_list.matrix[3][1]         0.0000000000 
_pdbx_struct_oper_list.matrix[3][2]         0.0000000000 
_pdbx_struct_oper_list.matrix[3][3]         1.0000000000 
_pdbx_struct_oper_list.vector[3]            0.0000000000 
# 
_struct_biol.id   1 
# 
loop_
_struct_conf.conf_type_id 
_struct_conf.id 
_struct_conf.pdbx_PDB_helix_id 
_struct_conf.beg_label_comp_id 
_struct_conf.beg_label_asym_id 
_struct_conf.beg_label_seq_id 
_struct_conf.pdbx_beg_PDB_ins_code 
_struct_conf.end_label_comp_id 
_struct_conf.end_label_asym_id 
_struct_conf.end_label_seq_id 
_struct_conf.pdbx_end_PDB_ins_code 
_struct_conf.beg_auth_comp_id 
_struct_conf.beg_auth_asym_id 
_struct_conf.beg_auth_seq_id 
_struct_conf.end_auth_comp_id 
_struct_conf.end_auth_asym_id 
_struct_conf.end_auth_seq_id 
_struct_conf.pdbx_PDB_helix_class 
_struct_conf.details 
_struct_conf.pdbx_PDB_helix_length 
HELX_P HELX_P1 1 CYS A 3  ? HIS A 13  ? CYS A 16  HIS A 26  1 ? 11 
HELX_P HELX_P2 2 SER A 29 ? MET A 36  ? SER A 42  MET A 49  1 ? 8  
HELX_P HELX_P3 3 ARG A 41 ? HIS A 54  ? ARG A 54  HIS A 67  1 ? 14 
HELX_P HELX_P4 4 SER A 59 ? CYS A 71  ? SER A 72  CYS A 84  1 ? 13 
HELX_P HELX_P5 5 TRP A 91 ? GLN A 109 ? TRP A 104 GLN A 122 1 ? 19 
# 
_struct_conf_type.id          HELX_P 
_struct_conf_type.criteria    ? 
_struct_conf_type.reference   ? 
# 
_struct_conn.id                            disulf1 
_struct_conn.conn_type_id                  disulf 
_struct_conn.pdbx_leaving_atom_flag        ? 
_struct_conn.pdbx_PDB_id                   ? 
_struct_conn.ptnr1_label_asym_id           A 
_struct_conn.ptnr1_label_comp_id           CYS 
_struct_conn.ptnr1_label_seq_id            3 
_struct_conn.ptnr1_label_atom_id           SG 
_struct_conn.pdbx_ptnr1_label_alt_id       ? 
_struct_conn.pdbx_ptnr1_PDB_ins_code       ? 
_struct_conn.pdbx_ptnr1_standard_comp_id   ? 
_struct_conn.ptnr1_symmetry                1_555 
_struct_conn.ptnr2_label_asym_id           A 
_struct_conn.ptnr2_label_comp_id           CYS 
_struct_conn.ptnr2_label_seq_id            71 
_struct_conn.ptnr2_label_atom_id           SG 
_struct_conn.pdbx_ptnr2_label_alt_id       ? 
_struct_conn.pdbx_ptnr2_PDB_ins_code       ? 
_struct_conn.ptnr1_auth_asym_id            A 
_struct_conn.ptnr1_auth_comp_id            CYS 
_struct_conn.ptnr1_auth_seq_id             16 
_struct_conn.ptnr2_auth_asym_id            A 
_struct_conn.ptnr2_auth_comp_id            CYS 
_struct_conn.ptnr2_auth_seq_id             84 
_struct_conn.ptnr2_symmetry                1_555 
_struct_conn.pdbx_ptnr3_label_atom_id      ? 
_struct_conn.pdbx_ptnr3_label_seq_id       ? 
_struct_conn.pdbx_ptnr3_label_comp_id      ? 
_struct_conn.pdbx_ptnr3_label_asym_id      ? 
_struct_conn.pdbx_ptnr3_label_alt_id       ? 
_struct_conn.pdbx_ptnr3_PDB_ins_code       ? 
_struct_conn.details                       ? 
_struct_conn.pdbx_dist_value               2.021 
_struct_conn.pdbx_value_order              ? 
_struct_conn.pdbx_role                     ? 
# 
_struct_conn_type.id          disulf 
_struct_conn_type.criteria    ? 
_struct_conn_type.reference   ? 
# 
_pdbx_modification_feature.ordinal                            1 
_pdbx_modification_feature.label_comp_id                      CYS 
_pdbx_modification_feature.label_asym_id                      A 
_pdbx_modification_feature.label_seq_id                       3 
_pdbx_modification_feature.label_alt_id                       ? 
_pdbx_modification_feature.modified_residue_label_comp_id     CYS 
_pdbx_modification_feature.modified_residue_label_asym_id     A 
_pdbx_modification_feature.modified_residue_label_seq_id      71 
_pdbx_modification_feature.modified_residue_label_alt_id      ? 
_pdbx_modification_feature.auth_comp_id                       CYS 
_pdbx_modification_feature.auth_asym_id                       A 
_pdbx_modification_feature.auth_seq_id                        16 
_pdbx_modification_feature.PDB_ins_code                       ? 
_pdbx_modification_feature.symmetry                           1_555 
_pdbx_modification_feature.modified_residue_auth_comp_id      CYS 
_pdbx_modification_feature.modified_residue_auth_asym_id      A 
_pdbx_modification_feature.modified_residue_auth_seq_id       84 
_pdbx_modification_feature.modified_residue_PDB_ins_code      ? 
_pdbx_modification_feature.modified_residue_symmetry          1_555 
_pdbx_modification_feature.comp_id_linking_atom               SG 
_pdbx_modification_feature.modified_residue_id_linking_atom   SG 
_pdbx_modification_feature.modified_residue_id                . 
_pdbx_modification_feature.ref_pcm_id                         . 
_pdbx_modification_feature.ref_comp_id                        . 
_pdbx_modification_feature.type                               None 
_pdbx_modification_feature.category                           'Disulfide bridge' 
# 
_pdbx_entry_details.entry_id                   1JLI 
_pdbx_entry_details.compound_details           ? 
_pdbx_entry_details.source_details             ? 
_pdbx_entry_details.nonpolymer_details         ? 
_pdbx_entry_details.sequence_details           ? 
_pdbx_entry_details.has_ligand_of_interest     ? 
_pdbx_entry_details.has_protein_modification   Y 
# 
loop_
_pdbx_validate_torsion.id 
_pdbx_validate_torsion.PDB_model_num 
_pdbx_validate_torsion.auth_comp_id 
_pdbx_validate_torsion.auth_asym_id 
_pdbx_validate_torsion.auth_seq_id 
_pdbx_validate_torsion.PDB_ins_code 
_pdbx_validate_torsion.label_alt_id 
_pdbx_validate_torsion.phi 
_pdbx_validate_torsion.psi 
1  1 ASN A 15  ? ? -150.16 53.31   
2  1 LEU A 27  ? ? -113.24 56.50   
3  1 LYS A 28  ? ? -158.44 68.20   
4  1 PRO A 31  ? ? -77.64  -73.22  
5  1 ASN A 38  ? ? -54.05  88.80   
6  1 ALA A 90  ? ? 2.77    66.28   
7  1 ALA A 91  ? ? -177.16 143.39  
8  1 THR A 93  ? ? -150.48 -45.85  
9  1 PRO A 96  ? ? -78.18  -164.52 
10 1 ILE A 97  ? ? -67.86  -171.86 
11 1 LYS A 100 ? ? -119.46 -161.46 
12 1 TYR A 114 ? ? -68.06  -84.58  
13 1 ALA A 123 ? ? -123.60 -74.56  
14 1 GLN A 124 ? ? 59.93   94.96   
# 
_pdbx_nmr_ensemble.entry_id                             1JLI 
_pdbx_nmr_ensemble.conformers_calculated_total_number   ? 
_pdbx_nmr_ensemble.conformers_submitted_total_number    1 
_pdbx_nmr_ensemble.conformer_selection_criteria         ? 
# 
_pdbx_nmr_refine.entry_id           1JLI 
_pdbx_nmr_refine.method             ? 
_pdbx_nmr_refine.details            
;AS IN X-PLOR PARALLHDG.PRO STRUCTURES WERE CALCULATED USING A SIMULATED ANNEALING PROTOCOL IN X-PLOR. INPUT CONSTRAINTS ARE AS FOLLOWS: 1659 NUCLEAR OVERHAUSER ENHANCEMENT (NOE) (799 INTRA-RESIDUE; 342 SEQUENTIAL (I-J =1); 236 MEDIUM-RANGE INTERRESIDUE (<1 I-J <=5); 282 LONG-RANGE INTERRESIDUE (I-J >5)); 38 PAIRS OF HYDROGEN-BOND RESTRAINTS; 76 PHI TORSION ANGLE RESTRAINTS. PSEUDOATOM POSITIONS WERE USED FOR CONSTRAINTS INVOLVING METHYLENE, AROMATIC, AND METHYL PROTONS. THE COORDINATES DEPOSITED HERE ARE OBTAINED BY AVERAGING 25 CONVERGED STRUCTURES PRIOR TO A RESTRAINED ENERGY MINIMIZATION. A COMPARISON OF THE FAMILY OF THE 25 STRUCTURES WITH THE AVERAGED STRUCTURE GIVES RMSD VALUES OF 0.88 ANGSTROMS FOR ALL (N,CA,C') EXCEPT RESIDUES 28 - 39, AND 0.41 ANGSTROMS FOR (N,CA,C') OF HELICAL REGIONS (RESIDUES 16 - 26, 42 - 49, 54 - 67, 72 - 84, AND 104 - 122).
;
_pdbx_nmr_refine.software_ordinal   1 
# 
_pdbx_nmr_software.classification   refinement 
_pdbx_nmr_software.name             X-PLOR 
_pdbx_nmr_software.version          3.1 
_pdbx_nmr_software.authors          BRUNGER 
_pdbx_nmr_software.ordinal          1 
# 
loop_
_chem_comp_atom.comp_id 
_chem_comp_atom.atom_id 
_chem_comp_atom.type_symbol 
_chem_comp_atom.pdbx_aromatic_flag 
_chem_comp_atom.pdbx_stereo_config 
_chem_comp_atom.pdbx_ordinal 
ALA N    N N N 1   
ALA CA   C N S 2   
ALA C    C N N 3   
ALA O    O N N 4   
ALA CB   C N N 5   
ALA OXT  O N N 6   
ALA H    H N N 7   
ALA H2   H N N 8   
ALA HA   H N N 9   
ALA HB1  H N N 10  
ALA HB2  H N N 11  
ALA HB3  H N N 12  
ALA HXT  H N N 13  
ARG N    N N N 14  
ARG CA   C N S 15  
ARG C    C N N 16  
ARG O    O N N 17  
ARG CB   C N N 18  
ARG CG   C N N 19  
ARG CD   C N N 20  
ARG NE   N N N 21  
ARG CZ   C N N 22  
ARG NH1  N N N 23  
ARG NH2  N N N 24  
ARG OXT  O N N 25  
ARG H    H N N 26  
ARG H2   H N N 27  
ARG HA   H N N 28  
ARG HB2  H N N 29  
ARG HB3  H N N 30  
ARG HG2  H N N 31  
ARG HG3  H N N 32  
ARG HD2  H N N 33  
ARG HD3  H N N 34  
ARG HE   H N N 35  
ARG HH11 H N N 36  
ARG HH12 H N N 37  
ARG HH21 H N N 38  
ARG HH22 H N N 39  
ARG HXT  H N N 40  
ASN N    N N N 41  
ASN CA   C N S 42  
ASN C    C N N 43  
ASN O    O N N 44  
ASN CB   C N N 45  
ASN CG   C N N 46  
ASN OD1  O N N 47  
ASN ND2  N N N 48  
ASN OXT  O N N 49  
ASN H    H N N 50  
ASN H2   H N N 51  
ASN HA   H N N 52  
ASN HB2  H N N 53  
ASN HB3  H N N 54  
ASN HD21 H N N 55  
ASN HD22 H N N 56  
ASN HXT  H N N 57  
ASP N    N N N 58  
ASP CA   C N S 59  
ASP C    C N N 60  
ASP O    O N N 61  
ASP CB   C N N 62  
ASP CG   C N N 63  
ASP OD1  O N N 64  
ASP OD2  O N N 65  
ASP OXT  O N N 66  
ASP H    H N N 67  
ASP H2   H N N 68  
ASP HA   H N N 69  
ASP HB2  H N N 70  
ASP HB3  H N N 71  
ASP HD2  H N N 72  
ASP HXT  H N N 73  
CYS N    N N N 74  
CYS CA   C N R 75  
CYS C    C N N 76  
CYS O    O N N 77  
CYS CB   C N N 78  
CYS SG   S N N 79  
CYS OXT  O N N 80  
CYS H    H N N 81  
CYS H2   H N N 82  
CYS HA   H N N 83  
CYS HB2  H N N 84  
CYS HB3  H N N 85  
CYS HG   H N N 86  
CYS HXT  H N N 87  
GLN N    N N N 88  
GLN CA   C N S 89  
GLN C    C N N 90  
GLN O    O N N 91  
GLN CB   C N N 92  
GLN CG   C N N 93  
GLN CD   C N N 94  
GLN OE1  O N N 95  
GLN NE2  N N N 96  
GLN OXT  O N N 97  
GLN H    H N N 98  
GLN H2   H N N 99  
GLN HA   H N N 100 
GLN HB2  H N N 101 
GLN HB3  H N N 102 
GLN HG2  H N N 103 
GLN HG3  H N N 104 
GLN HE21 H N N 105 
GLN HE22 H N N 106 
GLN HXT  H N N 107 
GLU N    N N N 108 
GLU CA   C N S 109 
GLU C    C N N 110 
GLU O    O N N 111 
GLU CB   C N N 112 
GLU CG   C N N 113 
GLU CD   C N N 114 
GLU OE1  O N N 115 
GLU OE2  O N N 116 
GLU OXT  O N N 117 
GLU H    H N N 118 
GLU H2   H N N 119 
GLU HA   H N N 120 
GLU HB2  H N N 121 
GLU HB3  H N N 122 
GLU HG2  H N N 123 
GLU HG3  H N N 124 
GLU HE2  H N N 125 
GLU HXT  H N N 126 
GLY N    N N N 127 
GLY CA   C N N 128 
GLY C    C N N 129 
GLY O    O N N 130 
GLY OXT  O N N 131 
GLY H    H N N 132 
GLY H2   H N N 133 
GLY HA2  H N N 134 
GLY HA3  H N N 135 
GLY HXT  H N N 136 
HIS N    N N N 137 
HIS CA   C N S 138 
HIS C    C N N 139 
HIS O    O N N 140 
HIS CB   C N N 141 
HIS CG   C Y N 142 
HIS ND1  N Y N 143 
HIS CD2  C Y N 144 
HIS CE1  C Y N 145 
HIS NE2  N Y N 146 
HIS OXT  O N N 147 
HIS H    H N N 148 
HIS H2   H N N 149 
HIS HA   H N N 150 
HIS HB2  H N N 151 
HIS HB3  H N N 152 
HIS HD1  H N N 153 
HIS HD2  H N N 154 
HIS HE1  H N N 155 
HIS HE2  H N N 156 
HIS HXT  H N N 157 
ILE N    N N N 158 
ILE CA   C N S 159 
ILE C    C N N 160 
ILE O    O N N 161 
ILE CB   C N S 162 
ILE CG1  C N N 163 
ILE CG2  C N N 164 
ILE CD1  C N N 165 
ILE OXT  O N N 166 
ILE H    H N N 167 
ILE H2   H N N 168 
ILE HA   H N N 169 
ILE HB   H N N 170 
ILE HG12 H N N 171 
ILE HG13 H N N 172 
ILE HG21 H N N 173 
ILE HG22 H N N 174 
ILE HG23 H N N 175 
ILE HD11 H N N 176 
ILE HD12 H N N 177 
ILE HD13 H N N 178 
ILE HXT  H N N 179 
LEU N    N N N 180 
LEU CA   C N S 181 
LEU C    C N N 182 
LEU O    O N N 183 
LEU CB   C N N 184 
LEU CG   C N N 185 
LEU CD1  C N N 186 
LEU CD2  C N N 187 
LEU OXT  O N N 188 
LEU H    H N N 189 
LEU H2   H N N 190 
LEU HA   H N N 191 
LEU HB2  H N N 192 
LEU HB3  H N N 193 
LEU HG   H N N 194 
LEU HD11 H N N 195 
LEU HD12 H N N 196 
LEU HD13 H N N 197 
LEU HD21 H N N 198 
LEU HD22 H N N 199 
LEU HD23 H N N 200 
LEU HXT  H N N 201 
LYS N    N N N 202 
LYS CA   C N S 203 
LYS C    C N N 204 
LYS O    O N N 205 
LYS CB   C N N 206 
LYS CG   C N N 207 
LYS CD   C N N 208 
LYS CE   C N N 209 
LYS NZ   N N N 210 
LYS OXT  O N N 211 
LYS H    H N N 212 
LYS H2   H N N 213 
LYS HA   H N N 214 
LYS HB2  H N N 215 
LYS HB3  H N N 216 
LYS HG2  H N N 217 
LYS HG3  H N N 218 
LYS HD2  H N N 219 
LYS HD3  H N N 220 
LYS HE2  H N N 221 
LYS HE3  H N N 222 
LYS HZ1  H N N 223 
LYS HZ2  H N N 224 
LYS HZ3  H N N 225 
LYS HXT  H N N 226 
MET N    N N N 227 
MET CA   C N S 228 
MET C    C N N 229 
MET O    O N N 230 
MET CB   C N N 231 
MET CG   C N N 232 
MET SD   S N N 233 
MET CE   C N N 234 
MET OXT  O N N 235 
MET H    H N N 236 
MET H2   H N N 237 
MET HA   H N N 238 
MET HB2  H N N 239 
MET HB3  H N N 240 
MET HG2  H N N 241 
MET HG3  H N N 242 
MET HE1  H N N 243 
MET HE2  H N N 244 
MET HE3  H N N 245 
MET HXT  H N N 246 
PHE N    N N N 247 
PHE CA   C N S 248 
PHE C    C N N 249 
PHE O    O N N 250 
PHE CB   C N N 251 
PHE CG   C Y N 252 
PHE CD1  C Y N 253 
PHE CD2  C Y N 254 
PHE CE1  C Y N 255 
PHE CE2  C Y N 256 
PHE CZ   C Y N 257 
PHE OXT  O N N 258 
PHE H    H N N 259 
PHE H2   H N N 260 
PHE HA   H N N 261 
PHE HB2  H N N 262 
PHE HB3  H N N 263 
PHE HD1  H N N 264 
PHE HD2  H N N 265 
PHE HE1  H N N 266 
PHE HE2  H N N 267 
PHE HZ   H N N 268 
PHE HXT  H N N 269 
PRO N    N N N 270 
PRO CA   C N S 271 
PRO C    C N N 272 
PRO O    O N N 273 
PRO CB   C N N 274 
PRO CG   C N N 275 
PRO CD   C N N 276 
PRO OXT  O N N 277 
PRO H    H N N 278 
PRO HA   H N N 279 
PRO HB2  H N N 280 
PRO HB3  H N N 281 
PRO HG2  H N N 282 
PRO HG3  H N N 283 
PRO HD2  H N N 284 
PRO HD3  H N N 285 
PRO HXT  H N N 286 
SER N    N N N 287 
SER CA   C N S 288 
SER C    C N N 289 
SER O    O N N 290 
SER CB   C N N 291 
SER OG   O N N 292 
SER OXT  O N N 293 
SER H    H N N 294 
SER H2   H N N 295 
SER HA   H N N 296 
SER HB2  H N N 297 
SER HB3  H N N 298 
SER HG   H N N 299 
SER HXT  H N N 300 
THR N    N N N 301 
THR CA   C N S 302 
THR C    C N N 303 
THR O    O N N 304 
THR CB   C N R 305 
THR OG1  O N N 306 
THR CG2  C N N 307 
THR OXT  O N N 308 
THR H    H N N 309 
THR H2   H N N 310 
THR HA   H N N 311 
THR HB   H N N 312 
THR HG1  H N N 313 
THR HG21 H N N 314 
THR HG22 H N N 315 
THR HG23 H N N 316 
THR HXT  H N N 317 
TRP N    N N N 318 
TRP CA   C N S 319 
TRP C    C N N 320 
TRP O    O N N 321 
TRP CB   C N N 322 
TRP CG   C Y N 323 
TRP CD1  C Y N 324 
TRP CD2  C Y N 325 
TRP NE1  N Y N 326 
TRP CE2  C Y N 327 
TRP CE3  C Y N 328 
TRP CZ2  C Y N 329 
TRP CZ3  C Y N 330 
TRP CH2  C Y N 331 
TRP OXT  O N N 332 
TRP H    H N N 333 
TRP H2   H N N 334 
TRP HA   H N N 335 
TRP HB2  H N N 336 
TRP HB3  H N N 337 
TRP HD1  H N N 338 
TRP HE1  H N N 339 
TRP HE3  H N N 340 
TRP HZ2  H N N 341 
TRP HZ3  H N N 342 
TRP HH2  H N N 343 
TRP HXT  H N N 344 
TYR N    N N N 345 
TYR CA   C N S 346 
TYR C    C N N 347 
TYR O    O N N 348 
TYR CB   C N N 349 
TYR CG   C Y N 350 
TYR CD1  C Y N 351 
TYR CD2  C Y N 352 
TYR CE1  C Y N 353 
TYR CE2  C Y N 354 
TYR CZ   C Y N 355 
TYR OH   O N N 356 
TYR OXT  O N N 357 
TYR H    H N N 358 
TYR H2   H N N 359 
TYR HA   H N N 360 
TYR HB2  H N N 361 
TYR HB3  H N N 362 
TYR HD1  H N N 363 
TYR HD2  H N N 364 
TYR HE1  H N N 365 
TYR HE2  H N N 366 
TYR HH   H N N 367 
TYR HXT  H N N 368 
VAL N    N N N 369 
VAL CA   C N S 370 
VAL C    C N N 371 
VAL O    O N N 372 
VAL CB   C N N 373 
VAL CG1  C N N 374 
VAL CG2  C N N 375 
VAL OXT  O N N 376 
VAL H    H N N 377 
VAL H2   H N N 378 
VAL HA   H N N 379 
VAL HB   H N N 380 
VAL HG11 H N N 381 
VAL HG12 H N N 382 
VAL HG13 H N N 383 
VAL HG21 H N N 384 
VAL HG22 H N N 385 
VAL HG23 H N N 386 
VAL HXT  H N N 387 
# 
loop_
_chem_comp_bond.comp_id 
_chem_comp_bond.atom_id_1 
_chem_comp_bond.atom_id_2 
_chem_comp_bond.value_order 
_chem_comp_bond.pdbx_aromatic_flag 
_chem_comp_bond.pdbx_stereo_config 
_chem_comp_bond.pdbx_ordinal 
ALA N   CA   sing N N 1   
ALA N   H    sing N N 2   
ALA N   H2   sing N N 3   
ALA CA  C    sing N N 4   
ALA CA  CB   sing N N 5   
ALA CA  HA   sing N N 6   
ALA C   O    doub N N 7   
ALA C   OXT  sing N N 8   
ALA CB  HB1  sing N N 9   
ALA CB  HB2  sing N N 10  
ALA CB  HB3  sing N N 11  
ALA OXT HXT  sing N N 12  
ARG N   CA   sing N N 13  
ARG N   H    sing N N 14  
ARG N   H2   sing N N 15  
ARG CA  C    sing N N 16  
ARG CA  CB   sing N N 17  
ARG CA  HA   sing N N 18  
ARG C   O    doub N N 19  
ARG C   OXT  sing N N 20  
ARG CB  CG   sing N N 21  
ARG CB  HB2  sing N N 22  
ARG CB  HB3  sing N N 23  
ARG CG  CD   sing N N 24  
ARG CG  HG2  sing N N 25  
ARG CG  HG3  sing N N 26  
ARG CD  NE   sing N N 27  
ARG CD  HD2  sing N N 28  
ARG CD  HD3  sing N N 29  
ARG NE  CZ   sing N N 30  
ARG NE  HE   sing N N 31  
ARG CZ  NH1  sing N N 32  
ARG CZ  NH2  doub N N 33  
ARG NH1 HH11 sing N N 34  
ARG NH1 HH12 sing N N 35  
ARG NH2 HH21 sing N N 36  
ARG NH2 HH22 sing N N 37  
ARG OXT HXT  sing N N 38  
ASN N   CA   sing N N 39  
ASN N   H    sing N N 40  
ASN N   H2   sing N N 41  
ASN CA  C    sing N N 42  
ASN CA  CB   sing N N 43  
ASN CA  HA   sing N N 44  
ASN C   O    doub N N 45  
ASN C   OXT  sing N N 46  
ASN CB  CG   sing N N 47  
ASN CB  HB2  sing N N 48  
ASN CB  HB3  sing N N 49  
ASN CG  OD1  doub N N 50  
ASN CG  ND2  sing N N 51  
ASN ND2 HD21 sing N N 52  
ASN ND2 HD22 sing N N 53  
ASN OXT HXT  sing N N 54  
ASP N   CA   sing N N 55  
ASP N   H    sing N N 56  
ASP N   H2   sing N N 57  
ASP CA  C    sing N N 58  
ASP CA  CB   sing N N 59  
ASP CA  HA   sing N N 60  
ASP C   O    doub N N 61  
ASP C   OXT  sing N N 62  
ASP CB  CG   sing N N 63  
ASP CB  HB2  sing N N 64  
ASP CB  HB3  sing N N 65  
ASP CG  OD1  doub N N 66  
ASP CG  OD2  sing N N 67  
ASP OD2 HD2  sing N N 68  
ASP OXT HXT  sing N N 69  
CYS N   CA   sing N N 70  
CYS N   H    sing N N 71  
CYS N   H2   sing N N 72  
CYS CA  C    sing N N 73  
CYS CA  CB   sing N N 74  
CYS CA  HA   sing N N 75  
CYS C   O    doub N N 76  
CYS C   OXT  sing N N 77  
CYS CB  SG   sing N N 78  
CYS CB  HB2  sing N N 79  
CYS CB  HB3  sing N N 80  
CYS SG  HG   sing N N 81  
CYS OXT HXT  sing N N 82  
GLN N   CA   sing N N 83  
GLN N   H    sing N N 84  
GLN N   H2   sing N N 85  
GLN CA  C    sing N N 86  
GLN CA  CB   sing N N 87  
GLN CA  HA   sing N N 88  
GLN C   O    doub N N 89  
GLN C   OXT  sing N N 90  
GLN CB  CG   sing N N 91  
GLN CB  HB2  sing N N 92  
GLN CB  HB3  sing N N 93  
GLN CG  CD   sing N N 94  
GLN CG  HG2  sing N N 95  
GLN CG  HG3  sing N N 96  
GLN CD  OE1  doub N N 97  
GLN CD  NE2  sing N N 98  
GLN NE2 HE21 sing N N 99  
GLN NE2 HE22 sing N N 100 
GLN OXT HXT  sing N N 101 
GLU N   CA   sing N N 102 
GLU N   H    sing N N 103 
GLU N   H2   sing N N 104 
GLU CA  C    sing N N 105 
GLU CA  CB   sing N N 106 
GLU CA  HA   sing N N 107 
GLU C   O    doub N N 108 
GLU C   OXT  sing N N 109 
GLU CB  CG   sing N N 110 
GLU CB  HB2  sing N N 111 
GLU CB  HB3  sing N N 112 
GLU CG  CD   sing N N 113 
GLU CG  HG2  sing N N 114 
GLU CG  HG3  sing N N 115 
GLU CD  OE1  doub N N 116 
GLU CD  OE2  sing N N 117 
GLU OE2 HE2  sing N N 118 
GLU OXT HXT  sing N N 119 
GLY N   CA   sing N N 120 
GLY N   H    sing N N 121 
GLY N   H2   sing N N 122 
GLY CA  C    sing N N 123 
GLY CA  HA2  sing N N 124 
GLY CA  HA3  sing N N 125 
GLY C   O    doub N N 126 
GLY C   OXT  sing N N 127 
GLY OXT HXT  sing N N 128 
HIS N   CA   sing N N 129 
HIS N   H    sing N N 130 
HIS N   H2   sing N N 131 
HIS CA  C    sing N N 132 
HIS CA  CB   sing N N 133 
HIS CA  HA   sing N N 134 
HIS C   O    doub N N 135 
HIS C   OXT  sing N N 136 
HIS CB  CG   sing N N 137 
HIS CB  HB2  sing N N 138 
HIS CB  HB3  sing N N 139 
HIS CG  ND1  sing Y N 140 
HIS CG  CD2  doub Y N 141 
HIS ND1 CE1  doub Y N 142 
HIS ND1 HD1  sing N N 143 
HIS CD2 NE2  sing Y N 144 
HIS CD2 HD2  sing N N 145 
HIS CE1 NE2  sing Y N 146 
HIS CE1 HE1  sing N N 147 
HIS NE2 HE2  sing N N 148 
HIS OXT HXT  sing N N 149 
ILE N   CA   sing N N 150 
ILE N   H    sing N N 151 
ILE N   H2   sing N N 152 
ILE CA  C    sing N N 153 
ILE CA  CB   sing N N 154 
ILE CA  HA   sing N N 155 
ILE C   O    doub N N 156 
ILE C   OXT  sing N N 157 
ILE CB  CG1  sing N N 158 
ILE CB  CG2  sing N N 159 
ILE CB  HB   sing N N 160 
ILE CG1 CD1  sing N N 161 
ILE CG1 HG12 sing N N 162 
ILE CG1 HG13 sing N N 163 
ILE CG2 HG21 sing N N 164 
ILE CG2 HG22 sing N N 165 
ILE CG2 HG23 sing N N 166 
ILE CD1 HD11 sing N N 167 
ILE CD1 HD12 sing N N 168 
ILE CD1 HD13 sing N N 169 
ILE OXT HXT  sing N N 170 
LEU N   CA   sing N N 171 
LEU N   H    sing N N 172 
LEU N   H2   sing N N 173 
LEU CA  C    sing N N 174 
LEU CA  CB   sing N N 175 
LEU CA  HA   sing N N 176 
LEU C   O    doub N N 177 
LEU C   OXT  sing N N 178 
LEU CB  CG   sing N N 179 
LEU CB  HB2  sing N N 180 
LEU CB  HB3  sing N N 181 
LEU CG  CD1  sing N N 182 
LEU CG  CD2  sing N N 183 
LEU CG  HG   sing N N 184 
LEU CD1 HD11 sing N N 185 
LEU CD1 HD12 sing N N 186 
LEU CD1 HD13 sing N N 187 
LEU CD2 HD21 sing N N 188 
LEU CD2 HD22 sing N N 189 
LEU CD2 HD23 sing N N 190 
LEU OXT HXT  sing N N 191 
LYS N   CA   sing N N 192 
LYS N   H    sing N N 193 
LYS N   H2   sing N N 194 
LYS CA  C    sing N N 195 
LYS CA  CB   sing N N 196 
LYS CA  HA   sing N N 197 
LYS C   O    doub N N 198 
LYS C   OXT  sing N N 199 
LYS CB  CG   sing N N 200 
LYS CB  HB2  sing N N 201 
LYS CB  HB3  sing N N 202 
LYS CG  CD   sing N N 203 
LYS CG  HG2  sing N N 204 
LYS CG  HG3  sing N N 205 
LYS CD  CE   sing N N 206 
LYS CD  HD2  sing N N 207 
LYS CD  HD3  sing N N 208 
LYS CE  NZ   sing N N 209 
LYS CE  HE2  sing N N 210 
LYS CE  HE3  sing N N 211 
LYS NZ  HZ1  sing N N 212 
LYS NZ  HZ2  sing N N 213 
LYS NZ  HZ3  sing N N 214 
LYS OXT HXT  sing N N 215 
MET N   CA   sing N N 216 
MET N   H    sing N N 217 
MET N   H2   sing N N 218 
MET CA  C    sing N N 219 
MET CA  CB   sing N N 220 
MET CA  HA   sing N N 221 
MET C   O    doub N N 222 
MET C   OXT  sing N N 223 
MET CB  CG   sing N N 224 
MET CB  HB2  sing N N 225 
MET CB  HB3  sing N N 226 
MET CG  SD   sing N N 227 
MET CG  HG2  sing N N 228 
MET CG  HG3  sing N N 229 
MET SD  CE   sing N N 230 
MET CE  HE1  sing N N 231 
MET CE  HE2  sing N N 232 
MET CE  HE3  sing N N 233 
MET OXT HXT  sing N N 234 
PHE N   CA   sing N N 235 
PHE N   H    sing N N 236 
PHE N   H2   sing N N 237 
PHE CA  C    sing N N 238 
PHE CA  CB   sing N N 239 
PHE CA  HA   sing N N 240 
PHE C   O    doub N N 241 
PHE C   OXT  sing N N 242 
PHE CB  CG   sing N N 243 
PHE CB  HB2  sing N N 244 
PHE CB  HB3  sing N N 245 
PHE CG  CD1  doub Y N 246 
PHE CG  CD2  sing Y N 247 
PHE CD1 CE1  sing Y N 248 
PHE CD1 HD1  sing N N 249 
PHE CD2 CE2  doub Y N 250 
PHE CD2 HD2  sing N N 251 
PHE CE1 CZ   doub Y N 252 
PHE CE1 HE1  sing N N 253 
PHE CE2 CZ   sing Y N 254 
PHE CE2 HE2  sing N N 255 
PHE CZ  HZ   sing N N 256 
PHE OXT HXT  sing N N 257 
PRO N   CA   sing N N 258 
PRO N   CD   sing N N 259 
PRO N   H    sing N N 260 
PRO CA  C    sing N N 261 
PRO CA  CB   sing N N 262 
PRO CA  HA   sing N N 263 
PRO C   O    doub N N 264 
PRO C   OXT  sing N N 265 
PRO CB  CG   sing N N 266 
PRO CB  HB2  sing N N 267 
PRO CB  HB3  sing N N 268 
PRO CG  CD   sing N N 269 
PRO CG  HG2  sing N N 270 
PRO CG  HG3  sing N N 271 
PRO CD  HD2  sing N N 272 
PRO CD  HD3  sing N N 273 
PRO OXT HXT  sing N N 274 
SER N   CA   sing N N 275 
SER N   H    sing N N 276 
SER N   H2   sing N N 277 
SER CA  C    sing N N 278 
SER CA  CB   sing N N 279 
SER CA  HA   sing N N 280 
SER C   O    doub N N 281 
SER C   OXT  sing N N 282 
SER CB  OG   sing N N 283 
SER CB  HB2  sing N N 284 
SER CB  HB3  sing N N 285 
SER OG  HG   sing N N 286 
SER OXT HXT  sing N N 287 
THR N   CA   sing N N 288 
THR N   H    sing N N 289 
THR N   H2   sing N N 290 
THR CA  C    sing N N 291 
THR CA  CB   sing N N 292 
THR CA  HA   sing N N 293 
THR C   O    doub N N 294 
THR C   OXT  sing N N 295 
THR CB  OG1  sing N N 296 
THR CB  CG2  sing N N 297 
THR CB  HB   sing N N 298 
THR OG1 HG1  sing N N 299 
THR CG2 HG21 sing N N 300 
THR CG2 HG22 sing N N 301 
THR CG2 HG23 sing N N 302 
THR OXT HXT  sing N N 303 
TRP N   CA   sing N N 304 
TRP N   H    sing N N 305 
TRP N   H2   sing N N 306 
TRP CA  C    sing N N 307 
TRP CA  CB   sing N N 308 
TRP CA  HA   sing N N 309 
TRP C   O    doub N N 310 
TRP C   OXT  sing N N 311 
TRP CB  CG   sing N N 312 
TRP CB  HB2  sing N N 313 
TRP CB  HB3  sing N N 314 
TRP CG  CD1  doub Y N 315 
TRP CG  CD2  sing Y N 316 
TRP CD1 NE1  sing Y N 317 
TRP CD1 HD1  sing N N 318 
TRP CD2 CE2  doub Y N 319 
TRP CD2 CE3  sing Y N 320 
TRP NE1 CE2  sing Y N 321 
TRP NE1 HE1  sing N N 322 
TRP CE2 CZ2  sing Y N 323 
TRP CE3 CZ3  doub Y N 324 
TRP CE3 HE3  sing N N 325 
TRP CZ2 CH2  doub Y N 326 
TRP CZ2 HZ2  sing N N 327 
TRP CZ3 CH2  sing Y N 328 
TRP CZ3 HZ3  sing N N 329 
TRP CH2 HH2  sing N N 330 
TRP OXT HXT  sing N N 331 
TYR N   CA   sing N N 332 
TYR N   H    sing N N 333 
TYR N   H2   sing N N 334 
TYR CA  C    sing N N 335 
TYR CA  CB   sing N N 336 
TYR CA  HA   sing N N 337 
TYR C   O    doub N N 338 
TYR C   OXT  sing N N 339 
TYR CB  CG   sing N N 340 
TYR CB  HB2  sing N N 341 
TYR CB  HB3  sing N N 342 
TYR CG  CD1  doub Y N 343 
TYR CG  CD2  sing Y N 344 
TYR CD1 CE1  sing Y N 345 
TYR CD1 HD1  sing N N 346 
TYR CD2 CE2  doub Y N 347 
TYR CD2 HD2  sing N N 348 
TYR CE1 CZ   doub Y N 349 
TYR CE1 HE1  sing N N 350 
TYR CE2 CZ   sing Y N 351 
TYR CE2 HE2  sing N N 352 
TYR CZ  OH   sing N N 353 
TYR OH  HH   sing N N 354 
TYR OXT HXT  sing N N 355 
VAL N   CA   sing N N 356 
VAL N   H    sing N N 357 
VAL N   H2   sing N N 358 
VAL CA  C    sing N N 359 
VAL CA  CB   sing N N 360 
VAL CA  HA   sing N N 361 
VAL C   O    doub N N 362 
VAL C   OXT  sing N N 363 
VAL CB  CG1  sing N N 364 
VAL CB  CG2  sing N N 365 
VAL CB  HB   sing N N 366 
VAL CG1 HG11 sing N N 367 
VAL CG1 HG12 sing N N 368 
VAL CG1 HG13 sing N N 369 
VAL CG2 HG21 sing N N 370 
VAL CG2 HG22 sing N N 371 
VAL CG2 HG23 sing N N 372 
VAL OXT HXT  sing N N 373 
# 
_atom_sites.entry_id                    1JLI 
_atom_sites.fract_transf_matrix[1][1]   1.000000 
_atom_sites.fract_transf_matrix[1][2]   0.000000 
_atom_sites.fract_transf_matrix[1][3]   0.000000 
_atom_sites.fract_transf_matrix[2][1]   0.000000 
_atom_sites.fract_transf_matrix[2][2]   1.000000 
_atom_sites.fract_transf_matrix[2][3]   0.000000 
_atom_sites.fract_transf_matrix[3][1]   0.000000 
_atom_sites.fract_transf_matrix[3][2]   0.000000 
_atom_sites.fract_transf_matrix[3][3]   1.000000 
_atom_sites.fract_transf_vector[1]      0.00000 
_atom_sites.fract_transf_vector[2]      0.00000 
_atom_sites.fract_transf_vector[3]      0.00000 
# 
loop_
_atom_type.symbol 
C 
H 
N 
O 
S 
# 
loop_
_atom_site.group_PDB 
_atom_site.id 
_atom_site.type_symbol 
_atom_site.label_atom_id 
_atom_site.label_alt_id 
_atom_site.label_comp_id 
_atom_site.label_asym_id 
_atom_site.label_entity_id 
_atom_site.label_seq_id 
_atom_site.pdbx_PDB_ins_code 
_atom_site.Cartn_x 
_atom_site.Cartn_y 
_atom_site.Cartn_z 
_atom_site.occupancy 
_atom_site.B_iso_or_equiv 
_atom_site.pdbx_formal_charge 
_atom_site.auth_seq_id 
_atom_site.auth_comp_id 
_atom_site.auth_asym_id 
_atom_site.auth_atom_id 
_atom_site.pdbx_PDB_model_num 
ATOM 1    N N    . ALA A 1 1   ? 14.644  -5.190  -15.417 1.00 3.89 ? 14  ALA A N    1 
ATOM 2    C CA   . ALA A 1 1   ? 13.272  -5.141  -14.838 1.00 3.31 ? 14  ALA A CA   1 
ATOM 3    C C    . ALA A 1 1   ? 12.846  -3.683  -14.656 1.00 2.12 ? 14  ALA A C    1 
ATOM 4    O O    . ALA A 1 1   ? 13.550  -2.769  -15.044 1.00 2.38 ? 14  ALA A O    1 
ATOM 5    C CB   . ALA A 1 1   ? 13.266  -5.847  -13.481 1.00 4.14 ? 14  ALA A CB   1 
ATOM 6    H H1   . ALA A 1 1   ? 14.666  -4.650  -16.305 1.00 4.07 ? 14  ALA A H1   1 
ATOM 7    H H2   . ALA A 1 1   ? 15.320  -4.777  -14.741 1.00 4.22 ? 14  ALA A H2   1 
ATOM 8    H H3   . ALA A 1 1   ? 14.905  -6.179  -15.609 1.00 4.29 ? 14  ALA A H3   1 
ATOM 9    H HA   . ALA A 1 1   ? 12.582  -5.638  -15.505 1.00 3.67 ? 14  ALA A HA   1 
ATOM 10   H HB1  . ALA A 1 1   ? 14.253  -5.800  -13.046 1.00 4.34 ? 14  ALA A HB1  1 
ATOM 11   H HB2  . ALA A 1 1   ? 12.560  -5.359  -12.824 1.00 4.64 ? 14  ALA A HB2  1 
ATOM 12   H HB3  . ALA A 1 1   ? 12.980  -6.880  -13.614 1.00 4.50 ? 14  ALA A HB3  1 
ATOM 13   N N    . ASN A 1 2   ? 11.697  -3.460  -14.069 1.00 1.44 ? 15  ASN A N    1 
ATOM 14   C CA   . ASN A 1 2   ? 11.214  -2.065  -13.858 1.00 0.79 ? 15  ASN A CA   1 
ATOM 15   C C    . ASN A 1 2   ? 10.341  -2.017  -12.599 1.00 0.66 ? 15  ASN A C    1 
ATOM 16   O O    . ASN A 1 2   ? 9.214   -1.553  -12.622 1.00 0.58 ? 15  ASN A O    1 
ATOM 17   C CB   . ASN A 1 2   ? 10.398  -1.620  -15.074 1.00 1.68 ? 15  ASN A CB   1 
ATOM 18   C CG   . ASN A 1 2   ? 11.346  -1.157  -16.182 1.00 2.32 ? 15  ASN A CG   1 
ATOM 19   O OD1  . ASN A 1 2   ? 12.356  -0.538  -15.914 1.00 2.85 ? 15  ASN A OD1  1 
ATOM 20   N ND2  . ASN A 1 2   ? 11.061  -1.434  -17.426 1.00 2.98 ? 15  ASN A ND2  1 
ATOM 21   H H    . ASN A 1 2   ? 11.151  -4.216  -13.768 1.00 2.05 ? 15  ASN A H    1 
ATOM 22   H HA   . ASN A 1 2   ? 12.062  -1.407  -13.732 1.00 1.35 ? 15  ASN A HA   1 
ATOM 23   H HB2  . ASN A 1 2   ? 9.803   -2.449  -15.430 1.00 2.15 ? 15  ASN A HB2  1 
ATOM 24   H HB3  . ASN A 1 2   ? 9.749   -0.805  -14.792 1.00 2.31 ? 15  ASN A HB3  1 
ATOM 25   H HD21 . ASN A 1 2   ? 10.247  -1.934  -17.642 1.00 3.17 ? 15  ASN A HD21 1 
ATOM 26   H HD22 . ASN A 1 2   ? 11.662  -1.142  -18.142 1.00 3.60 ? 15  ASN A HD22 1 
ATOM 27   N N    . CYS A 1 3   ? 10.861  -2.497  -11.498 1.00 0.70 ? 16  CYS A N    1 
ATOM 28   C CA   . CYS A 1 3   ? 10.083  -2.497  -10.222 1.00 0.67 ? 16  CYS A CA   1 
ATOM 29   C C    . CYS A 1 3   ? 9.661   -1.068  -9.868  1.00 0.57 ? 16  CYS A C    1 
ATOM 30   O O    . CYS A 1 3   ? 8.611   -0.853  -9.290  1.00 0.52 ? 16  CYS A O    1 
ATOM 31   C CB   . CYS A 1 3   ? 10.963  -3.073  -9.099  1.00 0.84 ? 16  CYS A CB   1 
ATOM 32   S SG   . CYS A 1 3   ? 10.070  -4.379  -8.209  1.00 0.96 ? 16  CYS A SG   1 
ATOM 33   H H    . CYS A 1 3   ? 11.769  -2.864  -11.511 1.00 0.81 ? 16  CYS A H    1 
ATOM 34   H HA   . CYS A 1 3   ? 9.199   -3.104  -10.341 1.00 0.66 ? 16  CYS A HA   1 
ATOM 35   H HB2  . CYS A 1 3   ? 11.861  -3.489  -9.529  1.00 1.45 ? 16  CYS A HB2  1 
ATOM 36   H HB3  . CYS A 1 3   ? 11.229  -2.287  -8.407  1.00 1.35 ? 16  CYS A HB3  1 
ATOM 37   N N    . SER A 1 4   ? 10.470  -0.093  -10.201 1.00 0.61 ? 17  SER A N    1 
ATOM 38   C CA   . SER A 1 4   ? 10.110  1.313   -9.872  1.00 0.63 ? 17  SER A CA   1 
ATOM 39   C C    . SER A 1 4   ? 8.888   1.754   -10.679 1.00 0.58 ? 17  SER A C    1 
ATOM 40   O O    . SER A 1 4   ? 8.048   2.485   -10.188 1.00 0.63 ? 17  SER A O    1 
ATOM 41   C CB   . SER A 1 4   ? 11.278  2.241   -10.152 1.00 0.76 ? 17  SER A CB   1 
ATOM 42   O OG   . SER A 1 4   ? 11.795  1.979   -11.451 1.00 0.81 ? 17  SER A OG   1 
ATOM 43   H H    . SER A 1 4   ? 11.313  -0.290  -10.661 1.00 0.68 ? 17  SER A H    1 
ATOM 44   H HA   . SER A 1 4   ? 9.877   1.370   -8.832  1.00 0.65 ? 17  SER A HA   1 
ATOM 45   H HB2  . SER A 1 4   ? 10.938  3.261   -10.096 1.00 0.82 ? 17  SER A HB2  1 
ATOM 46   H HB3  . SER A 1 4   ? 12.041  2.076   -9.403  1.00 0.82 ? 17  SER A HB3  1 
ATOM 47   H HG   . SER A 1 4   ? 12.649  2.412   -11.523 1.00 1.21 ? 17  SER A HG   1 
ATOM 48   N N    . ILE A 1 5   ? 8.780   1.318   -11.910 1.00 0.56 ? 18  ILE A N    1 
ATOM 49   C CA   . ILE A 1 5   ? 7.606   1.715   -12.741 1.00 0.59 ? 18  ILE A CA   1 
ATOM 50   C C    . ILE A 1 5   ? 6.347   1.057   -12.174 1.00 0.52 ? 18  ILE A C    1 
ATOM 51   O O    . ILE A 1 5   ? 5.273   1.623   -12.207 1.00 0.57 ? 18  ILE A O    1 
ATOM 52   C CB   . ILE A 1 5   ? 7.818   1.261   -14.187 1.00 0.65 ? 18  ILE A CB   1 
ATOM 53   C CG1  . ILE A 1 5   ? 9.138   1.838   -14.708 1.00 0.75 ? 18  ILE A CG1  1 
ATOM 54   C CG2  . ILE A 1 5   ? 6.663   1.764   -15.058 1.00 0.75 ? 18  ILE A CG2  1 
ATOM 55   C CD1  . ILE A 1 5   ? 9.422   1.290   -16.108 1.00 1.30 ? 18  ILE A CD1  1 
ATOM 56   H H    . ILE A 1 5   ? 9.468   0.728   -12.283 1.00 0.59 ? 18  ILE A H    1 
ATOM 57   H HA   . ILE A 1 5   ? 7.493   2.789   -12.713 1.00 0.67 ? 18  ILE A HA   1 
ATOM 58   H HB   . ILE A 1 5   ? 7.854   0.182   -14.225 1.00 0.64 ? 18  ILE A HB   1 
ATOM 59   H HG12 . ILE A 1 5   ? 9.067   2.915   -14.750 1.00 0.97 ? 18  ILE A HG12 1 
ATOM 60   H HG13 . ILE A 1 5   ? 9.941   1.556   -14.045 1.00 1.03 ? 18  ILE A HG13 1 
ATOM 61   H HG21 . ILE A 1 5   ? 6.233   2.648   -14.611 1.00 1.43 ? 18  ILE A HG21 1 
ATOM 62   H HG22 . ILE A 1 5   ? 7.031   2.003   -16.045 1.00 1.14 ? 18  ILE A HG22 1 
ATOM 63   H HG23 . ILE A 1 5   ? 5.907   0.996   -15.132 1.00 1.23 ? 18  ILE A HG23 1 
ATOM 64   H HD11 . ILE A 1 5   ? 8.949   0.326   -16.221 1.00 1.72 ? 18  ILE A HD11 1 
ATOM 65   H HD12 . ILE A 1 5   ? 9.027   1.972   -16.847 1.00 1.80 ? 18  ILE A HD12 1 
ATOM 66   H HD13 . ILE A 1 5   ? 10.488  1.188   -16.245 1.00 1.83 ? 18  ILE A HD13 1 
ATOM 67   N N    . MET A 1 6   ? 6.478   -0.133  -11.651 1.00 0.47 ? 19  MET A N    1 
ATOM 68   C CA   . MET A 1 6   ? 5.296   -0.842  -11.074 1.00 0.46 ? 19  MET A CA   1 
ATOM 69   C C    . MET A 1 6   ? 4.729   -0.053  -9.883  1.00 0.45 ? 19  MET A C    1 
ATOM 70   O O    . MET A 1 6   ? 3.609   -0.280  -9.469  1.00 0.54 ? 19  MET A O    1 
ATOM 71   C CB   . MET A 1 6   ? 5.726   -2.232  -10.599 1.00 0.52 ? 19  MET A CB   1 
ATOM 72   C CG   . MET A 1 6   ? 5.616   -3.226  -11.757 1.00 0.75 ? 19  MET A CG   1 
ATOM 73   S SD   . MET A 1 6   ? 5.756   -4.913  -11.118 1.00 1.35 ? 19  MET A SD   1 
ATOM 74   C CE   . MET A 1 6   ? 7.443   -5.232  -11.691 1.00 0.99 ? 19  MET A CE   1 
ATOM 75   H H    . MET A 1 6   ? 7.359   -0.564  -11.639 1.00 0.48 ? 19  MET A H    1 
ATOM 76   H HA   . MET A 1 6   ? 4.534   -0.944  -11.830 1.00 0.51 ? 19  MET A HA   1 
ATOM 77   H HB2  . MET A 1 6   ? 6.748   -2.193  -10.252 1.00 0.60 ? 19  MET A HB2  1 
ATOM 78   H HB3  . MET A 1 6   ? 5.083   -2.550  -9.792  1.00 0.57 ? 19  MET A HB3  1 
ATOM 79   H HG2  . MET A 1 6   ? 4.661   -3.103  -12.246 1.00 1.21 ? 19  MET A HG2  1 
ATOM 80   H HG3  . MET A 1 6   ? 6.409   -3.041  -12.466 1.00 1.30 ? 19  MET A HG3  1 
ATOM 81   H HE1  . MET A 1 6   ? 7.984   -4.298  -11.750 1.00 1.53 ? 19  MET A HE1  1 
ATOM 82   H HE2  . MET A 1 6   ? 7.941   -5.891  -10.999 1.00 1.45 ? 19  MET A HE2  1 
ATOM 83   H HE3  . MET A 1 6   ? 7.408   -5.697  -12.667 1.00 1.43 ? 19  MET A HE3  1 
ATOM 84   N N    . ILE A 1 7   ? 5.492   0.857   -9.321  1.00 0.45 ? 20  ILE A N    1 
ATOM 85   C CA   . ILE A 1 7   ? 4.990   1.638   -8.147  1.00 0.50 ? 20  ILE A CA   1 
ATOM 86   C C    . ILE A 1 7   ? 4.214   2.879   -8.614  1.00 0.58 ? 20  ILE A C    1 
ATOM 87   O O    . ILE A 1 7   ? 3.012   2.967   -8.447  1.00 0.60 ? 20  ILE A O    1 
ATOM 88   C CB   . ILE A 1 7   ? 6.179   2.076   -7.282  1.00 0.59 ? 20  ILE A CB   1 
ATOM 89   C CG1  . ILE A 1 7   ? 6.995   0.844   -6.869  1.00 0.59 ? 20  ILE A CG1  1 
ATOM 90   C CG2  . ILE A 1 7   ? 5.668   2.792   -6.027  1.00 0.70 ? 20  ILE A CG2  1 
ATOM 91   C CD1  . ILE A 1 7   ? 8.490   1.173   -6.917  1.00 0.65 ? 20  ILE A CD1  1 
ATOM 92   H H    . ILE A 1 7   ? 6.398   1.015   -9.660  1.00 0.48 ? 20  ILE A H    1 
ATOM 93   H HA   . ILE A 1 7   ? 4.336   1.012   -7.559  1.00 0.50 ? 20  ILE A HA   1 
ATOM 94   H HB   . ILE A 1 7   ? 6.807   2.751   -7.849  1.00 0.63 ? 20  ILE A HB   1 
ATOM 95   H HG12 . ILE A 1 7   ? 6.723   0.550   -5.864  1.00 0.66 ? 20  ILE A HG12 1 
ATOM 96   H HG13 . ILE A 1 7   ? 6.788   0.031   -7.548  1.00 0.58 ? 20  ILE A HG13 1 
ATOM 97   H HG21 . ILE A 1 7   ? 4.803   2.270   -5.642  1.00 1.16 ? 20  ILE A HG21 1 
ATOM 98   H HG22 . ILE A 1 7   ? 6.443   2.802   -5.277  1.00 1.22 ? 20  ILE A HG22 1 
ATOM 99   H HG23 . ILE A 1 7   ? 5.395   3.806   -6.276  1.00 1.34 ? 20  ILE A HG23 1 
ATOM 100  H HD11 . ILE A 1 7   ? 8.645   2.078   -7.491  1.00 1.22 ? 20  ILE A HD11 1 
ATOM 101  H HD12 . ILE A 1 7   ? 8.866   1.315   -5.919  1.00 1.25 ? 20  ILE A HD12 1 
ATOM 102  H HD13 . ILE A 1 7   ? 9.021   0.359   -7.388  1.00 1.17 ? 20  ILE A HD13 1 
ATOM 103  N N    . ASP A 1 8   ? 4.898   3.844   -9.173  1.00 0.66 ? 21  ASP A N    1 
ATOM 104  C CA   . ASP A 1 8   ? 4.218   5.095   -9.630  1.00 0.80 ? 21  ASP A CA   1 
ATOM 105  C C    . ASP A 1 8   ? 3.141   4.780   -10.673 1.00 0.80 ? 21  ASP A C    1 
ATOM 106  O O    . ASP A 1 8   ? 2.259   5.582   -10.918 1.00 0.91 ? 21  ASP A O    1 
ATOM 107  C CB   . ASP A 1 8   ? 5.256   6.037   -10.245 1.00 0.95 ? 21  ASP A CB   1 
ATOM 108  C CG   . ASP A 1 8   ? 4.764   7.481   -10.135 1.00 1.57 ? 21  ASP A CG   1 
ATOM 109  O OD1  . ASP A 1 8   ? 4.437   7.893   -9.034  1.00 2.22 ? 21  ASP A OD1  1 
ATOM 110  O OD2  . ASP A 1 8   ? 4.724   8.152   -11.153 1.00 2.25 ? 21  ASP A OD2  1 
ATOM 111  H H    . ASP A 1 8   ? 5.866   3.752   -9.283  1.00 0.67 ? 21  ASP A H    1 
ATOM 112  H HA   . ASP A 1 8   ? 3.759   5.579   -8.781  1.00 0.84 ? 21  ASP A HA   1 
ATOM 113  H HB2  . ASP A 1 8   ? 6.192   5.933   -9.716  1.00 1.46 ? 21  ASP A HB2  1 
ATOM 114  H HB3  . ASP A 1 8   ? 5.399   5.785   -11.284 1.00 1.23 ? 21  ASP A HB3  1 
ATOM 115  N N    . GLU A 1 9   ? 3.207   3.630   -11.295 1.00 0.72 ? 22  GLU A N    1 
ATOM 116  C CA   . GLU A 1 9   ? 2.189   3.278   -12.330 1.00 0.80 ? 22  GLU A CA   1 
ATOM 117  C C    . GLU A 1 9   ? 0.855   2.940   -11.669 1.00 0.74 ? 22  GLU A C    1 
ATOM 118  O O    . GLU A 1 9   ? -0.192  3.276   -12.192 1.00 0.77 ? 22  GLU A O    1 
ATOM 119  C CB   . GLU A 1 9   ? 2.680   2.080   -13.150 1.00 0.82 ? 22  GLU A CB   1 
ATOM 120  C CG   . GLU A 1 9   ? 1.696   1.789   -14.286 1.00 1.29 ? 22  GLU A CG   1 
ATOM 121  C CD   . GLU A 1 9   ? 2.004   0.416   -14.888 1.00 1.80 ? 22  GLU A CD   1 
ATOM 122  O OE1  . GLU A 1 9   ? 2.916   0.336   -15.696 1.00 2.40 ? 22  GLU A OE1  1 
ATOM 123  O OE2  . GLU A 1 9   ? 1.322   -0.531  -14.533 1.00 2.30 ? 22  GLU A OE2  1 
ATOM 124  H H    . GLU A 1 9   ? 3.930   3.003   -11.089 1.00 0.66 ? 22  GLU A H    1 
ATOM 125  H HA   . GLU A 1 9   ? 2.042   4.122   -12.988 1.00 0.92 ? 22  GLU A HA   1 
ATOM 126  H HB2  . GLU A 1 9   ? 3.650   2.307   -13.567 1.00 1.21 ? 22  GLU A HB2  1 
ATOM 127  H HB3  . GLU A 1 9   ? 2.756   1.213   -12.510 1.00 1.05 ? 22  GLU A HB3  1 
ATOM 128  H HG2  . GLU A 1 9   ? 0.687   1.795   -13.898 1.00 1.67 ? 22  GLU A HG2  1 
ATOM 129  H HG3  . GLU A 1 9   ? 1.794   2.544   -15.050 1.00 1.84 ? 22  GLU A HG3  1 
ATOM 130  N N    . ILE A 1 10  ? 0.870   2.281   -10.533 1.00 0.69 ? 23  ILE A N    1 
ATOM 131  C CA   . ILE A 1 10  ? -0.423  1.948   -9.875  1.00 0.67 ? 23  ILE A CA   1 
ATOM 132  C C    . ILE A 1 10  ? -1.078  3.225   -9.362  1.00 0.67 ? 23  ILE A C    1 
ATOM 133  O O    . ILE A 1 10  ? -2.284  3.304   -9.257  1.00 0.70 ? 23  ILE A O    1 
ATOM 134  C CB   . ILE A 1 10  ? -0.254  0.971   -8.720  1.00 0.64 ? 23  ILE A CB   1 
ATOM 135  C CG1  . ILE A 1 10  ? 0.613   -0.217  -9.154  1.00 0.68 ? 23  ILE A CG1  1 
ATOM 136  C CG2  . ILE A 1 10  ? -1.651  0.473   -8.321  1.00 0.68 ? 23  ILE A CG2  1 
ATOM 137  C CD1  . ILE A 1 10  ? 1.167   -0.917  -7.913  1.00 0.64 ? 23  ILE A CD1  1 
ATOM 138  H H    . ILE A 1 10  ? 1.717   2.022   -10.124 1.00 0.68 ? 23  ILE A H    1 
ATOM 139  H HA   . ILE A 1 10  ? -1.076  1.503   -10.614 1.00 0.72 ? 23  ILE A HA   1 
ATOM 140  H HB   . ILE A 1 10  ? 0.205   1.477   -7.882  1.00 0.61 ? 23  ILE A HB   1 
ATOM 141  H HG12 . ILE A 1 10  ? 0.010   -0.913  -9.721  1.00 0.81 ? 23  ILE A HG12 1 
ATOM 142  H HG13 . ILE A 1 10  ? 1.429   0.130   -9.765  1.00 0.79 ? 23  ILE A HG13 1 
ATOM 143  H HG21 . ILE A 1 10  ? -2.408  1.023   -8.871  1.00 1.28 ? 23  ILE A HG21 1 
ATOM 144  H HG22 . ILE A 1 10  ? -1.743  -0.577  -8.548  1.00 1.16 ? 23  ILE A HG22 1 
ATOM 145  H HG23 . ILE A 1 10  ? -1.798  0.630   -7.265  1.00 1.23 ? 23  ILE A HG23 1 
ATOM 146  H HD11 . ILE A 1 10  ? 1.241   -0.207  -7.102  1.00 1.29 ? 23  ILE A HD11 1 
ATOM 147  H HD12 . ILE A 1 10  ? 0.507   -1.722  -7.627  1.00 1.21 ? 23  ILE A HD12 1 
ATOM 148  H HD13 . ILE A 1 10  ? 2.147   -1.314  -8.131  1.00 1.14 ? 23  ILE A HD13 1 
ATOM 149  N N    . ILE A 1 11  ? -0.301  4.245   -9.060  1.00 0.67 ? 24  ILE A N    1 
ATOM 150  C CA   . ILE A 1 11  ? -0.913  5.532   -8.592  1.00 0.71 ? 24  ILE A CA   1 
ATOM 151  C C    . ILE A 1 11  ? -1.908  5.997   -9.672  1.00 0.77 ? 24  ILE A C    1 
ATOM 152  O O    . ILE A 1 11  ? -2.889  6.661   -9.393  1.00 0.83 ? 24  ILE A O    1 
ATOM 153  C CB   . ILE A 1 11  ? 0.194   6.583   -8.390  1.00 0.75 ? 24  ILE A CB   1 
ATOM 154  C CG1  . ILE A 1 11  ? 1.126   6.131   -7.253  1.00 0.95 ? 24  ILE A CG1  1 
ATOM 155  C CG2  . ILE A 1 11  ? -0.419  7.948   -8.040  1.00 0.95 ? 24  ILE A CG2  1 
ATOM 156  C CD1  . ILE A 1 11  ? 0.348   6.027   -5.933  1.00 0.71 ? 24  ILE A CD1  1 
ATOM 157  H H    . ILE A 1 11  ? 0.670   4.171   -9.164  1.00 0.68 ? 24  ILE A H    1 
ATOM 158  H HA   . ILE A 1 11  ? -1.437  5.368   -7.661  1.00 0.69 ? 24  ILE A HA   1 
ATOM 159  H HB   . ILE A 1 11  ? 0.764   6.675   -9.303  1.00 1.01 ? 24  ILE A HB   1 
ATOM 160  H HG12 . ILE A 1 11  ? 1.546   5.167   -7.498  1.00 1.39 ? 24  ILE A HG12 1 
ATOM 161  H HG13 . ILE A 1 11  ? 1.924   6.850   -7.140  1.00 1.35 ? 24  ILE A HG13 1 
ATOM 162  H HG21 . ILE A 1 11  ? -1.297  7.801   -7.429  1.00 1.30 ? 24  ILE A HG21 1 
ATOM 163  H HG22 . ILE A 1 11  ? 0.304   8.538   -7.496  1.00 1.61 ? 24  ILE A HG22 1 
ATOM 164  H HG23 . ILE A 1 11  ? -0.694  8.463   -8.948  1.00 1.40 ? 24  ILE A HG23 1 
ATOM 165  H HD11 . ILE A 1 11  ? -0.194  6.946   -5.762  1.00 1.09 ? 24  ILE A HD11 1 
ATOM 166  H HD12 . ILE A 1 11  ? -0.349  5.204   -5.989  1.00 1.30 ? 24  ILE A HD12 1 
ATOM 167  H HD13 . ILE A 1 11  ? 1.039   5.859   -5.120  1.00 1.29 ? 24  ILE A HD13 1 
ATOM 168  N N    . HIS A 1 12  ? -1.658  5.614   -10.901 1.00 0.79 ? 25  HIS A N    1 
ATOM 169  C CA   . HIS A 1 12  ? -2.564  5.975   -12.016 1.00 0.86 ? 25  HIS A CA   1 
ATOM 170  C C    . HIS A 1 12  ? -3.913  5.271   -11.814 1.00 0.88 ? 25  HIS A C    1 
ATOM 171  O O    . HIS A 1 12  ? -4.959  5.857   -12.026 1.00 0.97 ? 25  HIS A O    1 
ATOM 172  C CB   . HIS A 1 12  ? -1.927  5.522   -13.334 1.00 0.89 ? 25  HIS A CB   1 
ATOM 173  C CG   . HIS A 1 12  ? -2.776  5.972   -14.491 1.00 0.98 ? 25  HIS A CG   1 
ATOM 174  N ND1  . HIS A 1 12  ? -2.309  6.857   -15.451 1.00 1.32 ? 25  HIS A ND1  1 
ATOM 175  C CD2  . HIS A 1 12  ? -4.065  5.668   -14.856 1.00 1.63 ? 25  HIS A CD2  1 
ATOM 176  C CE1  . HIS A 1 12  ? -3.301  7.052   -16.338 1.00 1.18 ? 25  HIS A CE1  1 
ATOM 177  N NE2  . HIS A 1 12  ? -4.395  6.351   -16.022 1.00 1.35 ? 25  HIS A NE2  1 
ATOM 178  H H    . HIS A 1 12  ? -0.870  5.069   -11.087 1.00 0.76 ? 25  HIS A H    1 
ATOM 179  H HA   . HIS A 1 12  ? -2.712  7.045   -12.033 1.00 0.91 ? 25  HIS A HA   1 
ATOM 180  H HB2  . HIS A 1 12  ? -0.938  5.954   -13.423 1.00 0.90 ? 25  HIS A HB2  1 
ATOM 181  H HB3  . HIS A 1 12  ? -1.845  4.444   -13.344 1.00 0.87 ? 25  HIS A HB3  1 
ATOM 182  H HD1  . HIS A 1 12  ? -1.419  7.265   -15.479 1.00 2.03 ? 25  HIS A HD1  1 
ATOM 183  H HD2  . HIS A 1 12  ? -4.722  5.001   -14.319 1.00 2.51 ? 25  HIS A HD2  1 
ATOM 184  H HE1  . HIS A 1 12  ? -3.225  7.697   -17.201 1.00 1.62 ? 25  HIS A HE1  1 
ATOM 185  N N    . HIS A 1 13  ? -3.904  4.018   -11.397 1.00 0.83 ? 26  HIS A N    1 
ATOM 186  C CA   . HIS A 1 13  ? -5.192  3.294   -11.177 1.00 0.90 ? 26  HIS A CA   1 
ATOM 187  C C    . HIS A 1 13  ? -5.720  3.559   -9.756  1.00 0.94 ? 26  HIS A C    1 
ATOM 188  O O    . HIS A 1 13  ? -6.678  2.944   -9.328  1.00 1.68 ? 26  HIS A O    1 
ATOM 189  C CB   . HIS A 1 13  ? -4.963  1.793   -11.358 1.00 0.98 ? 26  HIS A CB   1 
ATOM 190  C CG   . HIS A 1 13  ? -5.138  1.426   -12.806 1.00 1.36 ? 26  HIS A CG   1 
ATOM 191  N ND1  . HIS A 1 13  ? -4.235  0.615   -13.478 1.00 1.99 ? 26  HIS A ND1  1 
ATOM 192  C CD2  . HIS A 1 13  ? -6.107  1.748   -13.724 1.00 2.08 ? 26  HIS A CD2  1 
ATOM 193  C CE1  . HIS A 1 13  ? -4.676  0.480   -14.742 1.00 2.47 ? 26  HIS A CE1  1 
ATOM 194  N NE2  . HIS A 1 13  ? -5.813  1.150   -14.945 1.00 2.53 ? 26  HIS A NE2  1 
ATOM 195  H H    . HIS A 1 13  ? -3.051  3.556   -11.225 1.00 0.77 ? 26  HIS A H    1 
ATOM 196  H HA   . HIS A 1 13  ? -5.920  3.633   -11.899 1.00 1.02 ? 26  HIS A HA   1 
ATOM 197  H HB2  . HIS A 1 13  ? -3.961  1.540   -11.041 1.00 1.25 ? 26  HIS A HB2  1 
ATOM 198  H HB3  . HIS A 1 13  ? -5.678  1.246   -10.760 1.00 1.18 ? 26  HIS A HB3  1 
ATOM 199  H HD1  . HIS A 1 13  ? -3.425  0.215   -13.100 1.00 2.45 ? 26  HIS A HD1  1 
ATOM 200  H HD2  . HIS A 1 13  ? -6.967  2.372   -13.528 1.00 2.66 ? 26  HIS A HD2  1 
ATOM 201  H HE1  . HIS A 1 13  ? -4.171  -0.100  -15.500 1.00 3.13 ? 26  HIS A HE1  1 
ATOM 202  N N    . LEU A 1 14  ? -5.108  4.464   -9.021  1.00 0.82 ? 27  LEU A N    1 
ATOM 203  C CA   . LEU A 1 14  ? -5.583  4.755   -7.634  1.00 0.87 ? 27  LEU A CA   1 
ATOM 204  C C    . LEU A 1 14  ? -6.146  6.180   -7.576  1.00 1.18 ? 27  LEU A C    1 
ATOM 205  O O    . LEU A 1 14  ? -5.709  7.002   -6.788  1.00 1.90 ? 27  LEU A O    1 
ATOM 206  C CB   . LEU A 1 14  ? -4.406  4.631   -6.659  1.00 1.06 ? 27  LEU A CB   1 
ATOM 207  C CG   . LEU A 1 14  ? -4.323  3.204   -6.114  1.00 0.85 ? 27  LEU A CG   1 
ATOM 208  C CD1  . LEU A 1 14  ? -3.717  2.289   -7.172  1.00 1.45 ? 27  LEU A CD1  1 
ATOM 209  C CD2  . LEU A 1 14  ? -3.430  3.190   -4.873  1.00 1.29 ? 27  LEU A CD2  1 
ATOM 210  H H    . LEU A 1 14  ? -4.338  4.950   -9.378  1.00 1.28 ? 27  LEU A H    1 
ATOM 211  H HA   . LEU A 1 14  ? -6.354  4.050   -7.361  1.00 1.15 ? 27  LEU A HA   1 
ATOM 212  H HB2  . LEU A 1 14  ? -3.487  4.871   -7.175  1.00 1.49 ? 27  LEU A HB2  1 
ATOM 213  H HB3  . LEU A 1 14  ? -4.547  5.318   -5.839  1.00 1.60 ? 27  LEU A HB3  1 
ATOM 214  H HG   . LEU A 1 14  ? -5.311  2.851   -5.856  1.00 1.47 ? 27  LEU A HG   1 
ATOM 215  H HD11 . LEU A 1 14  ? -4.157  2.505   -8.133  1.00 1.90 ? 27  LEU A HD11 1 
ATOM 216  H HD12 . LEU A 1 14  ? -2.651  2.457   -7.219  1.00 1.99 ? 27  LEU A HD12 1 
ATOM 217  H HD13 . LEU A 1 14  ? -3.907  1.259   -6.912  1.00 2.06 ? 27  LEU A HD13 1 
ATOM 218  H HD21 . LEU A 1 14  ? -3.774  3.936   -4.173  1.00 1.87 ? 27  LEU A HD21 1 
ATOM 219  H HD22 . LEU A 1 14  ? -3.470  2.216   -4.413  1.00 1.88 ? 27  LEU A HD22 1 
ATOM 220  H HD23 . LEU A 1 14  ? -2.412  3.410   -5.161  1.00 1.65 ? 27  LEU A HD23 1 
ATOM 221  N N    . LYS A 1 15  ? -7.115  6.483   -8.406  1.00 1.39 ? 28  LYS A N    1 
ATOM 222  C CA   . LYS A 1 15  ? -7.704  7.854   -8.401  1.00 1.90 ? 28  LYS A CA   1 
ATOM 223  C C    . LYS A 1 15  ? -9.105  7.816   -9.024  1.00 1.91 ? 28  LYS A C    1 
ATOM 224  O O    . LYS A 1 15  ? -9.337  8.351   -10.093 1.00 2.48 ? 28  LYS A O    1 
ATOM 225  C CB   . LYS A 1 15  ? -6.803  8.795   -9.206  1.00 2.52 ? 28  LYS A CB   1 
ATOM 226  C CG   . LYS A 1 15  ? -6.843  10.195  -8.589  1.00 3.26 ? 28  LYS A CG   1 
ATOM 227  C CD   . LYS A 1 15  ? -6.541  11.237  -9.669  1.00 3.87 ? 28  LYS A CD   1 
ATOM 228  C CE   . LYS A 1 15  ? -7.831  11.595  -10.409 1.00 4.41 ? 28  LYS A CE   1 
ATOM 229  N NZ   . LYS A 1 15  ? -7.795  13.030  -10.806 1.00 5.04 ? 28  LYS A NZ   1 
ATOM 230  H H    . LYS A 1 15  ? -7.451  5.807   -9.031  1.00 1.68 ? 28  LYS A H    1 
ATOM 231  H HA   . LYS A 1 15  ? -7.776  8.209   -7.383  1.00 2.41 ? 28  LYS A HA   1 
ATOM 232  H HB2  . LYS A 1 15  ? -5.788  8.422   -9.188  1.00 2.90 ? 28  LYS A HB2  1 
ATOM 233  H HB3  . LYS A 1 15  ? -7.151  8.843   -10.227 1.00 2.72 ? 28  LYS A HB3  1 
ATOM 234  H HG2  . LYS A 1 15  ? -7.825  10.377  -8.176  1.00 3.58 ? 28  LYS A HG2  1 
ATOM 235  H HG3  . LYS A 1 15  ? -6.102  10.266  -7.807  1.00 3.59 ? 28  LYS A HG3  1 
ATOM 236  H HD2  . LYS A 1 15  ? -6.131  12.124  -9.209  1.00 4.01 ? 28  LYS A HD2  1 
ATOM 237  H HD3  . LYS A 1 15  ? -5.828  10.831  -10.371 1.00 4.20 ? 28  LYS A HD3  1 
ATOM 238  H HE2  . LYS A 1 15  ? -7.924  10.979  -11.291 1.00 4.66 ? 28  LYS A HE2  1 
ATOM 239  H HE3  . LYS A 1 15  ? -8.679  11.423  -9.760  1.00 4.54 ? 28  LYS A HE3  1 
ATOM 240  H HZ1  . LYS A 1 15  ? -6.893  13.237  -11.280 1.00 5.48 ? 28  LYS A HZ1  1 
ATOM 241  H HZ2  . LYS A 1 15  ? -8.582  13.230  -11.457 1.00 5.30 ? 28  LYS A HZ2  1 
ATOM 242  H HZ3  . LYS A 1 15  ? -7.884  13.628  -9.960  1.00 5.15 ? 28  LYS A HZ3  1 
ATOM 243  N N    . ARG A 1 16  ? -10.040 7.187   -8.357  1.00 2.07 ? 29  ARG A N    1 
ATOM 244  C CA   . ARG A 1 16  ? -11.430 7.109   -8.896  1.00 2.71 ? 29  ARG A CA   1 
ATOM 245  C C    . ARG A 1 16  ? -12.431 7.048   -7.725  1.00 2.83 ? 29  ARG A C    1 
ATOM 246  O O    . ARG A 1 16  ? -13.026 6.015   -7.483  1.00 3.29 ? 29  ARG A O    1 
ATOM 247  C CB   . ARG A 1 16  ? -11.570 5.855   -9.765  1.00 3.61 ? 29  ARG A CB   1 
ATOM 248  C CG   . ARG A 1 16  ? -11.334 6.215   -11.234 1.00 4.23 ? 29  ARG A CG   1 
ATOM 249  C CD   . ARG A 1 16  ? -11.131 4.936   -12.051 1.00 5.18 ? 29  ARG A CD   1 
ATOM 250  N NE   . ARG A 1 16  ? -11.802 5.081   -13.380 1.00 5.91 ? 29  ARG A NE   1 
ATOM 251  C CZ   . ARG A 1 16  ? -11.344 5.915   -14.295 1.00 6.67 ? 29  ARG A CZ   1 
ATOM 252  N NH1  . ARG A 1 16  ? -10.279 6.654   -14.080 1.00 6.91 ? 29  ARG A NH1  1 
ATOM 253  N NH2  . ARG A 1 16  ? -11.964 6.008   -15.439 1.00 7.45 ? 29  ARG A NH2  1 
ATOM 254  H H    . ARG A 1 16  ? -9.827  6.768   -7.498  1.00 2.27 ? 29  ARG A H    1 
ATOM 255  H HA   . ARG A 1 16  ? -11.633 7.986   -9.495  1.00 2.98 ? 29  ARG A HA   1 
ATOM 256  H HB2  . ARG A 1 16  ? -10.843 5.119   -9.453  1.00 3.75 ? 29  ARG A HB2  1 
ATOM 257  H HB3  . ARG A 1 16  ? -12.565 5.448   -9.651  1.00 4.12 ? 29  ARG A HB3  1 
ATOM 258  H HG2  . ARG A 1 16  ? -12.190 6.755   -11.614 1.00 4.26 ? 29  ARG A HG2  1 
ATOM 259  H HG3  . ARG A 1 16  ? -10.454 6.834   -11.315 1.00 4.43 ? 29  ARG A HG3  1 
ATOM 260  H HD2  . ARG A 1 16  ? -10.075 4.766   -12.197 1.00 5.43 ? 29  ARG A HD2  1 
ATOM 261  H HD3  . ARG A 1 16  ? -11.562 4.097   -11.522 1.00 5.45 ? 29  ARG A HD3  1 
ATOM 262  H HE   . ARG A 1 16  ? -12.598 4.545   -13.576 1.00 6.02 ? 29  ARG A HE   1 
ATOM 263  H HH11 . ARG A 1 16  ? -9.790  6.598   -13.211 1.00 6.54 ? 29  ARG A HH11 1 
ATOM 264  H HH12 . ARG A 1 16  ? -9.956  7.278   -14.792 1.00 7.64 ? 29  ARG A HH12 1 
ATOM 265  H HH21 . ARG A 1 16  ? -12.776 5.450   -15.615 1.00 7.54 ? 29  ARG A HH21 1 
ATOM 266  H HH22 . ARG A 1 16  ? -11.627 6.635   -16.141 1.00 8.10 ? 29  ARG A HH22 1 
ATOM 267  N N    . PRO A 1 17  ? -12.598 8.153   -7.018  1.00 3.01 ? 30  PRO A N    1 
ATOM 268  C CA   . PRO A 1 17  ? -13.529 8.210   -5.877  1.00 3.42 ? 30  PRO A CA   1 
ATOM 269  C C    . PRO A 1 17  ? -14.982 8.350   -6.379  1.00 3.45 ? 30  PRO A C    1 
ATOM 270  O O    . PRO A 1 17  ? -15.283 9.296   -7.080  1.00 3.55 ? 30  PRO A O    1 
ATOM 271  C CB   . PRO A 1 17  ? -13.097 9.469   -5.119  1.00 4.03 ? 30  PRO A CB   1 
ATOM 272  C CG   . PRO A 1 17  ? -12.349 10.360  -6.139  1.00 4.15 ? 30  PRO A CG   1 
ATOM 273  C CD   . PRO A 1 17  ? -11.890 9.433   -7.279  1.00 3.48 ? 30  PRO A CD   1 
ATOM 274  H HA   . PRO A 1 17  ? -13.408 7.346   -5.248  1.00 3.81 ? 30  PRO A HA   1 
ATOM 275  H HB2  . PRO A 1 17  ? -13.966 9.987   -4.736  1.00 4.25 ? 30  PRO A HB2  1 
ATOM 276  H HB3  . PRO A 1 17  ? -12.433 9.208   -4.311  1.00 4.58 ? 30  PRO A HB3  1 
ATOM 277  H HG2  . PRO A 1 17  ? -13.015 11.122  -6.522  1.00 4.38 ? 30  PRO A HG2  1 
ATOM 278  H HG3  . PRO A 1 17  ? -11.490 10.817  -5.673  1.00 4.83 ? 30  PRO A HG3  1 
ATOM 279  H HD2  . PRO A 1 17  ? -12.181 9.842   -8.237  1.00 3.64 ? 30  PRO A HD2  1 
ATOM 280  H HD3  . PRO A 1 17  ? -10.822 9.283   -7.238  1.00 3.68 ? 30  PRO A HD3  1 
ATOM 281  N N    . PRO A 1 18  ? -15.856 7.420   -6.018  1.00 3.94 ? 31  PRO A N    1 
ATOM 282  C CA   . PRO A 1 18  ? -17.265 7.476   -6.449  1.00 4.42 ? 31  PRO A CA   1 
ATOM 283  C C    . PRO A 1 18  ? -18.041 8.501   -5.617  1.00 4.44 ? 31  PRO A C    1 
ATOM 284  O O    . PRO A 1 18  ? -18.376 9.570   -6.090  1.00 4.81 ? 31  PRO A O    1 
ATOM 285  C CB   . PRO A 1 18  ? -17.782 6.055   -6.200  1.00 5.27 ? 31  PRO A CB   1 
ATOM 286  C CG   . PRO A 1 18  ? -16.845 5.426   -5.143  1.00 5.41 ? 31  PRO A CG   1 
ATOM 287  C CD   . PRO A 1 18  ? -15.542 6.245   -5.165  1.00 4.59 ? 31  PRO A CD   1 
ATOM 288  H HA   . PRO A 1 18  ? -17.332 7.712   -7.496  1.00 4.57 ? 31  PRO A HA   1 
ATOM 289  H HB2  . PRO A 1 18  ? -18.797 6.091   -5.828  1.00 5.66 ? 31  PRO A HB2  1 
ATOM 290  H HB3  . PRO A 1 18  ? -17.740 5.479   -7.111  1.00 5.69 ? 31  PRO A HB3  1 
ATOM 291  H HG2  . PRO A 1 18  ? -17.304 5.477   -4.165  1.00 5.71 ? 31  PRO A HG2  1 
ATOM 292  H HG3  . PRO A 1 18  ? -16.634 4.399   -5.400  1.00 6.03 ? 31  PRO A HG3  1 
ATOM 293  H HD2  . PRO A 1 18  ? -15.279 6.560   -4.164  1.00 4.76 ? 31  PRO A HD2  1 
ATOM 294  H HD3  . PRO A 1 18  ? -14.742 5.671   -5.604  1.00 4.69 ? 31  PRO A HD3  1 
ATOM 295  N N    . ASN A 1 19  ? -18.323 8.179   -4.382  1.00 4.38 ? 32  ASN A N    1 
ATOM 296  C CA   . ASN A 1 19  ? -19.073 9.126   -3.507  1.00 4.64 ? 32  ASN A CA   1 
ATOM 297  C C    . ASN A 1 19  ? -18.680 8.886   -2.039  1.00 4.56 ? 32  ASN A C    1 
ATOM 298  O O    . ASN A 1 19  ? -18.195 7.822   -1.708  1.00 4.76 ? 32  ASN A O    1 
ATOM 299  C CB   . ASN A 1 19  ? -20.577 8.894   -3.677  1.00 5.07 ? 32  ASN A CB   1 
ATOM 300  C CG   . ASN A 1 19  ? -21.007 9.348   -5.073  1.00 5.58 ? 32  ASN A CG   1 
ATOM 301  O OD1  . ASN A 1 19  ? -21.414 10.479  -5.259  1.00 5.93 ? 32  ASN A OD1  1 
ATOM 302  N ND2  . ASN A 1 19  ? -20.935 8.508   -6.070  1.00 6.04 ? 32  ASN A ND2  1 
ATOM 303  H H    . ASN A 1 19  ? -18.038 7.313   -4.031  1.00 4.38 ? 32  ASN A H    1 
ATOM 304  H HA   . ASN A 1 19  ? -18.830 10.141  -3.783  1.00 4.90 ? 32  ASN A HA   1 
ATOM 305  H HB2  . ASN A 1 19  ? -20.795 7.843   -3.555  1.00 5.27 ? 32  ASN A HB2  1 
ATOM 306  H HB3  . ASN A 1 19  ? -21.115 9.462   -2.934  1.00 5.27 ? 32  ASN A HB3  1 
ATOM 307  H HD21 . ASN A 1 19  ? -20.608 7.597   -5.920  1.00 6.05 ? 32  ASN A HD21 1 
ATOM 308  H HD22 . ASN A 1 19  ? -21.209 8.790   -6.968  1.00 6.59 ? 32  ASN A HD22 1 
ATOM 309  N N    . PRO A 1 20  ? -18.896 9.876   -1.189  1.00 4.61 ? 33  PRO A N    1 
ATOM 310  C CA   . PRO A 1 20  ? -18.559 9.762   0.240   1.00 4.75 ? 33  PRO A CA   1 
ATOM 311  C C    . PRO A 1 20  ? -19.598 8.912   0.976   1.00 4.42 ? 33  PRO A C    1 
ATOM 312  O O    . PRO A 1 20  ? -20.778 9.205   0.956   1.00 4.72 ? 33  PRO A O    1 
ATOM 313  C CB   . PRO A 1 20  ? -18.572 11.200  0.742   1.00 5.30 ? 33  PRO A CB   1 
ATOM 314  C CG   . PRO A 1 20  ? -19.442 11.992  -0.247  1.00 5.40 ? 33  PRO A CG   1 
ATOM 315  C CD   . PRO A 1 20  ? -19.485 11.184  -1.556  1.00 4.94 ? 33  PRO A CD   1 
ATOM 316  H HA   . PRO A 1 20  ? -17.581 9.357   0.358   1.00 5.07 ? 33  PRO A HA   1 
ATOM 317  H HB2  . PRO A 1 20  ? -18.999 11.242  1.734   1.00 5.36 ? 33  PRO A HB2  1 
ATOM 318  H HB3  . PRO A 1 20  ? -17.572 11.602  0.748   1.00 5.83 ? 33  PRO A HB3  1 
ATOM 319  H HG2  . PRO A 1 20  ? -20.435 12.098  0.155   1.00 5.44 ? 33  PRO A HG2  1 
ATOM 320  H HG3  . PRO A 1 20  ? -19.000 12.953  -0.428  1.00 6.00 ? 33  PRO A HG3  1 
ATOM 321  H HD2  . PRO A 1 20  ? -20.505 11.063  -1.891  1.00 4.89 ? 33  PRO A HD2  1 
ATOM 322  H HD3  . PRO A 1 20  ? -18.886 11.662  -2.315  1.00 5.23 ? 33  PRO A HD3  1 
ATOM 323  N N    . LEU A 1 21  ? -19.163 7.862   1.625   1.00 4.11 ? 34  LEU A N    1 
ATOM 324  C CA   . LEU A 1 21  ? -20.116 6.983   2.366   1.00 4.05 ? 34  LEU A CA   1 
ATOM 325  C C    . LEU A 1 21  ? -19.693 6.891   3.834   1.00 3.62 ? 34  LEU A C    1 
ATOM 326  O O    . LEU A 1 21  ? -18.785 7.574   4.269   1.00 3.80 ? 34  LEU A O    1 
ATOM 327  C CB   . LEU A 1 21  ? -20.107 5.586   1.742   1.00 4.63 ? 34  LEU A CB   1 
ATOM 328  C CG   . LEU A 1 21  ? -21.186 5.502   0.661   1.00 5.39 ? 34  LEU A CG   1 
ATOM 329  C CD1  . LEU A 1 21  ? -20.743 4.522   -0.427  1.00 5.93 ? 34  LEU A CD1  1 
ATOM 330  C CD2  . LEU A 1 21  ? -22.494 5.010   1.285   1.00 6.00 ? 34  LEU A CD2  1 
ATOM 331  H H    . LEU A 1 21  ? -18.206 7.649   1.624   1.00 4.17 ? 34  LEU A H    1 
ATOM 332  H HA   . LEU A 1 21  ? -21.111 7.398   2.303   1.00 4.33 ? 34  LEU A HA   1 
ATOM 333  H HB2  . LEU A 1 21  ? -19.139 5.395   1.301   1.00 4.81 ? 34  LEU A HB2  1 
ATOM 334  H HB3  . LEU A 1 21  ? -20.306 4.849   2.505   1.00 4.76 ? 34  LEU A HB3  1 
ATOM 335  H HG   . LEU A 1 21  ? -21.337 6.480   0.227   1.00 5.54 ? 34  LEU A HG   1 
ATOM 336  H HD11 . LEU A 1 21  ? -20.069 3.794   -0.002  1.00 6.46 ? 34  LEU A HD11 1 
ATOM 337  H HD12 . LEU A 1 21  ? -21.608 4.020   -0.834  1.00 6.11 ? 34  LEU A HD12 1 
ATOM 338  H HD13 . LEU A 1 21  ? -20.238 5.064   -1.214  1.00 5.99 ? 34  LEU A HD13 1 
ATOM 339  H HD21 . LEU A 1 21  ? -22.291 4.172   1.934   1.00 6.31 ? 34  LEU A HD21 1 
ATOM 340  H HD22 . LEU A 1 21  ? -22.943 5.809   1.856   1.00 6.30 ? 34  LEU A HD22 1 
ATOM 341  H HD23 . LEU A 1 21  ? -23.173 4.703   0.502   1.00 6.20 ? 34  LEU A HD23 1 
ATOM 342  N N    . LEU A 1 22  ? -20.346 6.051   4.597   1.00 3.47 ? 35  LEU A N    1 
ATOM 343  C CA   . LEU A 1 22  ? -19.989 5.909   6.040   1.00 3.38 ? 35  LEU A CA   1 
ATOM 344  C C    . LEU A 1 22  ? -19.322 4.551   6.271   1.00 2.99 ? 35  LEU A C    1 
ATOM 345  O O    . LEU A 1 22  ? -19.430 3.973   7.336   1.00 3.22 ? 35  LEU A O    1 
ATOM 346  C CB   . LEU A 1 22  ? -21.258 6.002   6.891   1.00 4.00 ? 35  LEU A CB   1 
ATOM 347  C CG   . LEU A 1 22  ? -22.013 7.287   6.547   1.00 4.59 ? 35  LEU A CG   1 
ATOM 348  C CD1  . LEU A 1 22  ? -22.936 7.033   5.355   1.00 5.27 ? 35  LEU A CD1  1 
ATOM 349  C CD2  . LEU A 1 22  ? -22.847 7.725   7.753   1.00 5.01 ? 35  LEU A CD2  1 
ATOM 350  H H    . LEU A 1 22  ? -21.073 5.515   4.221   1.00 3.72 ? 35  LEU A H    1 
ATOM 351  H HA   . LEU A 1 22  ? -19.307 6.698   6.323   1.00 3.51 ? 35  LEU A HA   1 
ATOM 352  H HB2  . LEU A 1 22  ? -21.889 5.149   6.691   1.00 4.20 ? 35  LEU A HB2  1 
ATOM 353  H HB3  . LEU A 1 22  ? -20.990 6.015   7.937   1.00 4.15 ? 35  LEU A HB3  1 
ATOM 354  H HG   . LEU A 1 22  ? -21.304 8.064   6.294   1.00 4.60 ? 35  LEU A HG   1 
ATOM 355  H HD11 . LEU A 1 22  ? -23.273 6.007   5.372   1.00 5.67 ? 35  LEU A HD11 1 
ATOM 356  H HD12 . LEU A 1 22  ? -23.791 7.692   5.413   1.00 5.44 ? 35  LEU A HD12 1 
ATOM 357  H HD13 . LEU A 1 22  ? -22.400 7.221   4.437   1.00 5.57 ? 35  LEU A HD13 1 
ATOM 358  H HD21 . LEU A 1 22  ? -23.356 6.868   8.169   1.00 5.34 ? 35  LEU A HD21 1 
ATOM 359  H HD22 . LEU A 1 22  ? -22.198 8.157   8.501   1.00 5.20 ? 35  LEU A HD22 1 
ATOM 360  H HD23 . LEU A 1 22  ? -23.575 8.459   7.440   1.00 5.22 ? 35  LEU A HD23 1 
ATOM 361  N N    . ASP A 1 23  ? -18.636 4.040   5.280   1.00 2.76 ? 36  ASP A N    1 
ATOM 362  C CA   . ASP A 1 23  ? -17.960 2.719   5.434   1.00 2.63 ? 36  ASP A CA   1 
ATOM 363  C C    . ASP A 1 23  ? -16.682 2.889   6.273   1.00 1.96 ? 36  ASP A C    1 
ATOM 364  O O    . ASP A 1 23  ? -16.120 3.966   6.307   1.00 2.16 ? 36  ASP A O    1 
ATOM 365  C CB   . ASP A 1 23  ? -17.593 2.170   4.053   1.00 3.20 ? 36  ASP A CB   1 
ATOM 366  C CG   . ASP A 1 23  ? -18.746 1.320   3.516   1.00 4.13 ? 36  ASP A CG   1 
ATOM 367  O OD1  . ASP A 1 23  ? -19.837 1.851   3.388   1.00 4.64 ? 36  ASP A OD1  1 
ATOM 368  O OD2  . ASP A 1 23  ? -18.518 0.154   3.242   1.00 4.66 ? 36  ASP A OD2  1 
ATOM 369  H H    . ASP A 1 23  ? -18.567 4.527   4.433   1.00 2.93 ? 36  ASP A H    1 
ATOM 370  H HA   . ASP A 1 23  ? -18.627 2.029   5.930   1.00 3.00 ? 36  ASP A HA   1 
ATOM 371  H HB2  . ASP A 1 23  ? -17.405 2.993   3.378   1.00 3.40 ? 36  ASP A HB2  1 
ATOM 372  H HB3  . ASP A 1 23  ? -16.706 1.561   4.132   1.00 3.21 ? 36  ASP A HB3  1 
ATOM 373  N N    . PRO A 1 24  ? -16.247 1.827   6.931   1.00 1.55 ? 37  PRO A N    1 
ATOM 374  C CA   . PRO A 1 24  ? -15.036 1.870   7.760   1.00 1.45 ? 37  PRO A CA   1 
ATOM 375  C C    . PRO A 1 24  ? -13.766 1.881   6.895   1.00 1.20 ? 37  PRO A C    1 
ATOM 376  O O    . PRO A 1 24  ? -12.675 2.038   7.401   1.00 1.99 ? 37  PRO A O    1 
ATOM 377  C CB   . PRO A 1 24  ? -15.116 0.594   8.602   1.00 1.83 ? 37  PRO A CB   1 
ATOM 378  C CG   . PRO A 1 24  ? -16.040 -0.372  7.834   1.00 1.93 ? 37  PRO A CG   1 
ATOM 379  C CD   . PRO A 1 24  ? -16.904 0.504   6.912   1.00 1.84 ? 37  PRO A CD   1 
ATOM 380  H HA   . PRO A 1 24  ? -15.070 2.724   8.400   1.00 1.84 ? 37  PRO A HA   1 
ATOM 381  H HB2  . PRO A 1 24  ? -14.131 0.163   8.715   1.00 2.08 ? 37  PRO A HB2  1 
ATOM 382  H HB3  . PRO A 1 24  ? -15.541 0.812   9.569   1.00 2.19 ? 37  PRO A HB3  1 
ATOM 383  H HG2  . PRO A 1 24  ? -15.449 -1.063  7.249   1.00 2.14 ? 37  PRO A HG2  1 
ATOM 384  H HG3  . PRO A 1 24  ? -16.672 -0.910  8.523   1.00 2.29 ? 37  PRO A HG3  1 
ATOM 385  H HD2  . PRO A 1 24  ? -16.912 0.105   5.912   1.00 2.14 ? 37  PRO A HD2  1 
ATOM 386  H HD3  . PRO A 1 24  ? -17.905 0.588   7.302   1.00 2.11 ? 37  PRO A HD3  1 
ATOM 387  N N    . ASN A 1 25  ? -13.901 1.718   5.598   1.00 0.96 ? 38  ASN A N    1 
ATOM 388  C CA   . ASN A 1 25  ? -12.713 1.718   4.680   1.00 1.00 ? 38  ASN A CA   1 
ATOM 389  C C    . ASN A 1 25  ? -11.875 3.002   4.880   1.00 1.21 ? 38  ASN A C    1 
ATOM 390  O O    . ASN A 1 25  ? -12.089 3.992   4.206   1.00 2.00 ? 38  ASN A O    1 
ATOM 391  C CB   . ASN A 1 25  ? -13.214 1.675   3.228   1.00 1.30 ? 38  ASN A CB   1 
ATOM 392  C CG   . ASN A 1 25  ? -14.332 2.709   3.024   1.00 2.10 ? 38  ASN A CG   1 
ATOM 393  O OD1  . ASN A 1 25  ? -14.504 3.606   3.826   1.00 2.83 ? 38  ASN A OD1  1 
ATOM 394  N ND2  . ASN A 1 25  ? -15.107 2.618   1.979   1.00 2.71 ? 38  ASN A ND2  1 
ATOM 395  H H    . ASN A 1 25  ? -14.793 1.594   5.217   1.00 1.53 ? 38  ASN A H    1 
ATOM 396  H HA   . ASN A 1 25  ? -12.105 0.836   4.867   1.00 0.97 ? 38  ASN A HA   1 
ATOM 397  H HB2  . ASN A 1 25  ? -12.395 1.898   2.563   1.00 1.66 ? 38  ASN A HB2  1 
ATOM 398  H HB3  . ASN A 1 25  ? -13.597 0.690   3.011   1.00 1.57 ? 38  ASN A HB3  1 
ATOM 399  H HD21 . ASN A 1 25  ? -14.974 1.895   1.333   1.00 2.81 ? 38  ASN A HD21 1 
ATOM 400  H HD22 . ASN A 1 25  ? -15.822 3.273   1.840   1.00 3.42 ? 38  ASN A HD22 1 
ATOM 401  N N    . ASN A 1 26  ? -10.923 2.995   5.789   1.00 1.06 ? 39  ASN A N    1 
ATOM 402  C CA   . ASN A 1 26  ? -10.082 4.219   6.014   1.00 1.23 ? 39  ASN A CA   1 
ATOM 403  C C    . ASN A 1 26  ? -9.002  3.925   7.070   1.00 1.01 ? 39  ASN A C    1 
ATOM 404  O O    . ASN A 1 26  ? -9.132  3.009   7.859   1.00 0.97 ? 39  ASN A O    1 
ATOM 405  C CB   . ASN A 1 26  ? -10.976 5.367   6.500   1.00 1.53 ? 39  ASN A CB   1 
ATOM 406  C CG   . ASN A 1 26  ? -10.582 6.665   5.792   1.00 2.06 ? 39  ASN A CG   1 
ATOM 407  O OD1  . ASN A 1 26  ? -10.973 6.899   4.665   1.00 2.74 ? 39  ASN A OD1  1 
ATOM 408  N ND2  . ASN A 1 26  ? -9.820  7.526   6.409   1.00 2.60 ? 39  ASN A ND2  1 
ATOM 409  H H    . ASN A 1 26  ? -10.761 2.192   6.319   1.00 1.39 ? 39  ASN A H    1 
ATOM 410  H HA   . ASN A 1 26  ? -9.606  4.500   5.085   1.00 1.52 ? 39  ASN A HA   1 
ATOM 411  H HB2  . ASN A 1 26  ? -12.008 5.135   6.278   1.00 1.78 ? 39  ASN A HB2  1 
ATOM 412  H HB3  . ASN A 1 26  ? -10.857 5.492   7.566   1.00 2.10 ? 39  ASN A HB3  1 
ATOM 413  H HD21 . ASN A 1 26  ? -9.505  7.339   7.318   1.00 2.71 ? 39  ASN A HD21 1 
ATOM 414  H HD22 . ASN A 1 26  ? -9.563  8.360   5.963   1.00 3.25 ? 39  ASN A HD22 1 
ATOM 415  N N    . LEU A 1 27  ? -7.939  4.704   7.094   1.00 0.99 ? 40  LEU A N    1 
ATOM 416  C CA   . LEU A 1 27  ? -6.856  4.475   8.107   1.00 0.91 ? 40  LEU A CA   1 
ATOM 417  C C    . LEU A 1 27  ? -6.858  5.616   9.126   1.00 1.06 ? 40  LEU A C    1 
ATOM 418  O O    . LEU A 1 27  ? -7.444  6.659   8.905   1.00 1.42 ? 40  LEU A O    1 
ATOM 419  C CB   . LEU A 1 27  ? -5.475  4.407   7.427   1.00 0.85 ? 40  LEU A CB   1 
ATOM 420  C CG   . LEU A 1 27  ? -5.196  5.692   6.642   1.00 0.87 ? 40  LEU A CG   1 
ATOM 421  C CD1  . LEU A 1 27  ? -3.684  5.945   6.613   1.00 1.15 ? 40  LEU A CD1  1 
ATOM 422  C CD2  . LEU A 1 27  ? -5.719  5.543   5.207   1.00 1.35 ? 40  LEU A CD2  1 
ATOM 423  H H    . LEU A 1 27  ? -7.862  5.440   6.454   1.00 1.12 ? 40  LEU A H    1 
ATOM 424  H HA   . LEU A 1 27  ? -7.044  3.545   8.621   1.00 1.01 ? 40  LEU A HA   1 
ATOM 425  H HB2  . LEU A 1 27  ? -4.710  4.284   8.181   1.00 1.08 ? 40  LEU A HB2  1 
ATOM 426  H HB3  . LEU A 1 27  ? -5.443  3.569   6.751   1.00 1.19 ? 40  LEU A HB3  1 
ATOM 427  H HG   . LEU A 1 27  ? -5.690  6.524   7.124   1.00 1.23 ? 40  LEU A HG   1 
ATOM 428  H HD11 . LEU A 1 27  ? -3.284  5.849   7.612   1.00 1.70 ? 40  LEU A HD11 1 
ATOM 429  H HD12 . LEU A 1 27  ? -3.211  5.220   5.966   1.00 1.60 ? 40  LEU A HD12 1 
ATOM 430  H HD13 . LEU A 1 27  ? -3.491  6.940   6.241   1.00 1.59 ? 40  LEU A HD13 1 
ATOM 431  H HD21 . LEU A 1 27  ? -5.998  4.517   5.024   1.00 1.79 ? 40  LEU A HD21 1 
ATOM 432  H HD22 . LEU A 1 27  ? -6.582  6.177   5.074   1.00 1.80 ? 40  LEU A HD22 1 
ATOM 433  H HD23 . LEU A 1 27  ? -4.951  5.835   4.505   1.00 1.84 ? 40  LEU A HD23 1 
ATOM 434  N N    . ASN A 1 28  ? -6.200  5.422   10.241  1.00 1.11 ? 41  ASN A N    1 
ATOM 435  C CA   . ASN A 1 28  ? -6.150  6.488   11.284  1.00 1.37 ? 41  ASN A CA   1 
ATOM 436  C C    . ASN A 1 28  ? -4.761  7.136   11.278  1.00 1.10 ? 41  ASN A C    1 
ATOM 437  O O    . ASN A 1 28  ? -3.947  6.868   10.415  1.00 1.42 ? 41  ASN A O    1 
ATOM 438  C CB   . ASN A 1 28  ? -6.426  5.866   12.659  1.00 2.12 ? 41  ASN A CB   1 
ATOM 439  C CG   . ASN A 1 28  ? -7.389  6.758   13.446  1.00 2.73 ? 41  ASN A CG   1 
ATOM 440  O OD1  . ASN A 1 28  ? -6.966  7.579   14.236  1.00 3.39 ? 41  ASN A OD1  1 
ATOM 441  N ND2  . ASN A 1 28  ? -8.675  6.632   13.263  1.00 3.08 ? 41  ASN A ND2  1 
ATOM 442  H H    . ASN A 1 28  ? -5.736  4.572   10.391  1.00 1.20 ? 41  ASN A H    1 
ATOM 443  H HA   . ASN A 1 28  ? -6.897  7.237   11.068  1.00 1.62 ? 41  ASN A HA   1 
ATOM 444  H HB2  . ASN A 1 28  ? -6.870  4.889   12.527  1.00 2.53 ? 41  ASN A HB2  1 
ATOM 445  H HB3  . ASN A 1 28  ? -5.501  5.767   13.207  1.00 2.24 ? 41  ASN A HB3  1 
ATOM 446  H HD21 . ASN A 1 28  ? -9.017  5.971   12.625  1.00 3.12 ? 41  ASN A HD21 1 
ATOM 447  H HD22 . ASN A 1 28  ? -9.300  7.200   13.761  1.00 3.62 ? 41  ASN A HD22 1 
ATOM 448  N N    . SER A 1 29  ? -4.490  7.989   12.234  1.00 1.29 ? 42  SER A N    1 
ATOM 449  C CA   . SER A 1 29  ? -3.158  8.661   12.292  1.00 1.71 ? 42  SER A CA   1 
ATOM 450  C C    . SER A 1 29  ? -2.067  7.626   12.578  1.00 1.31 ? 42  SER A C    1 
ATOM 451  O O    . SER A 1 29  ? -0.977  7.696   12.040  1.00 1.29 ? 42  SER A O    1 
ATOM 452  C CB   . SER A 1 29  ? -3.165  9.711   13.403  1.00 2.54 ? 42  SER A CB   1 
ATOM 453  O OG   . SER A 1 29  ? -4.463  10.284  13.498  1.00 2.95 ? 42  SER A OG   1 
ATOM 454  H H    . SER A 1 29  ? -5.165  8.187   12.916  1.00 1.59 ? 42  SER A H    1 
ATOM 455  H HA   . SER A 1 29  ? -2.957  9.142   11.345  1.00 2.05 ? 42  SER A HA   1 
ATOM 456  H HB2  . SER A 1 29  ? -2.914  9.247   14.342  1.00 2.94 ? 42  SER A HB2  1 
ATOM 457  H HB3  . SER A 1 29  ? -2.437  10.479  13.177  1.00 2.97 ? 42  SER A HB3  1 
ATOM 458  H HG   . SER A 1 29  ? -4.880  9.946   14.294  1.00 3.36 ? 42  SER A HG   1 
ATOM 459  N N    . GLU A 1 30  ? -2.353  6.668   13.423  1.00 1.18 ? 43  GLU A N    1 
ATOM 460  C CA   . GLU A 1 30  ? -1.337  5.625   13.753  1.00 1.00 ? 43  GLU A CA   1 
ATOM 461  C C    . GLU A 1 30  ? -1.047  4.778   12.513  1.00 0.88 ? 43  GLU A C    1 
ATOM 462  O O    . GLU A 1 30  ? 0.091   4.459   12.222  1.00 0.87 ? 43  GLU A O    1 
ATOM 463  C CB   . GLU A 1 30  ? -1.873  4.727   14.869  1.00 1.21 ? 43  GLU A CB   1 
ATOM 464  C CG   . GLU A 1 30  ? -0.741  3.849   15.407  1.00 1.53 ? 43  GLU A CG   1 
ATOM 465  C CD   . GLU A 1 30  ? -0.938  3.623   16.908  1.00 2.13 ? 43  GLU A CD   1 
ATOM 466  O OE1  . GLU A 1 30  ? -1.833  2.873   17.262  1.00 2.57 ? 43  GLU A OE1  1 
ATOM 467  O OE2  . GLU A 1 30  ? -0.191  4.205   17.677  1.00 2.76 ? 43  GLU A OE2  1 
ATOM 468  H H    . GLU A 1 30  ? -3.237  6.636   13.843  1.00 1.36 ? 43  GLU A H    1 
ATOM 469  H HA   . GLU A 1 30  ? -0.426  6.102   14.083  1.00 1.03 ? 43  GLU A HA   1 
ATOM 470  H HB2  . GLU A 1 30  ? -2.265  5.341   15.668  1.00 1.67 ? 43  GLU A HB2  1 
ATOM 471  H HB3  . GLU A 1 30  ? -2.659  4.098   14.479  1.00 1.66 ? 43  GLU A HB3  1 
ATOM 472  H HG2  . GLU A 1 30  ? -0.750  2.898   14.895  1.00 2.05 ? 43  GLU A HG2  1 
ATOM 473  H HG3  . GLU A 1 30  ? 0.206   4.340   15.241  1.00 1.86 ? 43  GLU A HG3  1 
ATOM 474  N N    . ASP A 1 31  ? -2.070  4.409   11.783  1.00 0.86 ? 44  ASP A N    1 
ATOM 475  C CA   . ASP A 1 31  ? -1.866  3.578   10.558  1.00 0.78 ? 44  ASP A CA   1 
ATOM 476  C C    . ASP A 1 31  ? -0.989  4.339   9.561   1.00 0.71 ? 44  ASP A C    1 
ATOM 477  O O    . ASP A 1 31  ? -0.221  3.752   8.815   1.00 0.64 ? 44  ASP A O    1 
ATOM 478  C CB   . ASP A 1 31  ? -3.222  3.278   9.920   1.00 0.81 ? 44  ASP A CB   1 
ATOM 479  C CG   . ASP A 1 31  ? -3.906  2.141   10.681  1.00 1.00 ? 44  ASP A CG   1 
ATOM 480  O OD1  . ASP A 1 31  ? -4.616  2.432   11.630  1.00 1.61 ? 44  ASP A OD1  1 
ATOM 481  O OD2  . ASP A 1 31  ? -3.708  0.997   10.303  1.00 1.51 ? 44  ASP A OD2  1 
ATOM 482  H H    . ASP A 1 31  ? -2.975  4.679   12.043  1.00 0.95 ? 44  ASP A H    1 
ATOM 483  H HA   . ASP A 1 31  ? -1.383  2.652   10.829  1.00 0.78 ? 44  ASP A HA   1 
ATOM 484  H HB2  . ASP A 1 31  ? -3.841  4.163   9.960   1.00 0.97 ? 44  ASP A HB2  1 
ATOM 485  H HB3  . ASP A 1 31  ? -3.080  2.985   8.890   1.00 0.86 ? 44  ASP A HB3  1 
ATOM 486  N N    . MET A 1 32  ? -1.087  5.644   9.545   1.00 0.77 ? 45  MET A N    1 
ATOM 487  C CA   . MET A 1 32  ? -0.255  6.442   8.601   1.00 0.74 ? 45  MET A CA   1 
ATOM 488  C C    . MET A 1 32  ? 1.227   6.203   8.917   1.00 0.71 ? 45  MET A C    1 
ATOM 489  O O    . MET A 1 32  ? 2.030   5.957   8.039   1.00 0.67 ? 45  MET A O    1 
ATOM 490  C CB   . MET A 1 32  ? -0.580  7.929   8.759   1.00 0.84 ? 45  MET A CB   1 
ATOM 491  C CG   . MET A 1 32  ? -1.676  8.322   7.768   1.00 1.17 ? 45  MET A CG   1 
ATOM 492  S SD   . MET A 1 32  ? -1.506  10.073  7.342   1.00 1.37 ? 45  MET A SD   1 
ATOM 493  C CE   . MET A 1 32  ? -3.047  10.642  8.098   1.00 2.01 ? 45  MET A CE   1 
ATOM 494  H H    . MET A 1 32  ? -1.701  6.096   10.159  1.00 0.85 ? 45  MET A H    1 
ATOM 495  H HA   . MET A 1 32  ? -0.469  6.127   7.588   1.00 0.71 ? 45  MET A HA   1 
ATOM 496  H HB2  . MET A 1 32  ? -0.921  8.117   9.767   1.00 1.18 ? 45  MET A HB2  1 
ATOM 497  H HB3  . MET A 1 32  ? 0.306   8.514   8.563   1.00 1.09 ? 45  MET A HB3  1 
ATOM 498  H HG2  . MET A 1 32  ? -1.584  7.724   6.872   1.00 1.61 ? 45  MET A HG2  1 
ATOM 499  H HG3  . MET A 1 32  ? -2.644  8.153   8.215   1.00 1.63 ? 45  MET A HG3  1 
ATOM 500  H HE1  . MET A 1 32  ? -3.860  10.007  7.782   1.00 2.37 ? 45  MET A HE1  1 
ATOM 501  H HE2  . MET A 1 32  ? -2.956  10.599  9.174   1.00 2.53 ? 45  MET A HE2  1 
ATOM 502  H HE3  . MET A 1 32  ? -3.246  11.658  7.788   1.00 2.53 ? 45  MET A HE3  1 
ATOM 503  N N    . ASP A 1 33  ? 1.586   6.262   10.175  1.00 0.77 ? 46  ASP A N    1 
ATOM 504  C CA   . ASP A 1 33  ? 3.011   6.031   10.568  1.00 0.79 ? 46  ASP A CA   1 
ATOM 505  C C    . ASP A 1 33  ? 3.465   4.644   10.094  1.00 0.70 ? 46  ASP A C    1 
ATOM 506  O O    . ASP A 1 33  ? 4.630   4.420   9.842   1.00 0.68 ? 46  ASP A O    1 
ATOM 507  C CB   . ASP A 1 33  ? 3.136   6.114   12.091  1.00 0.91 ? 46  ASP A CB   1 
ATOM 508  C CG   . ASP A 1 33  ? 3.192   7.582   12.519  1.00 1.10 ? 46  ASP A CG   1 
ATOM 509  O OD1  . ASP A 1 33  ? 3.806   8.362   11.809  1.00 1.51 ? 46  ASP A OD1  1 
ATOM 510  O OD2  . ASP A 1 33  ? 2.622   7.901   13.549  1.00 1.79 ? 46  ASP A OD2  1 
ATOM 511  H H    . ASP A 1 33  ? 0.914   6.451   10.863  1.00 0.83 ? 46  ASP A H    1 
ATOM 512  H HA   . ASP A 1 33  ? 3.635   6.787   10.115  1.00 0.81 ? 46  ASP A HA   1 
ATOM 513  H HB2  . ASP A 1 33  ? 2.280   5.638   12.549  1.00 1.12 ? 46  ASP A HB2  1 
ATOM 514  H HB3  . ASP A 1 33  ? 4.039   5.614   12.407  1.00 1.16 ? 46  ASP A HB3  1 
ATOM 515  N N    . ILE A 1 34  ? 2.546   3.719   9.974   1.00 0.66 ? 47  ILE A N    1 
ATOM 516  C CA   . ILE A 1 34  ? 2.901   2.342   9.513   1.00 0.61 ? 47  ILE A CA   1 
ATOM 517  C C    . ILE A 1 34  ? 3.347   2.388   8.039   1.00 0.54 ? 47  ILE A C    1 
ATOM 518  O O    . ILE A 1 34  ? 4.500   2.172   7.724   1.00 0.53 ? 47  ILE A O    1 
ATOM 519  C CB   . ILE A 1 34  ? 1.668   1.449   9.673   1.00 0.62 ? 47  ILE A CB   1 
ATOM 520  C CG1  . ILE A 1 34  ? 1.278   1.394   11.155  1.00 0.73 ? 47  ILE A CG1  1 
ATOM 521  C CG2  . ILE A 1 34  ? 1.965   0.037   9.169   1.00 0.56 ? 47  ILE A CG2  1 
ATOM 522  C CD1  . ILE A 1 34  ? -0.032  0.618   11.316  1.00 1.53 ? 47  ILE A CD1  1 
ATOM 523  H H    . ILE A 1 34  ? 1.614   3.931   10.186  1.00 0.70 ? 47  ILE A H    1 
ATOM 524  H HA   . ILE A 1 34  ? 3.707   1.957   10.120  1.00 0.63 ? 47  ILE A HA   1 
ATOM 525  H HB   . ILE A 1 34  ? 0.856   1.864   9.105   1.00 0.64 ? 47  ILE A HB   1 
ATOM 526  H HG12 . ILE A 1 34  ? 2.060   0.900   11.713  1.00 1.03 ? 47  ILE A HG12 1 
ATOM 527  H HG13 . ILE A 1 34  ? 1.147   2.397   11.530  1.00 1.32 ? 47  ILE A HG13 1 
ATOM 528  H HG21 . ILE A 1 34  ? 3.031   -0.130  9.180   1.00 1.16 ? 47  ILE A HG21 1 
ATOM 529  H HG22 . ILE A 1 34  ? 1.481   -0.683  9.808   1.00 1.12 ? 47  ILE A HG22 1 
ATOM 530  H HG23 . ILE A 1 34  ? 1.593   -0.068  8.159   1.00 1.07 ? 47  ILE A HG23 1 
ATOM 531  H HD11 . ILE A 1 34  ? -0.675  0.817   10.471  1.00 2.16 ? 47  ILE A HD11 1 
ATOM 532  H HD12 . ILE A 1 34  ? 0.180   -0.440  11.365  1.00 1.84 ? 47  ILE A HD12 1 
ATOM 533  H HD13 . ILE A 1 34  ? -0.525  0.929   12.225  1.00 2.15 ? 47  ILE A HD13 1 
ATOM 534  N N    . LEU A 1 35  ? 2.433   2.660   7.138   1.00 0.54 ? 48  LEU A N    1 
ATOM 535  C CA   . LEU A 1 35  ? 2.768   2.722   5.682   1.00 0.52 ? 48  LEU A CA   1 
ATOM 536  C C    . LEU A 1 35  ? 3.935   3.693   5.427   1.00 0.54 ? 48  LEU A C    1 
ATOM 537  O O    . LEU A 1 35  ? 4.558   3.638   4.385   1.00 0.61 ? 48  LEU A O    1 
ATOM 538  C CB   . LEU A 1 35  ? 1.538   3.188   4.886   1.00 0.56 ? 48  LEU A CB   1 
ATOM 539  C CG   . LEU A 1 35  ? 0.395   2.169   5.027   1.00 0.53 ? 48  LEU A CG   1 
ATOM 540  C CD1  . LEU A 1 35  ? -0.920  2.790   4.518   1.00 0.60 ? 48  LEU A CD1  1 
ATOM 541  C CD2  . LEU A 1 35  ? 0.705   0.918   4.198   1.00 0.53 ? 48  LEU A CD2  1 
ATOM 542  H H    . LEU A 1 35  ? 1.518   2.811   7.417   1.00 0.57 ? 48  LEU A H    1 
ATOM 543  H HA   . LEU A 1 35  ? 3.051   1.743   5.344   1.00 0.50 ? 48  LEU A HA   1 
ATOM 544  H HB2  . LEU A 1 35  ? 1.212   4.147   5.263   1.00 0.67 ? 48  LEU A HB2  1 
ATOM 545  H HB3  . LEU A 1 35  ? 1.802   3.285   3.844   1.00 0.58 ? 48  LEU A HB3  1 
ATOM 546  H HG   . LEU A 1 35  ? 0.287   1.893   6.070   1.00 0.61 ? 48  LEU A HG   1 
ATOM 547  H HD11 . LEU A 1 35  ? -0.822  3.864   4.477   1.00 1.22 ? 48  LEU A HD11 1 
ATOM 548  H HD12 . LEU A 1 35  ? -1.143  2.412   3.528   1.00 1.24 ? 48  LEU A HD12 1 
ATOM 549  H HD13 . LEU A 1 35  ? -1.726  2.530   5.187   1.00 1.10 ? 48  LEU A HD13 1 
ATOM 550  H HD21 . LEU A 1 35  ? 1.708   0.584   4.406   1.00 1.08 ? 48  LEU A HD21 1 
ATOM 551  H HD22 . LEU A 1 35  ? 0.004   0.137   4.452   1.00 1.10 ? 48  LEU A HD22 1 
ATOM 552  H HD23 . LEU A 1 35  ? 0.612   1.149   3.148   1.00 1.12 ? 48  LEU A HD23 1 
ATOM 553  N N    . MET A 1 36  ? 4.235   4.584   6.351   1.00 0.59 ? 49  MET A N    1 
ATOM 554  C CA   . MET A 1 36  ? 5.364   5.542   6.123   1.00 0.62 ? 49  MET A CA   1 
ATOM 555  C C    . MET A 1 36  ? 6.691   4.930   6.596   1.00 0.66 ? 49  MET A C    1 
ATOM 556  O O    . MET A 1 36  ? 7.732   5.194   6.024   1.00 0.82 ? 49  MET A O    1 
ATOM 557  C CB   . MET A 1 36  ? 5.113   6.848   6.879   1.00 0.72 ? 49  MET A CB   1 
ATOM 558  C CG   . MET A 1 36  ? 6.160   7.879   6.443   1.00 0.89 ? 49  MET A CG   1 
ATOM 559  S SD   . MET A 1 36  ? 5.617   9.541   6.909   1.00 1.74 ? 49  MET A SD   1 
ATOM 560  C CE   . MET A 1 36  ? 5.445   10.194  5.228   1.00 2.11 ? 49  MET A CE   1 
ATOM 561  H H    . MET A 1 36  ? 3.719   4.629   7.180   1.00 0.66 ? 49  MET A H    1 
ATOM 562  H HA   . MET A 1 36  ? 5.433   5.754   5.066   1.00 0.60 ? 49  MET A HA   1 
ATOM 563  H HB2  . MET A 1 36  ? 4.124   7.215   6.648   1.00 0.85 ? 49  MET A HB2  1 
ATOM 564  H HB3  . MET A 1 36  ? 5.199   6.676   7.940   1.00 0.79 ? 49  MET A HB3  1 
ATOM 565  H HG2  . MET A 1 36  ? 7.101   7.662   6.924   1.00 1.24 ? 49  MET A HG2  1 
ATOM 566  H HG3  . MET A 1 36  ? 6.287   7.830   5.372   1.00 1.46 ? 49  MET A HG3  1 
ATOM 567  H HE1  . MET A 1 36  ? 5.304   9.373   4.537   1.00 2.48 ? 49  MET A HE1  1 
ATOM 568  H HE2  . MET A 1 36  ? 4.590   10.850  5.181   1.00 2.44 ? 49  MET A HE2  1 
ATOM 569  H HE3  . MET A 1 36  ? 6.335   10.746  4.964   1.00 2.34 ? 49  MET A HE3  1 
ATOM 570  N N    . GLU A 1 37  ? 6.672   4.114   7.629   1.00 0.64 ? 50  GLU A N    1 
ATOM 571  C CA   . GLU A 1 37  ? 7.947   3.490   8.119   1.00 0.70 ? 50  GLU A CA   1 
ATOM 572  C C    . GLU A 1 37  ? 8.560   2.665   6.988   1.00 0.70 ? 50  GLU A C    1 
ATOM 573  O O    . GLU A 1 37  ? 8.010   1.662   6.574   1.00 0.91 ? 50  GLU A O    1 
ATOM 574  C CB   . GLU A 1 37  ? 7.673   2.576   9.330   1.00 0.74 ? 50  GLU A CB   1 
ATOM 575  C CG   . GLU A 1 37  ? 8.223   3.226   10.602  1.00 0.95 ? 50  GLU A CG   1 
ATOM 576  C CD   . GLU A 1 37  ? 7.289   4.352   11.047  1.00 1.24 ? 50  GLU A CD   1 
ATOM 577  O OE1  . GLU A 1 37  ? 7.496   5.474   10.614  1.00 1.79 ? 50  GLU A OE1  1 
ATOM 578  O OE2  . GLU A 1 37  ? 6.381   4.075   11.813  1.00 1.70 ? 50  GLU A OE2  1 
ATOM 579  H H    . GLU A 1 37  ? 5.827   3.910   8.073   1.00 0.69 ? 50  GLU A H    1 
ATOM 580  H HA   . GLU A 1 37  ? 8.639   4.271   8.403   1.00 0.79 ? 50  GLU A HA   1 
ATOM 581  H HB2  . GLU A 1 37  ? 6.609   2.419   9.436   1.00 0.85 ? 50  GLU A HB2  1 
ATOM 582  H HB3  . GLU A 1 37  ? 8.161   1.621   9.183   1.00 0.92 ? 50  GLU A HB3  1 
ATOM 583  H HG2  . GLU A 1 37  ? 8.292   2.482   11.383  1.00 0.97 ? 50  GLU A HG2  1 
ATOM 584  H HG3  . GLU A 1 37  ? 9.205   3.630   10.403  1.00 1.29 ? 50  GLU A HG3  1 
ATOM 585  N N    . ARG A 1 38  ? 9.685   3.092   6.473   1.00 0.76 ? 51  ARG A N    1 
ATOM 586  C CA   . ARG A 1 38  ? 10.342  2.350   5.344   1.00 0.79 ? 51  ARG A CA   1 
ATOM 587  C C    . ARG A 1 38  ? 10.465  0.858   5.673   1.00 0.73 ? 51  ARG A C    1 
ATOM 588  O O    . ARG A 1 38  ? 10.193  0.009   4.843   1.00 0.70 ? 51  ARG A O    1 
ATOM 589  C CB   . ARG A 1 38  ? 11.742  2.926   5.055   1.00 1.00 ? 51  ARG A CB   1 
ATOM 590  C CG   . ARG A 1 38  ? 12.456  3.317   6.360   1.00 1.33 ? 51  ARG A CG   1 
ATOM 591  C CD   . ARG A 1 38  ? 13.853  2.691   6.404   1.00 1.77 ? 51  ARG A CD   1 
ATOM 592  N NE   . ARG A 1 38  ? 14.792  3.506   5.573   1.00 2.50 ? 51  ARG A NE   1 
ATOM 593  C CZ   . ARG A 1 38  ? 15.174  4.712   5.949   1.00 2.83 ? 51  ARG A CZ   1 
ATOM 594  N NH1  . ARG A 1 38  ? 14.749  5.250   7.069   1.00 2.96 ? 51  ARG A NH1  1 
ATOM 595  N NH2  . ARG A 1 38  ? 15.994  5.386   5.189   1.00 3.53 ? 51  ARG A NH2  1 
ATOM 596  H H    . ARG A 1 38  ? 10.093  3.913   6.819   1.00 0.97 ? 51  ARG A H    1 
ATOM 597  H HA   . ARG A 1 38  ? 9.736   2.463   4.463   1.00 0.83 ? 51  ARG A HA   1 
ATOM 598  H HB2  . ARG A 1 38  ? 12.328  2.183   4.534   1.00 1.50 ? 51  ARG A HB2  1 
ATOM 599  H HB3  . ARG A 1 38  ? 11.642  3.801   4.430   1.00 1.64 ? 51  ARG A HB3  1 
ATOM 600  H HG2  . ARG A 1 38  ? 12.542  4.392   6.404   1.00 1.91 ? 51  ARG A HG2  1 
ATOM 601  H HG3  . ARG A 1 38  ? 11.881  2.971   7.203   1.00 1.91 ? 51  ARG A HG3  1 
ATOM 602  H HD2  . ARG A 1 38  ? 14.204  2.668   7.427   1.00 2.02 ? 51  ARG A HD2  1 
ATOM 603  H HD3  . ARG A 1 38  ? 13.810  1.683   6.017   1.00 2.02 ? 51  ARG A HD3  1 
ATOM 604  H HE   . ARG A 1 38  ? 15.130  3.137   4.730   1.00 3.05 ? 51  ARG A HE   1 
ATOM 605  H HH11 . ARG A 1 38  ? 14.122  4.751   7.665   1.00 2.76 ? 51  ARG A HH11 1 
ATOM 606  H HH12 . ARG A 1 38  ? 15.057  6.165   7.328   1.00 3.57 ? 51  ARG A HH12 1 
ATOM 607  H HH21 . ARG A 1 38  ? 16.323  4.988   4.333   1.00 3.91 ? 51  ARG A HH21 1 
ATOM 608  H HH22 . ARG A 1 38  ? 16.291  6.301   5.461   1.00 3.90 ? 51  ARG A HH22 1 
ATOM 609  N N    . ASN A 1 39  ? 10.867  0.532   6.873   1.00 0.82 ? 52  ASN A N    1 
ATOM 610  C CA   . ASN A 1 39  ? 11.011  -0.899  7.251   1.00 0.89 ? 52  ASN A CA   1 
ATOM 611  C C    . ASN A 1 39  ? 9.631   -1.553  7.363   1.00 0.84 ? 52  ASN A C    1 
ATOM 612  O O    . ASN A 1 39  ? 9.471   -2.729  7.090   1.00 1.11 ? 52  ASN A O    1 
ATOM 613  C CB   . ASN A 1 39  ? 11.739  -1.005  8.596   1.00 1.09 ? 52  ASN A CB   1 
ATOM 614  C CG   . ASN A 1 39  ? 12.730  -2.174  8.549   1.00 1.32 ? 52  ASN A CG   1 
ATOM 615  O OD1  . ASN A 1 39  ? 13.807  -2.095  9.103   1.00 1.90 ? 52  ASN A OD1  1 
ATOM 616  N ND2  . ASN A 1 39  ? 12.409  -3.263  7.903   1.00 1.15 ? 52  ASN A ND2  1 
ATOM 617  H H    . ASN A 1 39  ? 11.075  1.231   7.526   1.00 0.91 ? 52  ASN A H    1 
ATOM 618  H HA   . ASN A 1 39  ? 11.587  -1.409  6.492   1.00 0.91 ? 52  ASN A HA   1 
ATOM 619  H HB2  . ASN A 1 39  ? 12.272  -0.086  8.788   1.00 1.21 ? 52  ASN A HB2  1 
ATOM 620  H HB3  . ASN A 1 39  ? 11.020  -1.175  9.385   1.00 1.16 ? 52  ASN A HB3  1 
ATOM 621  H HD21 . ASN A 1 39  ? 11.543  -3.329  7.456   1.00 1.07 ? 52  ASN A HD21 1 
ATOM 622  H HD22 . ASN A 1 39  ? 13.037  -4.011  7.858   1.00 1.34 ? 52  ASN A HD22 1 
ATOM 623  N N    . LEU A 1 40  ? 8.634   -0.810  7.772   1.00 0.64 ? 53  LEU A N    1 
ATOM 624  C CA   . LEU A 1 40  ? 7.277   -1.411  7.913   1.00 0.63 ? 53  LEU A CA   1 
ATOM 625  C C    . LEU A 1 40  ? 6.490   -1.293  6.608   1.00 0.55 ? 53  LEU A C    1 
ATOM 626  O O    . LEU A 1 40  ? 5.292   -1.444  6.616   1.00 0.66 ? 53  LEU A O    1 
ATOM 627  C CB   . LEU A 1 40  ? 6.490   -0.694  9.019   1.00 0.74 ? 53  LEU A CB   1 
ATOM 628  C CG   . LEU A 1 40  ? 6.925   -1.186  10.404  1.00 0.72 ? 53  LEU A CG   1 
ATOM 629  C CD1  . LEU A 1 40  ? 6.642   -2.685  10.529  1.00 1.05 ? 53  LEU A CD1  1 
ATOM 630  C CD2  . LEU A 1 40  ? 8.420   -0.924  10.604  1.00 1.68 ? 53  LEU A CD2  1 
ATOM 631  H H    . LEU A 1 40  ? 8.783   0.131   7.997   1.00 0.65 ? 53  LEU A H    1 
ATOM 632  H HA   . LEU A 1 40  ? 7.382   -2.454  8.170   1.00 0.65 ? 53  LEU A HA   1 
ATOM 633  H HB2  . LEU A 1 40  ? 6.661   0.366   8.946   1.00 1.15 ? 53  LEU A HB2  1 
ATOM 634  H HB3  . LEU A 1 40  ? 5.437   -0.892  8.888   1.00 1.01 ? 53  LEU A HB3  1 
ATOM 635  H HG   . LEU A 1 40  ? 6.364   -0.656  11.161  1.00 1.34 ? 53  LEU A HG   1 
ATOM 636  H HD11 . LEU A 1 40  ? 5.703   -2.914  10.046  1.00 1.69 ? 53  LEU A HD11 1 
ATOM 637  H HD12 . LEU A 1 40  ? 7.436   -3.241  10.054  1.00 1.50 ? 53  LEU A HD12 1 
ATOM 638  H HD13 . LEU A 1 40  ? 6.586   -2.955  11.572  1.00 1.58 ? 53  LEU A HD13 1 
ATOM 639  H HD21 . LEU A 1 40  ? 8.640   0.104   10.361  1.00 2.27 ? 53  LEU A HD21 1 
ATOM 640  H HD22 . LEU A 1 40  ? 8.684   -1.116  11.632  1.00 2.18 ? 53  LEU A HD22 1 
ATOM 641  H HD23 . LEU A 1 40  ? 8.990   -1.577  9.959   1.00 2.21 ? 53  LEU A HD23 1 
ATOM 642  N N    . ARG A 1 41  ? 7.136   -1.042  5.494   1.00 0.46 ? 54  ARG A N    1 
ATOM 643  C CA   . ARG A 1 41  ? 6.385   -0.931  4.201   1.00 0.46 ? 54  ARG A CA   1 
ATOM 644  C C    . ARG A 1 41  ? 6.009   -2.345  3.695   1.00 0.41 ? 54  ARG A C    1 
ATOM 645  O O    . ARG A 1 41  ? 4.869   -2.616  3.374   1.00 0.41 ? 54  ARG A O    1 
ATOM 646  C CB   . ARG A 1 41  ? 7.281   -0.250  3.162   1.00 0.52 ? 54  ARG A CB   1 
ATOM 647  C CG   . ARG A 1 41  ? 6.479   0.055   1.895   1.00 0.99 ? 54  ARG A CG   1 
ATOM 648  C CD   . ARG A 1 41  ? 5.682   1.358   2.066   1.00 0.63 ? 54  ARG A CD   1 
ATOM 649  N NE   . ARG A 1 41  ? 6.603   2.530   1.925   1.00 1.38 ? 54  ARG A NE   1 
ATOM 650  C CZ   . ARG A 1 41  ? 7.156   3.124   2.961   1.00 1.93 ? 54  ARG A CZ   1 
ATOM 651  N NH1  . ARG A 1 41  ? 6.942   2.727   4.186   1.00 2.44 ? 54  ARG A NH1  1 
ATOM 652  N NH2  . ARG A 1 41  ? 7.947   4.141   2.757   1.00 2.62 ? 54  ARG A NH2  1 
ATOM 653  H H    . ARG A 1 41  ? 8.112   -0.931  5.503   1.00 0.48 ? 54  ARG A H    1 
ATOM 654  H HA   . ARG A 1 41  ? 5.481   -0.334  4.360   1.00 0.55 ? 54  ARG A HA   1 
ATOM 655  H HB2  . ARG A 1 41  ? 7.677   0.664   3.570   1.00 0.68 ? 54  ARG A HB2  1 
ATOM 656  H HB3  . ARG A 1 41  ? 8.099   -0.909  2.911   1.00 0.86 ? 54  ARG A HB3  1 
ATOM 657  H HG2  . ARG A 1 41  ? 7.157   0.160   1.061   1.00 1.79 ? 54  ARG A HG2  1 
ATOM 658  H HG3  . ARG A 1 41  ? 5.800   -0.758  1.699   1.00 1.77 ? 54  ARG A HG3  1 
ATOM 659  H HD2  . ARG A 1 41  ? 4.925   1.414   1.295   1.00 0.94 ? 54  ARG A HD2  1 
ATOM 660  H HD3  . ARG A 1 41  ? 5.202   1.375   3.031   1.00 0.88 ? 54  ARG A HD3  1 
ATOM 661  H HE   . ARG A 1 41  ? 6.798   2.868   1.031   1.00 1.98 ? 54  ARG A HE   1 
ATOM 662  H HH11 . ARG A 1 41  ? 6.350   1.949   4.376   1.00 2.32 ? 54  ARG A HH11 1 
ATOM 663  H HH12 . ARG A 1 41  ? 7.371   3.215   4.939   1.00 3.24 ? 54  ARG A HH12 1 
ATOM 664  H HH21 . ARG A 1 41  ? 8.125   4.458   1.827   1.00 2.84 ? 54  ARG A HH21 1 
ATOM 665  H HH22 . ARG A 1 41  ? 8.375   4.605   3.534   1.00 3.19 ? 54  ARG A HH22 1 
ATOM 666  N N    . THR A 1 42  ? 6.972   -3.245  3.625   1.00 0.41 ? 55  THR A N    1 
ATOM 667  C CA   . THR A 1 42  ? 6.698   -4.646  3.145   1.00 0.40 ? 55  THR A CA   1 
ATOM 668  C C    . THR A 1 42  ? 5.576   -5.348  3.962   1.00 0.38 ? 55  THR A C    1 
ATOM 669  O O    . THR A 1 42  ? 4.725   -5.981  3.369   1.00 0.37 ? 55  THR A O    1 
ATOM 670  C CB   . THR A 1 42  ? 8.017   -5.471  3.162   1.00 0.43 ? 55  THR A CB   1 
ATOM 671  O OG1  . THR A 1 42  ? 8.425   -5.707  1.822   1.00 0.61 ? 55  THR A OG1  1 
ATOM 672  C CG2  . THR A 1 42  ? 7.857   -6.829  3.872   1.00 0.59 ? 55  THR A CG2  1 
ATOM 673  H H    . THR A 1 42  ? 7.883   -2.998  3.891   1.00 0.44 ? 55  THR A H    1 
ATOM 674  H HA   . THR A 1 42  ? 6.363   -4.577  2.137   1.00 0.42 ? 55  THR A HA   1 
ATOM 675  H HB   . THR A 1 42  ? 8.778   -4.904  3.661   1.00 0.51 ? 55  THR A HB   1 
ATOM 676  H HG1  . THR A 1 42  ? 9.369   -5.546  1.767   1.00 0.91 ? 55  THR A HG1  1 
ATOM 677  H HG21 . THR A 1 42  ? 6.964   -7.318  3.517   1.00 1.24 ? 55  THR A HG21 1 
ATOM 678  H HG22 . THR A 1 42  ? 8.712   -7.446  3.665   1.00 1.18 ? 55  THR A HG22 1 
ATOM 679  H HG23 . THR A 1 42  ? 7.773   -6.666  4.936   1.00 1.17 ? 55  THR A HG23 1 
ATOM 680  N N    . PRO A 1 43  ? 5.599   -5.264  5.281   1.00 0.40 ? 56  PRO A N    1 
ATOM 681  C CA   . PRO A 1 43  ? 4.568   -5.924  6.099   1.00 0.41 ? 56  PRO A CA   1 
ATOM 682  C C    . PRO A 1 43  ? 3.199   -5.333  5.757   1.00 0.38 ? 56  PRO A C    1 
ATOM 683  O O    . PRO A 1 43  ? 2.193   -6.031  5.765   1.00 0.38 ? 56  PRO A O    1 
ATOM 684  C CB   . PRO A 1 43  ? 5.035   -5.698  7.545   1.00 0.48 ? 56  PRO A CB   1 
ATOM 685  C CG   . PRO A 1 43  ? 6.024   -4.519  7.495   1.00 0.51 ? 56  PRO A CG   1 
ATOM 686  C CD   . PRO A 1 43  ? 6.597   -4.516  6.070   1.00 0.47 ? 56  PRO A CD   1 
ATOM 687  H HA   . PRO A 1 43  ? 4.565   -6.982  5.885   1.00 0.43 ? 56  PRO A HA   1 
ATOM 688  H HB2  . PRO A 1 43  ? 4.193   -5.454  8.173   1.00 0.50 ? 56  PRO A HB2  1 
ATOM 689  H HB3  . PRO A 1 43  ? 5.537   -6.576  7.917   1.00 0.53 ? 56  PRO A HB3  1 
ATOM 690  H HG2  . PRO A 1 43  ? 5.509   -3.591  7.694   1.00 0.52 ? 56  PRO A HG2  1 
ATOM 691  H HG3  . PRO A 1 43  ? 6.821   -4.668  8.206   1.00 0.56 ? 56  PRO A HG3  1 
ATOM 692  H HD2  . PRO A 1 43  ? 6.687   -3.515  5.718   1.00 0.49 ? 56  PRO A HD2  1 
ATOM 693  H HD3  . PRO A 1 43  ? 7.550   -5.019  6.028   1.00 0.50 ? 56  PRO A HD3  1 
ATOM 694  N N    . ASN A 1 44  ? 3.160   -4.083  5.347   1.00 0.40 ? 57  ASN A N    1 
ATOM 695  C CA   . ASN A 1 44  ? 1.859   -3.507  4.893   1.00 0.42 ? 57  ASN A CA   1 
ATOM 696  C C    . ASN A 1 44  ? 1.509   -4.222  3.599   1.00 0.37 ? 57  ASN A C    1 
ATOM 697  O O    . ASN A 1 44  ? 0.360   -4.492  3.320   1.00 0.39 ? 57  ASN A O    1 
ATOM 698  C CB   . ASN A 1 44  ? 1.964   -2.011  4.582   1.00 0.53 ? 57  ASN A CB   1 
ATOM 699  C CG   . ASN A 1 44  ? 2.791   -1.299  5.640   1.00 0.63 ? 57  ASN A CG   1 
ATOM 700  O OD1  . ASN A 1 44  ? 3.506   -0.372  5.334   1.00 1.57 ? 57  ASN A OD1  1 
ATOM 701  N ND2  . ASN A 1 44  ? 2.726   -1.688  6.877   1.00 0.95 ? 57  ASN A ND2  1 
ATOM 702  H H    . ASN A 1 44  ? 3.987   -3.563  5.269   1.00 0.43 ? 57  ASN A H    1 
ATOM 703  H HA   . ASN A 1 44  ? 1.095   -3.684  5.636   1.00 0.46 ? 57  ASN A HA   1 
ATOM 704  H HB2  . ASN A 1 44  ? 2.432   -1.882  3.618   1.00 0.74 ? 57  ASN A HB2  1 
ATOM 705  H HB3  . ASN A 1 44  ? 0.974   -1.586  4.558   1.00 0.65 ? 57  ASN A HB3  1 
ATOM 706  H HD21 . ASN A 1 44  ? 2.144   -2.433  7.126   1.00 1.70 ? 57  ASN A HD21 1 
ATOM 707  H HD22 . ASN A 1 44  ? 3.271   -1.243  7.554   1.00 1.01 ? 57  ASN A HD22 1 
ATOM 708  N N    . LEU A 1 45  ? 2.517   -4.551  2.812   1.00 0.36 ? 58  LEU A N    1 
ATOM 709  C CA   . LEU A 1 45  ? 2.270   -5.273  1.542   1.00 0.37 ? 58  LEU A CA   1 
ATOM 710  C C    . LEU A 1 45  ? 1.637   -6.622  1.858   1.00 0.38 ? 58  LEU A C    1 
ATOM 711  O O    . LEU A 1 45  ? 0.860   -7.137  1.085   1.00 0.45 ? 58  LEU A O    1 
ATOM 712  C CB   . LEU A 1 45  ? 3.574   -5.465  0.776   1.00 0.39 ? 58  LEU A CB   1 
ATOM 713  C CG   . LEU A 1 45  ? 3.263   -5.403  -0.718  1.00 0.49 ? 58  LEU A CG   1 
ATOM 714  C CD1  . LEU A 1 45  ? 4.492   -4.920  -1.489  1.00 1.15 ? 58  LEU A CD1  1 
ATOM 715  C CD2  . LEU A 1 45  ? 2.843   -6.796  -1.197  1.00 1.36 ? 58  LEU A CD2  1 
ATOM 716  H H    . LEU A 1 45  ? 3.441   -4.332  3.075   1.00 0.39 ? 58  LEU A H    1 
ATOM 717  H HA   . LEU A 1 45  ? 1.590   -4.706  0.938   1.00 0.41 ? 58  LEU A HA   1 
ATOM 718  H HB2  . LEU A 1 45  ? 4.270   -4.680  1.039   1.00 0.45 ? 58  LEU A HB2  1 
ATOM 719  H HB3  . LEU A 1 45  ? 3.999   -6.425  1.017   1.00 0.50 ? 58  LEU A HB3  1 
ATOM 720  H HG   . LEU A 1 45  ? 2.451   -4.711  -0.884  1.00 1.13 ? 58  LEU A HG   1 
ATOM 721  H HD11 . LEU A 1 45  ? 5.098   -4.299  -0.845  1.00 1.72 ? 58  LEU A HD11 1 
ATOM 722  H HD12 . LEU A 1 45  ? 5.070   -5.766  -1.819  1.00 1.74 ? 58  LEU A HD12 1 
ATOM 723  H HD13 . LEU A 1 45  ? 4.174   -4.343  -2.345  1.00 1.70 ? 58  LEU A HD13 1 
ATOM 724  H HD21 . LEU A 1 45  ? 2.488   -7.374  -0.360  1.00 1.96 ? 58  LEU A HD21 1 
ATOM 725  H HD22 . LEU A 1 45  ? 2.053   -6.701  -1.926  1.00 1.60 ? 58  LEU A HD22 1 
ATOM 726  H HD23 . LEU A 1 45  ? 3.684   -7.296  -1.639  1.00 2.08 ? 58  LEU A HD23 1 
ATOM 727  N N    . LEU A 1 46  ? 1.928   -7.178  3.008   1.00 0.37 ? 59  LEU A N    1 
ATOM 728  C CA   . LEU A 1 46  ? 1.297   -8.472  3.387   1.00 0.42 ? 59  LEU A CA   1 
ATOM 729  C C    . LEU A 1 46  ? -0.202  -8.213  3.557   1.00 0.42 ? 59  LEU A C    1 
ATOM 730  O O    . LEU A 1 46  ? -1.039  -8.977  3.108   1.00 0.47 ? 59  LEU A O    1 
ATOM 731  C CB   . LEU A 1 46  ? 1.903   -8.973  4.705   1.00 0.47 ? 59  LEU A CB   1 
ATOM 732  C CG   . LEU A 1 46  ? 2.671   -10.274 4.455   1.00 0.72 ? 59  LEU A CG   1 
ATOM 733  C CD1  . LEU A 1 46  ? 3.830   -10.012 3.488   1.00 1.18 ? 59  LEU A CD1  1 
ATOM 734  C CD2  . LEU A 1 46  ? 3.222   -10.795 5.781   1.00 1.44 ? 59  LEU A CD2  1 
ATOM 735  H H    . LEU A 1 46  ? 2.538   -6.730  3.632   1.00 0.37 ? 59  LEU A H    1 
ATOM 736  H HA   . LEU A 1 46  ? 1.460   -9.201  2.606   1.00 0.46 ? 59  LEU A HA   1 
ATOM 737  H HB2  . LEU A 1 46  ? 2.578   -8.227  5.096   1.00 0.55 ? 59  LEU A HB2  1 
ATOM 738  H HB3  . LEU A 1 46  ? 1.116   -9.157  5.422   1.00 0.64 ? 59  LEU A HB3  1 
ATOM 739  H HG   . LEU A 1 46  ? 2.005   -11.008 4.026   1.00 1.56 ? 59  LEU A HG   1 
ATOM 740  H HD11 . LEU A 1 46  ? 4.428   -9.192  3.856   1.00 1.78 ? 59  LEU A HD11 1 
ATOM 741  H HD12 . LEU A 1 46  ? 4.441   -10.898 3.408   1.00 1.74 ? 59  LEU A HD12 1 
ATOM 742  H HD13 . LEU A 1 46  ? 3.435   -9.758  2.514   1.00 1.71 ? 59  LEU A HD13 1 
ATOM 743  H HD21 . LEU A 1 46  ? 2.512   -10.588 6.570   1.00 1.98 ? 59  LEU A HD21 1 
ATOM 744  H HD22 . LEU A 1 46  ? 3.382   -11.859 5.711   1.00 2.02 ? 59  LEU A HD22 1 
ATOM 745  H HD23 . LEU A 1 46  ? 4.157   -10.302 6.000   1.00 1.92 ? 59  LEU A HD23 1 
ATOM 746  N N    . ALA A 1 47  ? -0.536  -7.110  4.183   1.00 0.40 ? 60  ALA A N    1 
ATOM 747  C CA   . ALA A 1 47  ? -1.974  -6.756  4.371   1.00 0.43 ? 60  ALA A CA   1 
ATOM 748  C C    . ALA A 1 47  ? -2.553  -6.176  3.066   1.00 0.39 ? 60  ALA A C    1 
ATOM 749  O O    . ALA A 1 47  ? -3.752  -6.024  2.931   1.00 0.40 ? 60  ALA A O    1 
ATOM 750  C CB   . ALA A 1 47  ? -2.098  -5.716  5.487   1.00 0.50 ? 60  ALA A CB   1 
ATOM 751  H H    . ALA A 1 47  ? 0.167   -6.504  4.515   1.00 0.38 ? 60  ALA A H    1 
ATOM 752  H HA   . ALA A 1 47  ? -2.528  -7.641  4.644   1.00 0.47 ? 60  ALA A HA   1 
ATOM 753  H HB1  . ALA A 1 47  ? -1.222  -5.084  5.489   1.00 1.03 ? 60  ALA A HB1  1 
ATOM 754  H HB2  . ALA A 1 47  ? -2.978  -5.112  5.320   1.00 1.18 ? 60  ALA A HB2  1 
ATOM 755  H HB3  . ALA A 1 47  ? -2.182  -6.218  6.439   1.00 1.17 ? 60  ALA A HB3  1 
ATOM 756  N N    . PHE A 1 48  ? -1.714  -5.860  2.101   1.00 0.41 ? 61  PHE A N    1 
ATOM 757  C CA   . PHE A 1 48  ? -2.216  -5.303  0.808   1.00 0.40 ? 61  PHE A CA   1 
ATOM 758  C C    . PHE A 1 48  ? -2.515  -6.457  -0.150  1.00 0.40 ? 61  PHE A C    1 
ATOM 759  O O    . PHE A 1 48  ? -3.358  -6.353  -1.019  1.00 0.52 ? 61  PHE A O    1 
ATOM 760  C CB   . PHE A 1 48  ? -1.146  -4.396  0.186   1.00 0.45 ? 61  PHE A CB   1 
ATOM 761  C CG   . PHE A 1 48  ? -1.141  -3.057  0.889   1.00 0.40 ? 61  PHE A CG   1 
ATOM 762  C CD1  . PHE A 1 48  ? -2.329  -2.334  0.990   1.00 1.32 ? 61  PHE A CD1  1 
ATOM 763  C CD2  . PHE A 1 48  ? 0.042   -2.537  1.437   1.00 1.23 ? 61  PHE A CD2  1 
ATOM 764  C CE1  . PHE A 1 48  ? -2.344  -1.093  1.639   1.00 1.40 ? 61  PHE A CE1  1 
ATOM 765  C CE2  . PHE A 1 48  ? 0.026   -1.298  2.086   1.00 1.24 ? 61  PHE A CE2  1 
ATOM 766  C CZ   . PHE A 1 48  ? -1.167  -0.577  2.188   1.00 0.66 ? 61  PHE A CZ   1 
ATOM 767  H H    . PHE A 1 48  ? -0.756  -6.000  2.220   1.00 0.45 ? 61  PHE A H    1 
ATOM 768  H HA   . PHE A 1 48  ? -3.119  -4.733  0.981   1.00 0.42 ? 61  PHE A HA   1 
ATOM 769  H HB2  . PHE A 1 48  ? -0.182  -4.863  0.288   1.00 0.56 ? 61  PHE A HB2  1 
ATOM 770  H HB3  . PHE A 1 48  ? -1.365  -4.251  -0.861  1.00 0.55 ? 61  PHE A HB3  1 
ATOM 771  H HD1  . PHE A 1 48  ? -3.234  -2.735  0.565   1.00 2.19 ? 61  PHE A HD1  1 
ATOM 772  H HD2  . PHE A 1 48  ? 0.966   -3.085  1.357   1.00 2.14 ? 61  PHE A HD2  1 
ATOM 773  H HE1  . PHE A 1 48  ? -3.262  -0.533  1.716   1.00 2.32 ? 61  PHE A HE1  1 
ATOM 774  H HE2  . PHE A 1 48  ? 0.936   -0.904  2.514   1.00 2.11 ? 61  PHE A HE2  1 
ATOM 775  H HZ   . PHE A 1 48  ? -1.181  0.380   2.687   1.00 0.82 ? 61  PHE A HZ   1 
ATOM 776  N N    . VAL A 1 49  ? -1.836  -7.563  0.021   1.00 0.40 ? 62  VAL A N    1 
ATOM 777  C CA   . VAL A 1 49  ? -2.076  -8.739  -0.851  1.00 0.44 ? 62  VAL A CA   1 
ATOM 778  C C    . VAL A 1 49  ? -3.258  -9.522  -0.280  1.00 0.48 ? 62  VAL A C    1 
ATOM 779  O O    . VAL A 1 49  ? -3.988  -10.172 -1.002  1.00 0.53 ? 62  VAL A O    1 
ATOM 780  C CB   . VAL A 1 49  ? -0.829  -9.626  -0.876  1.00 0.48 ? 62  VAL A CB   1 
ATOM 781  C CG1  . VAL A 1 49  ? -1.045  -10.788 -1.847  1.00 0.55 ? 62  VAL A CG1  1 
ATOM 782  C CG2  . VAL A 1 49  ? 0.376   -8.799  -1.334  1.00 0.49 ? 62  VAL A CG2  1 
ATOM 783  H H    . VAL A 1 49  ? -1.181  -7.625  0.736   1.00 0.47 ? 62  VAL A H    1 
ATOM 784  H HA   . VAL A 1 49  ? -2.306  -8.402  -1.854  1.00 0.45 ? 62  VAL A HA   1 
ATOM 785  H HB   . VAL A 1 49  ? -0.645  -10.016 0.115   1.00 0.51 ? 62  VAL A HB   1 
ATOM 786  H HG11 . VAL A 1 49  ? -1.963  -11.300 -1.598  1.00 1.13 ? 62  VAL A HG11 1 
ATOM 787  H HG12 . VAL A 1 49  ? -1.109  -10.407 -2.857  1.00 1.07 ? 62  VAL A HG12 1 
ATOM 788  H HG13 . VAL A 1 49  ? -0.217  -11.478 -1.775  1.00 1.29 ? 62  VAL A HG13 1 
ATOM 789  H HG21 . VAL A 1 49  ? 0.270   -7.782  -0.984  1.00 1.24 ? 62  VAL A HG21 1 
ATOM 790  H HG22 . VAL A 1 49  ? 1.281   -9.227  -0.927  1.00 1.14 ? 62  VAL A HG22 1 
ATOM 791  H HG23 . VAL A 1 49  ? 0.428   -8.806  -2.412  1.00 0.98 ? 62  VAL A HG23 1 
ATOM 792  N N    . ARG A 1 50  ? -3.459  -9.454  1.014   1.00 0.51 ? 63  ARG A N    1 
ATOM 793  C CA   . ARG A 1 50  ? -4.603  -10.174 1.632   1.00 0.59 ? 63  ARG A CA   1 
ATOM 794  C C    . ARG A 1 50  ? -5.889  -9.390  1.356   1.00 0.60 ? 63  ARG A C    1 
ATOM 795  O O    . ARG A 1 50  ? -6.864  -9.934  0.870   1.00 0.65 ? 63  ARG A O    1 
ATOM 796  C CB   . ARG A 1 50  ? -4.384  -10.284 3.143   1.00 0.62 ? 63  ARG A CB   1 
ATOM 797  C CG   . ARG A 1 50  ? -3.647  -11.587 3.462   1.00 1.08 ? 63  ARG A CG   1 
ATOM 798  C CD   . ARG A 1 50  ? -4.660  -12.669 3.842   1.00 1.54 ? 63  ARG A CD   1 
ATOM 799  N NE   . ARG A 1 50  ? -4.872  -12.657 5.323   1.00 2.01 ? 63  ARG A NE   1 
ATOM 800  C CZ   . ARG A 1 50  ? -3.919  -13.026 6.157   1.00 2.55 ? 63  ARG A CZ   1 
ATOM 801  N NH1  . ARG A 1 50  ? -2.744  -13.425 5.727   1.00 2.97 ? 63  ARG A NH1  1 
ATOM 802  N NH2  . ARG A 1 50  ? -4.150  -12.997 7.442   1.00 3.26 ? 63  ARG A NH2  1 
ATOM 803  H H    . ARG A 1 50  ? -2.860  -8.917  1.579   1.00 0.52 ? 63  ARG A H    1 
ATOM 804  H HA   . ARG A 1 50  ? -4.682  -11.163 1.204   1.00 0.63 ? 63  ARG A HA   1 
ATOM 805  H HB2  . ARG A 1 50  ? -3.794  -9.444  3.481   1.00 0.86 ? 63  ARG A HB2  1 
ATOM 806  H HB3  . ARG A 1 50  ? -5.339  -10.279 3.646   1.00 0.96 ? 63  ARG A HB3  1 
ATOM 807  H HG2  . ARG A 1 50  ? -3.087  -11.906 2.595   1.00 1.72 ? 63  ARG A HG2  1 
ATOM 808  H HG3  . ARG A 1 50  ? -2.971  -11.425 4.287   1.00 1.71 ? 63  ARG A HG3  1 
ATOM 809  H HD2  . ARG A 1 50  ? -5.598  -12.475 3.343   1.00 2.18 ? 63  ARG A HD2  1 
ATOM 810  H HD3  . ARG A 1 50  ? -4.285  -13.635 3.540   1.00 2.00 ? 63  ARG A HD3  1 
ATOM 811  H HE   . ARG A 1 50  ? -5.736  -12.365 5.682   1.00 2.44 ? 63  ARG A HE   1 
ATOM 812  H HH11 . ARG A 1 50  ? -2.546  -13.456 4.748   1.00 2.92 ? 63  ARG A HH11 1 
ATOM 813  H HH12 . ARG A 1 50  ? -2.041  -13.699 6.383   1.00 3.66 ? 63  ARG A HH12 1 
ATOM 814  H HH21 . ARG A 1 50  ? -5.040  -12.695 7.782   1.00 3.54 ? 63  ARG A HH21 1 
ATOM 815  H HH22 . ARG A 1 50  ? -3.437  -13.275 8.084   1.00 3.78 ? 63  ARG A HH22 1 
ATOM 816  N N    . ALA A 1 51  ? -5.901  -8.113  1.664   1.00 0.58 ? 64  ALA A N    1 
ATOM 817  C CA   . ALA A 1 51  ? -7.117  -7.293  1.433   1.00 0.63 ? 64  ALA A CA   1 
ATOM 818  C C    . ALA A 1 51  ? -7.403  -7.158  -0.066  1.00 0.65 ? 64  ALA A C    1 
ATOM 819  O O    . ALA A 1 51  ? -8.550  -7.119  -0.470  1.00 0.71 ? 64  ALA A O    1 
ATOM 820  C CB   . ALA A 1 51  ? -6.900  -5.910  2.038   1.00 0.65 ? 64  ALA A CB   1 
ATOM 821  H H    . ALA A 1 51  ? -5.107  -7.689  2.058   1.00 0.57 ? 64  ALA A H    1 
ATOM 822  H HA   . ALA A 1 51  ? -7.960  -7.763  1.917   1.00 0.68 ? 64  ALA A HA   1 
ATOM 823  H HB1  . ALA A 1 51  ? -6.552  -6.014  3.057   1.00 1.24 ? 64  ALA A HB1  1 
ATOM 824  H HB2  . ALA A 1 51  ? -6.161  -5.374  1.462   1.00 1.23 ? 64  ALA A HB2  1 
ATOM 825  H HB3  . ALA A 1 51  ? -7.830  -5.361  2.033   1.00 1.16 ? 64  ALA A HB3  1 
ATOM 826  N N    . VAL A 1 52  ? -6.385  -7.065  -0.895  1.00 0.63 ? 65  VAL A N    1 
ATOM 827  C CA   . VAL A 1 52  ? -6.644  -6.909  -2.360  1.00 0.69 ? 65  VAL A CA   1 
ATOM 828  C C    . VAL A 1 52  ? -7.404  -8.134  -2.890  1.00 0.74 ? 65  VAL A C    1 
ATOM 829  O O    . VAL A 1 52  ? -8.088  -8.052  -3.894  1.00 0.79 ? 65  VAL A O    1 
ATOM 830  C CB   . VAL A 1 52  ? -5.335  -6.690  -3.129  1.00 0.72 ? 65  VAL A CB   1 
ATOM 831  C CG1  . VAL A 1 52  ? -4.477  -7.950  -3.092  1.00 1.29 ? 65  VAL A CG1  1 
ATOM 832  C CG2  . VAL A 1 52  ? -5.666  -6.332  -4.581  1.00 0.99 ? 65  VAL A CG2  1 
ATOM 833  H H    . VAL A 1 52  ? -5.468  -7.083  -0.555  1.00 0.60 ? 65  VAL A H    1 
ATOM 834  H HA   . VAL A 1 52  ? -7.268  -6.041  -2.500  1.00 0.73 ? 65  VAL A HA   1 
ATOM 835  H HB   . VAL A 1 52  ? -4.789  -5.876  -2.677  1.00 1.34 ? 65  VAL A HB   1 
ATOM 836  H HG11 . VAL A 1 52  ? -4.427  -8.308  -2.081  1.00 1.77 ? 65  VAL A HG11 1 
ATOM 837  H HG12 . VAL A 1 52  ? -4.919  -8.705  -3.724  1.00 1.90 ? 65  VAL A HG12 1 
ATOM 838  H HG13 . VAL A 1 52  ? -3.483  -7.719  -3.445  1.00 1.74 ? 65  VAL A HG13 1 
ATOM 839  H HG21 . VAL A 1 52  ? -6.331  -7.076  -4.994  1.00 1.59 ? 65  VAL A HG21 1 
ATOM 840  H HG22 . VAL A 1 52  ? -6.147  -5.364  -4.611  1.00 1.67 ? 65  VAL A HG22 1 
ATOM 841  H HG23 . VAL A 1 52  ? -4.756  -6.298  -5.162  1.00 1.37 ? 65  VAL A HG23 1 
ATOM 842  N N    . LYS A 1 53  ? -7.323  -9.260  -2.210  1.00 0.77 ? 66  LYS A N    1 
ATOM 843  C CA   . LYS A 1 53  ? -8.083  -10.461 -2.668  1.00 0.85 ? 66  LYS A CA   1 
ATOM 844  C C    . LYS A 1 53  ? -9.576  -10.155 -2.527  1.00 0.92 ? 66  LYS A C    1 
ATOM 845  O O    . LYS A 1 53  ? -10.376 -10.491 -3.380  1.00 1.01 ? 66  LYS A O    1 
ATOM 846  C CB   . LYS A 1 53  ? -7.713  -11.670 -1.802  1.00 0.89 ? 66  LYS A CB   1 
ATOM 847  C CG   . LYS A 1 53  ? -6.782  -12.596 -2.587  1.00 0.99 ? 66  LYS A CG   1 
ATOM 848  C CD   . LYS A 1 53  ? -5.460  -11.878 -2.857  1.00 0.84 ? 66  LYS A CD   1 
ATOM 849  C CE   . LYS A 1 53  ? -4.757  -12.530 -4.049  1.00 0.91 ? 66  LYS A CE   1 
ATOM 850  N NZ   . LYS A 1 53  ? -4.247  -13.872 -3.653  1.00 1.62 ? 66  LYS A NZ   1 
ATOM 851  H H    . LYS A 1 53  ? -6.783  -9.308  -1.392  1.00 0.77 ? 66  LYS A H    1 
ATOM 852  H HA   . LYS A 1 53  ? -7.851  -10.664 -3.705  1.00 0.86 ? 66  LYS A HA   1 
ATOM 853  H HB2  . LYS A 1 53  ? -7.212  -11.331 -0.907  1.00 0.91 ? 66  LYS A HB2  1 
ATOM 854  H HB3  . LYS A 1 53  ? -8.609  -12.211 -1.531  1.00 0.96 ? 66  LYS A HB3  1 
ATOM 855  H HG2  . LYS A 1 53  ? -6.596  -13.492 -2.013  1.00 1.24 ? 66  LYS A HG2  1 
ATOM 856  H HG3  . LYS A 1 53  ? -7.245  -12.860 -3.526  1.00 1.17 ? 66  LYS A HG3  1 
ATOM 857  H HD2  . LYS A 1 53  ? -5.654  -10.835 -3.074  1.00 0.80 ? 66  LYS A HD2  1 
ATOM 858  H HD3  . LYS A 1 53  ? -4.831  -11.952 -1.986  1.00 0.99 ? 66  LYS A HD3  1 
ATOM 859  H HE2  . LYS A 1 53  ? -5.457  -12.637 -4.864  1.00 1.37 ? 66  LYS A HE2  1 
ATOM 860  H HE3  . LYS A 1 53  ? -3.931  -11.908 -4.363  1.00 1.23 ? 66  LYS A HE3  1 
ATOM 861  H HZ1  . LYS A 1 53  ? -3.795  -13.811 -2.719  1.00 2.15 ? 66  LYS A HZ1  1 
ATOM 862  H HZ2  . LYS A 1 53  ? -5.040  -14.546 -3.612  1.00 2.07 ? 66  LYS A HZ2  1 
ATOM 863  H HZ3  . LYS A 1 53  ? -3.550  -14.198 -4.352  1.00 2.09 ? 66  LYS A HZ3  1 
ATOM 864  N N    . HIS A 1 54  ? -9.942  -9.486  -1.462  1.00 0.89 ? 67  HIS A N    1 
ATOM 865  C CA   . HIS A 1 54  ? -11.373 -9.108  -1.257  1.00 0.97 ? 67  HIS A CA   1 
ATOM 866  C C    . HIS A 1 54  ? -11.643 -7.738  -1.911  1.00 0.97 ? 67  HIS A C    1 
ATOM 867  O O    . HIS A 1 54  ? -12.752 -7.240  -1.884  1.00 1.07 ? 67  HIS A O    1 
ATOM 868  C CB   . HIS A 1 54  ? -11.666 -9.024  0.243   1.00 0.97 ? 67  HIS A CB   1 
ATOM 869  C CG   . HIS A 1 54  ? -11.845 -10.410 0.798   1.00 1.23 ? 67  HIS A CG   1 
ATOM 870  N ND1  . HIS A 1 54  ? -12.667 -10.670 1.883   1.00 1.78 ? 67  HIS A ND1  1 
ATOM 871  C CD2  . HIS A 1 54  ? -11.314 -11.621 0.431   1.00 1.80 ? 67  HIS A CD2  1 
ATOM 872  C CE1  . HIS A 1 54  ? -12.608 -11.992 2.129   1.00 1.87 ? 67  HIS A CE1  1 
ATOM 873  N NE2  . HIS A 1 54  ? -11.796 -12.619 1.272   1.00 1.89 ? 67  HIS A NE2  1 
ATOM 874  H H    . HIS A 1 54  ? -9.268  -9.211  -0.807  1.00 0.84 ? 67  HIS A H    1 
ATOM 875  H HA   . HIS A 1 54  ? -12.010 -9.854  -1.708  1.00 1.07 ? 67  HIS A HA   1 
ATOM 876  H HB2  . HIS A 1 54  ? -10.843 -8.538  0.744   1.00 0.91 ? 67  HIS A HB2  1 
ATOM 877  H HB3  . HIS A 1 54  ? -12.570 -8.454  0.400   1.00 1.04 ? 67  HIS A HB3  1 
ATOM 878  H HD1  . HIS A 1 54  ? -13.197 -10.012 2.381   1.00 2.40 ? 67  HIS A HD1  1 
ATOM 879  H HD2  . HIS A 1 54  ? -10.625 -11.777 -0.387  1.00 2.51 ? 67  HIS A HD2  1 
ATOM 880  H HE1  . HIS A 1 54  ? -13.150 -12.485 2.921   1.00 2.38 ? 67  HIS A HE1  1 
ATOM 881  N N    . LEU A 1 55  ? -10.638 -7.135  -2.509  1.00 0.89 ? 68  LEU A N    1 
ATOM 882  C CA   . LEU A 1 55  ? -10.819 -5.819  -3.178  1.00 0.91 ? 68  LEU A CA   1 
ATOM 883  C C    . LEU A 1 55  ? -11.241 -6.077  -4.628  1.00 1.00 ? 68  LEU A C    1 
ATOM 884  O O    . LEU A 1 55  ? -10.419 -6.365  -5.484  1.00 0.96 ? 68  LEU A O    1 
ATOM 885  C CB   . LEU A 1 55  ? -9.484  -5.068  -3.162  1.00 0.80 ? 68  LEU A CB   1 
ATOM 886  C CG   . LEU A 1 55  ? -9.696  -3.552  -3.286  1.00 0.95 ? 68  LEU A CG   1 
ATOM 887  C CD1  . LEU A 1 55  ? -8.331  -2.876  -3.411  1.00 1.45 ? 68  LEU A CD1  1 
ATOM 888  C CD2  . LEU A 1 55  ? -10.533 -3.216  -4.525  1.00 1.66 ? 68  LEU A CD2  1 
ATOM 889  H H    . LEU A 1 55  ? -9.763  -7.555  -2.526  1.00 0.85 ? 68  LEU A H    1 
ATOM 890  H HA   . LEU A 1 55  ? -11.565 -5.239  -2.658  1.00 0.96 ? 68  LEU A HA   1 
ATOM 891  H HB2  . LEU A 1 55  ? -8.984  -5.272  -2.229  1.00 0.81 ? 68  LEU A HB2  1 
ATOM 892  H HB3  . LEU A 1 55  ? -8.871  -5.411  -3.981  1.00 0.77 ? 68  LEU A HB3  1 
ATOM 893  H HG   . LEU A 1 55  ? -10.200 -3.188  -2.403  1.00 1.68 ? 68  LEU A HG   1 
ATOM 894  H HD11 . LEU A 1 55  ? -7.656  -3.293  -2.676  1.00 1.99 ? 68  LEU A HD11 1 
ATOM 895  H HD12 . LEU A 1 55  ? -7.934  -3.044  -4.399  1.00 1.99 ? 68  LEU A HD12 1 
ATOM 896  H HD13 . LEU A 1 55  ? -8.437  -1.816  -3.239  1.00 2.00 ? 68  LEU A HD13 1 
ATOM 897  H HD21 . LEU A 1 55  ? -10.272 -3.887  -5.327  1.00 2.18 ? 68  LEU A HD21 1 
ATOM 898  H HD22 . LEU A 1 55  ? -11.581 -3.330  -4.288  1.00 2.08 ? 68  LEU A HD22 1 
ATOM 899  H HD23 . LEU A 1 55  ? -10.339 -2.199  -4.823  1.00 2.25 ? 68  LEU A HD23 1 
ATOM 900  N N    . GLU A 1 56  ? -12.513 -5.989  -4.909  1.00 1.20 ? 69  GLU A N    1 
ATOM 901  C CA   . GLU A 1 56  ? -13.004 -6.246  -6.296  1.00 1.34 ? 69  GLU A CA   1 
ATOM 902  C C    . GLU A 1 56  ? -12.307 -5.324  -7.303  1.00 1.30 ? 69  GLU A C    1 
ATOM 903  O O    . GLU A 1 56  ? -12.127 -4.145  -7.069  1.00 1.47 ? 69  GLU A O    1 
ATOM 904  C CB   . GLU A 1 56  ? -14.513 -6.003  -6.350  1.00 1.62 ? 69  GLU A CB   1 
ATOM 905  C CG   . GLU A 1 56  ? -15.133 -6.877  -7.441  1.00 2.10 ? 69  GLU A CG   1 
ATOM 906  C CD   . GLU A 1 56  ? -16.657 -6.852  -7.313  1.00 2.55 ? 69  GLU A CD   1 
ATOM 907  O OE1  . GLU A 1 56  ? -17.231 -5.795  -7.517  1.00 2.71 ? 69  GLU A OE1  1 
ATOM 908  O OE2  . GLU A 1 56  ? -17.225 -7.889  -7.013  1.00 3.22 ? 69  GLU A OE2  1 
ATOM 909  H H    . GLU A 1 56  ? -13.151 -5.766  -4.201  1.00 1.29 ? 69  GLU A H    1 
ATOM 910  H HA   . GLU A 1 56  ? -12.802 -7.274  -6.559  1.00 1.35 ? 69  GLU A HA   1 
ATOM 911  H HB2  . GLU A 1 56  ? -14.952 -6.252  -5.394  1.00 1.99 ? 69  GLU A HB2  1 
ATOM 912  H HB3  . GLU A 1 56  ? -14.703 -4.964  -6.574  1.00 1.91 ? 69  GLU A HB3  1 
ATOM 913  H HG2  . GLU A 1 56  ? -14.846 -6.499  -8.412  1.00 2.46 ? 69  GLU A HG2  1 
ATOM 914  H HG3  . GLU A 1 56  ? -14.782 -7.893  -7.332  1.00 2.52 ? 69  GLU A HG3  1 
ATOM 915  N N    . ASN A 1 57  ? -11.938 -5.866  -8.440  1.00 1.22 ? 70  ASN A N    1 
ATOM 916  C CA   . ASN A 1 57  ? -11.271 -5.060  -9.516  1.00 1.20 ? 70  ASN A CA   1 
ATOM 917  C C    . ASN A 1 57  ? -9.829  -4.704  -9.140  1.00 1.09 ? 70  ASN A C    1 
ATOM 918  O O    . ASN A 1 57  ? -9.255  -3.794  -9.709  1.00 1.15 ? 70  ASN A O    1 
ATOM 919  C CB   . ASN A 1 57  ? -12.059 -3.769  -9.780  1.00 1.30 ? 70  ASN A CB   1 
ATOM 920  C CG   . ASN A 1 57  ? -11.853 -3.332  -11.231 1.00 1.83 ? 70  ASN A CG   1 
ATOM 921  O OD1  . ASN A 1 57  ? -10.735 -3.162  -11.674 1.00 2.49 ? 70  ASN A OD1  1 
ATOM 922  N ND2  . ASN A 1 57  ? -12.894 -3.142  -11.996 1.00 2.35 ? 70  ASN A ND2  1 
ATOM 923  H H    . ASN A 1 57  ? -12.116 -6.816  -8.594  1.00 1.28 ? 70  ASN A H    1 
ATOM 924  H HA   . ASN A 1 57  ? -11.256 -5.646  -10.424 1.00 1.24 ? 70  ASN A HA   1 
ATOM 925  H HB2  . ASN A 1 57  ? -13.111 -3.945  -9.601  1.00 1.47 ? 70  ASN A HB2  1 
ATOM 926  H HB3  . ASN A 1 57  ? -11.707 -2.991  -9.119  1.00 1.49 ? 70  ASN A HB3  1 
ATOM 927  H HD21 . ASN A 1 57  ? -13.797 -3.279  -11.639 1.00 2.60 ? 70  ASN A HD21 1 
ATOM 928  H HD22 . ASN A 1 57  ? -12.773 -2.863  -12.928 1.00 2.87 ? 70  ASN A HD22 1 
ATOM 929  N N    . ALA A 1 58  ? -9.227  -5.405  -8.204  1.00 0.97 ? 71  ALA A N    1 
ATOM 930  C CA   . ALA A 1 58  ? -7.812  -5.075  -7.836  1.00 0.90 ? 71  ALA A CA   1 
ATOM 931  C C    . ALA A 1 58  ? -6.929  -6.329  -7.880  1.00 0.88 ? 71  ALA A C    1 
ATOM 932  O O    . ALA A 1 58  ? -5.855  -6.342  -7.318  1.00 1.07 ? 71  ALA A O    1 
ATOM 933  C CB   . ALA A 1 58  ? -7.767  -4.481  -6.427  1.00 0.88 ? 71  ALA A CB   1 
ATOM 934  H H    . ALA A 1 58  ? -9.698  -6.139  -7.753  1.00 0.97 ? 71  ALA A H    1 
ATOM 935  H HA   . ALA A 1 58  ? -7.426  -4.349  -8.535  1.00 0.99 ? 71  ALA A HA   1 
ATOM 936  H HB1  . ALA A 1 58  ? -8.575  -3.778  -6.308  1.00 1.37 ? 71  ALA A HB1  1 
ATOM 937  H HB2  . ALA A 1 58  ? -7.865  -5.271  -5.698  1.00 1.38 ? 71  ALA A HB2  1 
ATOM 938  H HB3  . ALA A 1 58  ? -6.824  -3.972  -6.280  1.00 1.27 ? 71  ALA A HB3  1 
ATOM 939  N N    . SER A 1 59  ? -7.359  -7.378  -8.543  1.00 0.89 ? 72  SER A N    1 
ATOM 940  C CA   . SER A 1 59  ? -6.520  -8.619  -8.606  1.00 0.88 ? 72  SER A CA   1 
ATOM 941  C C    . SER A 1 59  ? -5.179  -8.309  -9.281  1.00 0.84 ? 72  SER A C    1 
ATOM 942  O O    . SER A 1 59  ? -4.125  -8.646  -8.771  1.00 0.83 ? 72  SER A O    1 
ATOM 943  C CB   . SER A 1 59  ? -7.246  -9.702  -9.401  1.00 1.05 ? 72  SER A CB   1 
ATOM 944  O OG   . SER A 1 59  ? -8.072  -9.094  -10.386 1.00 1.24 ? 72  SER A OG   1 
ATOM 945  H H    . SER A 1 59  ? -8.227  -7.350  -8.996  1.00 1.06 ? 72  SER A H    1 
ATOM 946  H HA   . SER A 1 59  ? -6.338  -8.975  -7.602  1.00 0.83 ? 72  SER A HA   1 
ATOM 947  H HB2  . SER A 1 59  ? -6.524  -10.337 -9.887  1.00 1.14 ? 72  SER A HB2  1 
ATOM 948  H HB3  . SER A 1 59  ? -7.847  -10.297 -8.727  1.00 1.07 ? 72  SER A HB3  1 
ATOM 949  H HG   . SER A 1 59  ? -8.381  -9.782  -10.980 1.00 1.53 ? 72  SER A HG   1 
ATOM 950  N N    . ALA A 1 60  ? -5.206  -7.666  -10.425 1.00 0.85 ? 73  ALA A N    1 
ATOM 951  C CA   . ALA A 1 60  ? -3.930  -7.331  -11.134 1.00 0.84 ? 73  ALA A CA   1 
ATOM 952  C C    . ALA A 1 60  ? -3.018  -6.533  -10.196 1.00 0.72 ? 73  ALA A C    1 
ATOM 953  O O    . ALA A 1 60  ? -1.800  -6.615  -10.267 1.00 0.67 ? 73  ALA A O    1 
ATOM 954  C CB   . ALA A 1 60  ? -4.241  -6.494  -12.376 1.00 0.93 ? 73  ALA A CB   1 
ATOM 955  H H    . ALA A 1 60  ? -6.064  -7.403  -10.815 1.00 0.91 ? 73  ALA A H    1 
ATOM 956  H HA   . ALA A 1 60  ? -3.432  -8.243  -11.429 1.00 0.87 ? 73  ALA A HA   1 
ATOM 957  H HB1  . ALA A 1 60  ? -5.118  -5.889  -12.193 1.00 1.47 ? 73  ALA A HB1  1 
ATOM 958  H HB2  . ALA A 1 60  ? -3.401  -5.851  -12.596 1.00 1.35 ? 73  ALA A HB2  1 
ATOM 959  H HB3  . ALA A 1 60  ? -4.424  -7.148  -13.215 1.00 1.33 ? 73  ALA A HB3  1 
ATOM 960  N N    . ILE A 1 61  ? -3.603  -5.775  -9.303  1.00 0.72 ? 74  ILE A N    1 
ATOM 961  C CA   . ILE A 1 61  ? -2.800  -4.990  -8.356  1.00 0.65 ? 74  ILE A CA   1 
ATOM 962  C C    . ILE A 1 61  ? -2.154  -5.966  -7.365  1.00 0.59 ? 74  ILE A C    1 
ATOM 963  O O    . ILE A 1 61  ? -0.999  -5.833  -7.033  1.00 0.57 ? 74  ILE A O    1 
ATOM 964  C CB   . ILE A 1 61  ? -3.738  -3.983  -7.677  1.00 0.72 ? 74  ILE A CB   1 
ATOM 965  C CG1  . ILE A 1 61  ? -4.037  -2.853  -8.667  1.00 0.82 ? 74  ILE A CG1  1 
ATOM 966  C CG2  . ILE A 1 61  ? -3.099  -3.393  -6.429  1.00 0.69 ? 74  ILE A CG2  1 
ATOM 967  C CD1  . ILE A 1 61  ? -5.412  -2.255  -8.374  1.00 0.97 ? 74  ILE A CD1  1 
ATOM 968  H H    . ILE A 1 61  ? -4.579  -5.735  -9.245  1.00 0.78 ? 74  ILE A H    1 
ATOM 969  H HA   . ILE A 1 61  ? -2.027  -4.460  -8.894  1.00 0.62 ? 74  ILE A HA   1 
ATOM 970  H HB   . ILE A 1 61  ? -4.660  -4.473  -7.409  1.00 0.82 ? 74  ILE A HB   1 
ATOM 971  H HG12 . ILE A 1 61  ? -3.283  -2.085  -8.572  1.00 1.01 ? 74  ILE A HG12 1 
ATOM 972  H HG13 . ILE A 1 61  ? -4.024  -3.245  -9.674  1.00 0.95 ? 74  ILE A HG13 1 
ATOM 973  H HG21 . ILE A 1 61  ? -2.029  -3.372  -6.556  1.00 1.24 ? 74  ILE A HG21 1 
ATOM 974  H HG22 . ILE A 1 61  ? -3.470  -2.393  -6.279  1.00 1.10 ? 74  ILE A HG22 1 
ATOM 975  H HG23 . ILE A 1 61  ? -3.354  -4.007  -5.580  1.00 1.29 ? 74  ILE A HG23 1 
ATOM 976  H HD11 . ILE A 1 61  ? -5.967  -2.923  -7.732  1.00 1.34 ? 74  ILE A HD11 1 
ATOM 977  H HD12 . ILE A 1 61  ? -5.292  -1.300  -7.884  1.00 1.38 ? 74  ILE A HD12 1 
ATOM 978  H HD13 . ILE A 1 61  ? -5.950  -2.118  -9.301  1.00 1.59 ? 74  ILE A HD13 1 
ATOM 979  N N    . GLU A 1 62  ? -2.878  -6.970  -6.920  1.00 0.64 ? 75  GLU A N    1 
ATOM 980  C CA   . GLU A 1 62  ? -2.279  -7.971  -5.979  1.00 0.65 ? 75  GLU A CA   1 
ATOM 981  C C    . GLU A 1 62  ? -1.018  -8.569  -6.629  1.00 0.61 ? 75  GLU A C    1 
ATOM 982  O O    . GLU A 1 62  ? -0.078  -8.944  -5.958  1.00 0.70 ? 75  GLU A O    1 
ATOM 983  C CB   . GLU A 1 62  ? -3.331  -9.057  -5.623  1.00 0.77 ? 75  GLU A CB   1 
ATOM 984  C CG   . GLU A 1 62  ? -3.288  -10.264 -6.579  1.00 0.79 ? 75  GLU A CG   1 
ATOM 985  C CD   . GLU A 1 62  ? -4.706  -10.792 -6.815  1.00 1.28 ? 75  GLU A CD   1 
ATOM 986  O OE1  . GLU A 1 62  ? -5.524  -10.662 -5.918  1.00 1.83 ? 75  GLU A OE1  1 
ATOM 987  O OE2  . GLU A 1 62  ? -4.950  -11.317 -7.888  1.00 1.95 ? 75  GLU A OE2  1 
ATOM 988  H H    . GLU A 1 62  ? -3.799  -7.075  -7.222  1.00 0.71 ? 75  GLU A H    1 
ATOM 989  H HA   . GLU A 1 62  ? -1.987  -7.461  -5.075  1.00 0.65 ? 75  GLU A HA   1 
ATOM 990  H HB2  . GLU A 1 62  ? -3.146  -9.405  -4.619  1.00 0.97 ? 75  GLU A HB2  1 
ATOM 991  H HB3  . GLU A 1 62  ? -4.316  -8.613  -5.660  1.00 0.94 ? 75  GLU A HB3  1 
ATOM 992  H HG2  . GLU A 1 62  ? -2.855  -9.966  -7.519  1.00 1.09 ? 75  GLU A HG2  1 
ATOM 993  H HG3  . GLU A 1 62  ? -2.685  -11.044 -6.139  1.00 0.88 ? 75  GLU A HG3  1 
ATOM 994  N N    . SER A 1 63  ? -1.005  -8.637  -7.938  1.00 0.62 ? 76  SER A N    1 
ATOM 995  C CA   . SER A 1 63  ? 0.177   -9.182  -8.659  1.00 0.63 ? 76  SER A CA   1 
ATOM 996  C C    . SER A 1 63  ? 1.336   -8.198  -8.518  1.00 0.53 ? 76  SER A C    1 
ATOM 997  O O    . SER A 1 63  ? 2.478   -8.583  -8.331  1.00 0.54 ? 76  SER A O    1 
ATOM 998  C CB   . SER A 1 63  ? -0.164  -9.365  -10.138 1.00 0.70 ? 76  SER A CB   1 
ATOM 999  O OG   . SER A 1 63  ? -0.594  -10.702 -10.359 1.00 1.32 ? 76  SER A OG   1 
ATOM 1000 H H    . SER A 1 63  ? -1.780  -8.320  -8.448  1.00 0.70 ? 76  SER A H    1 
ATOM 1001 H HA   . SER A 1 63  ? 0.454   -10.129 -8.232  1.00 0.68 ? 76  SER A HA   1 
ATOM 1002 H HB2  . SER A 1 63  ? -0.955  -8.689  -10.414 1.00 1.15 ? 76  SER A HB2  1 
ATOM 1003 H HB3  . SER A 1 63  ? 0.712   -9.154  -10.737 1.00 1.02 ? 76  SER A HB3  1 
ATOM 1004 H HG   . SER A 1 63  ? 0.159   -11.210 -10.667 1.00 1.59 ? 76  SER A HG   1 
ATOM 1005 N N    . ILE A 1 64  ? 1.052   -6.923  -8.612  1.00 0.50 ? 77  ILE A N    1 
ATOM 1006 C CA   . ILE A 1 64  ? 2.140   -5.913  -8.483  1.00 0.46 ? 77  ILE A CA   1 
ATOM 1007 C C    . ILE A 1 64  ? 2.652   -5.864  -7.037  1.00 0.41 ? 77  ILE A C    1 
ATOM 1008 O O    . ILE A 1 64  ? 3.791   -6.180  -6.782  1.00 0.42 ? 77  ILE A O    1 
ATOM 1009 C CB   . ILE A 1 64  ? 1.636   -4.531  -8.887  1.00 0.53 ? 77  ILE A CB   1 
ATOM 1010 C CG1  . ILE A 1 64  ? 0.964   -4.595  -10.270 1.00 0.68 ? 77  ILE A CG1  1 
ATOM 1011 C CG2  . ILE A 1 64  ? 2.829   -3.574  -8.929  1.00 0.52 ? 77  ILE A CG2  1 
ATOM 1012 C CD1  . ILE A 1 64  ? 1.959   -5.094  -11.327 1.00 1.18 ? 77  ILE A CD1  1 
ATOM 1013 H H    . ILE A 1 64  ? 0.124   -6.636  -8.772  1.00 0.54 ? 77  ILE A H    1 
ATOM 1014 H HA   . ILE A 1 64  ? 2.956   -6.193  -9.133  1.00 0.47 ? 77  ILE A HA   1 
ATOM 1015 H HB   . ILE A 1 64  ? 0.923   -4.182  -8.152  1.00 0.57 ? 77  ILE A HB   1 
ATOM 1016 H HG12 . ILE A 1 64  ? 0.122   -5.270  -10.227 1.00 1.31 ? 77  ILE A HG12 1 
ATOM 1017 H HG13 . ILE A 1 64  ? 0.618   -3.610  -10.544 1.00 1.39 ? 77  ILE A HG13 1 
ATOM 1018 H HG21 . ILE A 1 64  ? 3.707   -4.115  -9.254  1.00 1.08 ? 77  ILE A HG21 1 
ATOM 1019 H HG22 . ILE A 1 64  ? 2.623   -2.770  -9.615  1.00 1.23 ? 77  ILE A HG22 1 
ATOM 1020 H HG23 . ILE A 1 64  ? 3.001   -3.174  -7.940  1.00 1.08 ? 77  ILE A HG23 1 
ATOM 1021 H HD11 . ILE A 1 64  ? 2.847   -4.480  -11.303 1.00 1.85 ? 77  ILE A HD11 1 
ATOM 1022 H HD12 . ILE A 1 64  ? 2.225   -6.120  -11.117 1.00 1.77 ? 77  ILE A HD12 1 
ATOM 1023 H HD13 . ILE A 1 64  ? 1.505   -5.033  -12.306 1.00 1.68 ? 77  ILE A HD13 1 
ATOM 1024 N N    . LEU A 1 65  ? 1.828   -5.449  -6.095  1.00 0.42 ? 78  LEU A N    1 
ATOM 1025 C CA   . LEU A 1 65  ? 2.269   -5.358  -4.663  1.00 0.42 ? 78  LEU A CA   1 
ATOM 1026 C C    . LEU A 1 65  ? 2.982   -6.637  -4.216  1.00 0.43 ? 78  LEU A C    1 
ATOM 1027 O O    . LEU A 1 65  ? 4.043   -6.585  -3.621  1.00 0.49 ? 78  LEU A O    1 
ATOM 1028 C CB   . LEU A 1 65  ? 1.043   -5.160  -3.776  1.00 0.49 ? 78  LEU A CB   1 
ATOM 1029 C CG   . LEU A 1 65  ? 0.239   -3.945  -4.254  1.00 0.49 ? 78  LEU A CG   1 
ATOM 1030 C CD1  . LEU A 1 65  ? -1.252  -4.288  -4.250  1.00 1.06 ? 78  LEU A CD1  1 
ATOM 1031 C CD2  . LEU A 1 65  ? 0.496   -2.769  -3.317  1.00 1.03 ? 78  LEU A CD2  1 
ATOM 1032 H H    . LEU A 1 65  ? 0.918   -5.180  -6.325  1.00 0.48 ? 78  LEU A H    1 
ATOM 1033 H HA   . LEU A 1 65  ? 2.933   -4.515  -4.546  1.00 0.44 ? 78  LEU A HA   1 
ATOM 1034 H HB2  . LEU A 1 65  ? 0.425   -6.046  -3.824  1.00 0.63 ? 78  LEU A HB2  1 
ATOM 1035 H HB3  . LEU A 1 65  ? 1.362   -5.004  -2.756  1.00 0.61 ? 78  LEU A HB3  1 
ATOM 1036 H HG   . LEU A 1 65  ? 0.541   -3.675  -5.254  1.00 1.00 ? 78  LEU A HG   1 
ATOM 1037 H HD11 . LEU A 1 65  ? -1.491  -4.842  -3.356  1.00 1.59 ? 78  LEU A HD11 1 
ATOM 1038 H HD12 . LEU A 1 65  ? -1.831  -3.379  -4.279  1.00 1.57 ? 78  LEU A HD12 1 
ATOM 1039 H HD13 . LEU A 1 65  ? -1.485  -4.888  -5.116  1.00 1.66 ? 78  LEU A HD13 1 
ATOM 1040 H HD21 . LEU A 1 65  ? 1.554   -2.705  -3.107  1.00 1.59 ? 78  LEU A HD21 1 
ATOM 1041 H HD22 . LEU A 1 65  ? 0.167   -1.856  -3.790  1.00 1.51 ? 78  LEU A HD22 1 
ATOM 1042 H HD23 . LEU A 1 65  ? -0.046  -2.918  -2.396  1.00 1.66 ? 78  LEU A HD23 1 
ATOM 1043 N N    . LYS A 1 66  ? 2.400   -7.781  -4.479  1.00 0.45 ? 79  LYS A N    1 
ATOM 1044 C CA   . LYS A 1 66  ? 3.036   -9.064  -4.050  1.00 0.54 ? 79  LYS A CA   1 
ATOM 1045 C C    . LYS A 1 66  ? 4.444   -9.167  -4.644  1.00 0.54 ? 79  LYS A C    1 
ATOM 1046 O O    . LYS A 1 66  ? 5.375   -9.593  -3.987  1.00 0.62 ? 79  LYS A O    1 
ATOM 1047 C CB   . LYS A 1 66  ? 2.149   -10.248 -4.475  1.00 0.66 ? 79  LYS A CB   1 
ATOM 1048 C CG   . LYS A 1 66  ? 2.225   -10.529 -5.970  1.00 0.97 ? 79  LYS A CG   1 
ATOM 1049 C CD   . LYS A 1 66  ? 1.245   -11.658 -6.280  1.00 0.98 ? 79  LYS A CD   1 
ATOM 1050 C CE   . LYS A 1 66  ? 1.842   -12.992 -5.827  1.00 1.46 ? 79  LYS A CE   1 
ATOM 1051 N NZ   . LYS A 1 66  ? 1.125   -14.112 -6.499  1.00 1.86 ? 79  LYS A NZ   1 
ATOM 1052 H H    . LYS A 1 66  ? 1.540   -7.794  -4.947  1.00 0.46 ? 79  LYS A H    1 
ATOM 1053 H HA   . LYS A 1 66  ? 3.117   -9.061  -2.972  1.00 0.57 ? 79  LYS A HA   1 
ATOM 1054 H HB2  . LYS A 1 66  ? 2.460   -11.130 -3.949  1.00 1.08 ? 79  LYS A HB2  1 
ATOM 1055 H HB3  . LYS A 1 66  ? 1.124   -10.023 -4.224  1.00 1.16 ? 79  LYS A HB3  1 
ATOM 1056 H HG2  . LYS A 1 66  ? 1.951   -9.644  -6.516  1.00 1.44 ? 79  LYS A HG2  1 
ATOM 1057 H HG3  . LYS A 1 66  ? 3.225   -10.833 -6.237  1.00 1.38 ? 79  LYS A HG3  1 
ATOM 1058 H HD2  . LYS A 1 66  ? 0.317   -11.480 -5.750  1.00 0.98 ? 79  LYS A HD2  1 
ATOM 1059 H HD3  . LYS A 1 66  ? 1.054   -11.695 -7.336  1.00 1.29 ? 79  LYS A HD3  1 
ATOM 1060 H HE2  . LYS A 1 66  ? 2.889   -13.024 -6.089  1.00 1.82 ? 79  LYS A HE2  1 
ATOM 1061 H HE3  . LYS A 1 66  ? 1.737   -13.087 -4.756  1.00 1.66 ? 79  LYS A HE3  1 
ATOM 1062 H HZ1  . LYS A 1 66  ? 1.204   -14.005 -7.529  1.00 2.15 ? 79  LYS A HZ1  1 
ATOM 1063 H HZ2  . LYS A 1 66  ? 1.550   -15.016 -6.212  1.00 2.12 ? 79  LYS A HZ2  1 
ATOM 1064 H HZ3  . LYS A 1 66  ? 0.122   -14.096 -6.222  1.00 2.33 ? 79  LYS A HZ3  1 
ATOM 1065 N N    . ASN A 1 67  ? 4.604   -8.746  -5.868  1.00 0.49 ? 80  ASN A N    1 
ATOM 1066 C CA   . ASN A 1 67  ? 5.962   -8.781  -6.501  1.00 0.53 ? 80  ASN A CA   1 
ATOM 1067 C C    . ASN A 1 67  ? 6.811   -7.603  -5.975  1.00 0.50 ? 80  ASN A C    1 
ATOM 1068 O O    . ASN A 1 67  ? 8.015   -7.570  -6.141  1.00 0.63 ? 80  ASN A O    1 
ATOM 1069 C CB   . ASN A 1 67  ? 5.818   -8.668  -8.020  1.00 0.62 ? 80  ASN A CB   1 
ATOM 1070 C CG   . ASN A 1 67  ? 5.792   -10.067 -8.637  1.00 1.07 ? 80  ASN A CG   1 
ATOM 1071 O OD1  . ASN A 1 67  ? 6.774   -10.515 -9.195  1.00 1.81 ? 80  ASN A OD1  1 
ATOM 1072 N ND2  . ASN A 1 67  ? 4.703   -10.782 -8.561  1.00 1.34 ? 80  ASN A ND2  1 
ATOM 1073 H H    . ASN A 1 67  ? 3.830   -8.384  -6.367  1.00 0.47 ? 80  ASN A H    1 
ATOM 1074 H HA   . ASN A 1 67  ? 6.449   -9.712  -6.254  1.00 0.57 ? 80  ASN A HA   1 
ATOM 1075 H HB2  . ASN A 1 67  ? 4.898   -8.152  -8.256  1.00 0.91 ? 80  ASN A HB2  1 
ATOM 1076 H HB3  . ASN A 1 67  ? 6.654   -8.115  -8.421  1.00 0.99 ? 80  ASN A HB3  1 
ATOM 1077 H HD21 . ASN A 1 67  ? 3.911   -10.421 -8.111  1.00 1.49 ? 80  ASN A HD21 1 
ATOM 1078 H HD22 . ASN A 1 67  ? 4.676   -11.680 -8.952  1.00 1.79 ? 80  ASN A HD22 1 
ATOM 1079 N N    . LEU A 1 68  ? 6.181   -6.630  -5.360  1.00 0.43 ? 81  LEU A N    1 
ATOM 1080 C CA   . LEU A 1 68  ? 6.904   -5.436  -4.835  1.00 0.42 ? 81  LEU A CA   1 
ATOM 1081 C C    . LEU A 1 68  ? 7.434   -5.676  -3.412  1.00 0.40 ? 81  LEU A C    1 
ATOM 1082 O O    . LEU A 1 68  ? 8.232   -4.903  -2.920  1.00 0.46 ? 81  LEU A O    1 
ATOM 1083 C CB   . LEU A 1 68  ? 5.942   -4.243  -4.821  1.00 0.43 ? 81  LEU A CB   1 
ATOM 1084 C CG   . LEU A 1 68  ? 6.653   -2.996  -5.353  1.00 0.67 ? 81  LEU A CG   1 
ATOM 1085 C CD1  . LEU A 1 68  ? 6.446   -2.899  -6.867  1.00 1.59 ? 81  LEU A CD1  1 
ATOM 1086 C CD2  . LEU A 1 68  ? 6.070   -1.751  -4.677  1.00 1.32 ? 81  LEU A CD2  1 
ATOM 1087 H H    . LEU A 1 68  ? 5.224   -6.675  -5.263  1.00 0.46 ? 81  LEU A H    1 
ATOM 1088 H HA   . LEU A 1 68  ? 7.730   -5.216  -5.480  1.00 0.49 ? 81  LEU A HA   1 
ATOM 1089 H HB2  . LEU A 1 68  ? 5.090   -4.463  -5.447  1.00 0.63 ? 81  LEU A HB2  1 
ATOM 1090 H HB3  . LEU A 1 68  ? 5.607   -4.058  -3.811  1.00 0.60 ? 81  LEU A HB3  1 
ATOM 1091 H HG   . LEU A 1 68  ? 7.709   -3.065  -5.139  1.00 1.41 ? 81  LEU A HG   1 
ATOM 1092 H HD11 . LEU A 1 68  ? 5.545   -3.426  -7.143  1.00 2.17 ? 81  LEU A HD11 1 
ATOM 1093 H HD12 . LEU A 1 68  ? 6.358   -1.862  -7.153  1.00 2.16 ? 81  LEU A HD12 1 
ATOM 1094 H HD13 . LEU A 1 68  ? 7.290   -3.341  -7.374  1.00 2.05 ? 81  LEU A HD13 1 
ATOM 1095 H HD21 . LEU A 1 68  ? 5.694   -2.016  -3.700  1.00 1.90 ? 81  LEU A HD21 1 
ATOM 1096 H HD22 . LEU A 1 68  ? 6.842   -1.003  -4.576  1.00 1.87 ? 81  LEU A HD22 1 
ATOM 1097 H HD23 . LEU A 1 68  ? 5.264   -1.358  -5.278  1.00 1.89 ? 81  LEU A HD23 1 
ATOM 1098 N N    . LEU A 1 69  ? 6.996   -6.715  -2.738  1.00 0.38 ? 82  LEU A N    1 
ATOM 1099 C CA   . LEU A 1 69  ? 7.493   -6.962  -1.339  1.00 0.39 ? 82  LEU A CA   1 
ATOM 1100 C C    . LEU A 1 69  ? 9.043   -6.984  -1.282  1.00 0.48 ? 82  LEU A C    1 
ATOM 1101 O O    . LEU A 1 69  ? 9.618   -6.295  -0.463  1.00 0.52 ? 82  LEU A O    1 
ATOM 1102 C CB   . LEU A 1 69  ? 6.955   -8.291  -0.800  1.00 0.44 ? 82  LEU A CB   1 
ATOM 1103 C CG   . LEU A 1 69  ? 5.629   -8.060  -0.069  1.00 0.86 ? 82  LEU A CG   1 
ATOM 1104 C CD1  . LEU A 1 69  ? 4.664   -9.205  -0.379  1.00 1.34 ? 82  LEU A CD1  1 
ATOM 1105 C CD2  . LEU A 1 69  ? 5.876   -8.007  1.439   1.00 1.43 ? 82  LEU A CD2  1 
ATOM 1106 H H    . LEU A 1 69  ? 6.332   -7.320  -3.140  1.00 0.41 ? 82  LEU A H    1 
ATOM 1107 H HA   . LEU A 1 69  ? 7.143   -6.172  -0.715  1.00 0.40 ? 82  LEU A HA   1 
ATOM 1108 H HB2  . LEU A 1 69  ? 6.797   -8.972  -1.616  1.00 0.91 ? 82  LEU A HB2  1 
ATOM 1109 H HB3  . LEU A 1 69  ? 7.675   -8.712  -0.109  1.00 0.89 ? 82  LEU A HB3  1 
ATOM 1110 H HG   . LEU A 1 69  ? 5.197   -7.126  -0.395  1.00 1.41 ? 82  LEU A HG   1 
ATOM 1111 H HD11 . LEU A 1 69  ? 5.100   -10.140 -0.058  1.00 1.91 ? 82  LEU A HD11 1 
ATOM 1112 H HD12 . LEU A 1 69  ? 3.734   -9.043  0.144   1.00 1.73 ? 82  LEU A HD12 1 
ATOM 1113 H HD13 . LEU A 1 69  ? 4.480   -9.241  -1.442  1.00 1.84 ? 82  LEU A HD13 1 
ATOM 1114 H HD21 . LEU A 1 69  ? 6.669   -8.692  1.699   1.00 1.91 ? 82  LEU A HD21 1 
ATOM 1115 H HD22 . LEU A 1 69  ? 6.159   -7.004  1.722   1.00 1.94 ? 82  LEU A HD22 1 
ATOM 1116 H HD23 . LEU A 1 69  ? 4.972   -8.287  1.962   1.00 1.91 ? 82  LEU A HD23 1 
ATOM 1117 N N    . PRO A 1 70  ? 9.684   -7.773  -2.129  1.00 0.56 ? 83  PRO A N    1 
ATOM 1118 C CA   . PRO A 1 70  ? 11.160  -7.875  -2.141  1.00 0.70 ? 83  PRO A CA   1 
ATOM 1119 C C    . PRO A 1 70  ? 11.807  -6.645  -2.795  1.00 0.72 ? 83  PRO A C    1 
ATOM 1120 O O    . PRO A 1 70  ? 13.009  -6.465  -2.727  1.00 0.92 ? 83  PRO A O    1 
ATOM 1121 C CB   . PRO A 1 70  ? 11.432  -9.140  -2.959  1.00 0.79 ? 83  PRO A CB   1 
ATOM 1122 C CG   . PRO A 1 70  ? 10.176  -9.375  -3.830  1.00 0.72 ? 83  PRO A CG   1 
ATOM 1123 C CD   . PRO A 1 70  ? 9.022   -8.621  -3.145  1.00 0.59 ? 83  PRO A CD   1 
ATOM 1124 H HA   . PRO A 1 70  ? 11.533  -8.006  -1.138  1.00 0.75 ? 83  PRO A HA   1 
ATOM 1125 H HB2  . PRO A 1 70  ? 12.301  -8.995  -3.587  1.00 0.86 ? 83  PRO A HB2  1 
ATOM 1126 H HB3  . PRO A 1 70  ? 11.582  -9.982  -2.303  1.00 0.85 ? 83  PRO A HB3  1 
ATOM 1127 H HG2  . PRO A 1 70  ? 10.339  -8.985  -4.826  1.00 0.72 ? 83  PRO A HG2  1 
ATOM 1128 H HG3  . PRO A 1 70  ? 9.949   -10.428 -3.875  1.00 0.79 ? 83  PRO A HG3  1 
ATOM 1129 H HD2  . PRO A 1 70  ? 8.495   -8.009  -3.861  1.00 0.56 ? 83  PRO A HD2  1 
ATOM 1130 H HD3  . PRO A 1 70  ? 8.349   -9.310  -2.665  1.00 0.59 ? 83  PRO A HD3  1 
ATOM 1131 N N    . CYS A 1 71  ? 11.028  -5.797  -3.420  1.00 0.73 ? 84  CYS A N    1 
ATOM 1132 C CA   . CYS A 1 71  ? 11.600  -4.579  -4.069  1.00 0.75 ? 84  CYS A CA   1 
ATOM 1133 C C    . CYS A 1 71  ? 11.631  -3.411  -3.070  1.00 0.73 ? 84  CYS A C    1 
ATOM 1134 O O    . CYS A 1 71  ? 11.791  -2.269  -3.460  1.00 0.76 ? 84  CYS A O    1 
ATOM 1135 C CB   . CYS A 1 71  ? 10.727  -4.188  -5.265  1.00 0.77 ? 84  CYS A CB   1 
ATOM 1136 S SG   . CYS A 1 71  ? 11.360  -4.970  -6.770  1.00 1.19 ? 84  CYS A SG   1 
ATOM 1137 H H    . CYS A 1 71  ? 10.067  -5.958  -3.462  1.00 0.88 ? 84  CYS A H    1 
ATOM 1138 H HA   . CYS A 1 71  ? 12.603  -4.790  -4.408  1.00 0.79 ? 84  CYS A HA   1 
ATOM 1139 H HB2  . CYS A 1 71  ? 9.713   -4.515  -5.091  1.00 1.02 ? 84  CYS A HB2  1 
ATOM 1140 H HB3  . CYS A 1 71  ? 10.744  -3.114  -5.384  1.00 0.94 ? 84  CYS A HB3  1 
ATOM 1141 N N    . LEU A 1 72  ? 11.478  -3.678  -1.791  1.00 0.73 ? 85  LEU A N    1 
ATOM 1142 C CA   . LEU A 1 72  ? 11.499  -2.572  -0.785  1.00 0.73 ? 85  LEU A CA   1 
ATOM 1143 C C    . LEU A 1 72  ? 12.838  -2.595  -0.026  1.00 0.79 ? 85  LEU A C    1 
ATOM 1144 O O    . LEU A 1 72  ? 13.433  -3.645  0.116   1.00 0.92 ? 85  LEU A O    1 
ATOM 1145 C CB   . LEU A 1 72  ? 10.350  -2.754  0.217   1.00 0.72 ? 85  LEU A CB   1 
ATOM 1146 C CG   . LEU A 1 72  ? 9.039   -3.043  -0.525  1.00 0.61 ? 85  LEU A CG   1 
ATOM 1147 C CD1  . LEU A 1 72  ? 7.914   -3.284  0.490   1.00 0.79 ? 85  LEU A CD1  1 
ATOM 1148 C CD2  . LEU A 1 72  ? 8.678   -1.848  -1.411  1.00 0.93 ? 85  LEU A CD2  1 
ATOM 1149 H H    . LEU A 1 72  ? 11.349  -4.599  -1.492  1.00 0.76 ? 85  LEU A H    1 
ATOM 1150 H HA   . LEU A 1 72  ? 11.388  -1.626  -1.293  1.00 0.75 ? 85  LEU A HA   1 
ATOM 1151 H HB2  . LEU A 1 72  ? 10.578  -3.578  0.876   1.00 0.96 ? 85  LEU A HB2  1 
ATOM 1152 H HB3  . LEU A 1 72  ? 10.238  -1.851  0.798   1.00 0.83 ? 85  LEU A HB3  1 
ATOM 1153 H HG   . LEU A 1 72  ? 9.163   -3.924  -1.138  1.00 1.10 ? 85  LEU A HG   1 
ATOM 1154 H HD11 . LEU A 1 72  ? 8.340   -3.502  1.457   1.00 1.47 ? 85  LEU A HD11 1 
ATOM 1155 H HD12 . LEU A 1 72  ? 7.293   -2.402  0.560   1.00 1.26 ? 85  LEU A HD12 1 
ATOM 1156 H HD13 . LEU A 1 72  ? 7.313   -4.121  0.166   1.00 1.32 ? 85  LEU A HD13 1 
ATOM 1157 H HD21 . LEU A 1 72  ? 9.514   -1.610  -2.053  1.00 1.50 ? 85  LEU A HD21 1 
ATOM 1158 H HD22 . LEU A 1 72  ? 7.818   -2.095  -2.016  1.00 1.59 ? 85  LEU A HD22 1 
ATOM 1159 H HD23 . LEU A 1 72  ? 8.449   -0.998  -0.787  1.00 1.37 ? 85  LEU A HD23 1 
ATOM 1160 N N    . PRO A 1 73  ? 13.283  -1.443  0.450   1.00 0.76 ? 86  PRO A N    1 
ATOM 1161 C CA   . PRO A 1 73  ? 14.548  -1.345  1.194   1.00 0.82 ? 86  PRO A CA   1 
ATOM 1162 C C    . PRO A 1 73  ? 14.379  -1.856  2.629   1.00 0.92 ? 86  PRO A C    1 
ATOM 1163 O O    . PRO A 1 73  ? 13.278  -1.939  3.140   1.00 1.12 ? 86  PRO A O    1 
ATOM 1164 C CB   . PRO A 1 73  ? 14.870  0.143   1.182   1.00 0.81 ? 86  PRO A CB   1 
ATOM 1165 C CG   . PRO A 1 73  ? 13.541  0.870   0.944   1.00 0.80 ? 86  PRO A CG   1 
ATOM 1166 C CD   . PRO A 1 73  ? 12.588  -0.144  0.296   1.00 0.73 ? 86  PRO A CD   1 
ATOM 1167 H HA   . PRO A 1 73  ? 15.319  -1.877  0.689   1.00 0.94 ? 86  PRO A HA   1 
ATOM 1168 H HB2  . PRO A 1 73  ? 15.291  0.438   2.131   1.00 0.82 ? 86  PRO A HB2  1 
ATOM 1169 H HB3  . PRO A 1 73  ? 15.553  0.367   0.380   1.00 0.90 ? 86  PRO A HB3  1 
ATOM 1170 H HG2  . PRO A 1 73  ? 13.141  1.205   1.885   1.00 0.85 ? 86  PRO A HG2  1 
ATOM 1171 H HG3  . PRO A 1 73  ? 13.696  1.698   0.279   1.00 0.91 ? 86  PRO A HG3  1 
ATOM 1172 H HD2  . PRO A 1 73  ? 11.640  -0.154  0.815   1.00 0.74 ? 86  PRO A HD2  1 
ATOM 1173 H HD3  . PRO A 1 73  ? 12.450  0.083   -0.750  1.00 0.78 ? 86  PRO A HD3  1 
ATOM 1174 N N    . LEU A 1 74  ? 15.464  -2.195  3.278   1.00 1.05 ? 87  LEU A N    1 
ATOM 1175 C CA   . LEU A 1 74  ? 15.380  -2.699  4.681   1.00 1.26 ? 87  LEU A CA   1 
ATOM 1176 C C    . LEU A 1 74  ? 16.423  -1.986  5.539   1.00 1.03 ? 87  LEU A C    1 
ATOM 1177 O O    . LEU A 1 74  ? 17.470  -2.522  5.846   1.00 1.12 ? 87  LEU A O    1 
ATOM 1178 C CB   . LEU A 1 74  ? 15.635  -4.205  4.695   1.00 1.75 ? 87  LEU A CB   1 
ATOM 1179 C CG   . LEU A 1 74  ? 14.411  -4.928  4.132   1.00 2.61 ? 87  LEU A CG   1 
ATOM 1180 C CD1  . LEU A 1 74  ? 14.713  -6.421  4.019   1.00 3.31 ? 87  LEU A CD1  1 
ATOM 1181 C CD2  . LEU A 1 74  ? 13.218  -4.716  5.069   1.00 3.25 ? 87  LEU A CD2  1 
ATOM 1182 H H    . LEU A 1 74  ? 16.337  -2.116  2.841   1.00 1.15 ? 87  LEU A H    1 
ATOM 1183 H HA   . LEU A 1 74  ? 14.394  -2.498  5.074   1.00 1.57 ? 87  LEU A HA   1 
ATOM 1184 H HB2  . LEU A 1 74  ? 16.499  -4.429  4.086   1.00 1.79 ? 87  LEU A HB2  1 
ATOM 1185 H HB3  . LEU A 1 74  ? 15.809  -4.532  5.708   1.00 1.98 ? 87  LEU A HB3  1 
ATOM 1186 H HG   . LEU A 1 74  ? 14.178  -4.532  3.154   1.00 2.73 ? 87  LEU A HG   1 
ATOM 1187 H HD11 . LEU A 1 74  ? 15.704  -6.555  3.610   1.00 3.46 ? 87  LEU A HD11 1 
ATOM 1188 H HD12 . LEU A 1 74  ? 14.663  -6.872  4.998   1.00 3.61 ? 87  LEU A HD12 1 
ATOM 1189 H HD13 . LEU A 1 74  ? 13.988  -6.886  3.369   1.00 3.88 ? 87  LEU A HD13 1 
ATOM 1190 H HD21 . LEU A 1 74  ? 13.545  -4.808  6.094   1.00 3.52 ? 87  LEU A HD21 1 
ATOM 1191 H HD22 . LEU A 1 74  ? 12.807  -3.729  4.910   1.00 3.67 ? 87  LEU A HD22 1 
ATOM 1192 H HD23 . LEU A 1 74  ? 12.461  -5.457  4.864   1.00 3.54 ? 87  LEU A HD23 1 
ATOM 1193 N N    . ALA A 1 75  ? 16.133  -0.771  5.921   1.00 1.09 ? 88  ALA A N    1 
ATOM 1194 C CA   . ALA A 1 75  ? 17.082  0.037   6.758   1.00 1.23 ? 88  ALA A CA   1 
ATOM 1195 C C    . ALA A 1 75  ? 17.606  -0.781  7.945   1.00 1.68 ? 88  ALA A C    1 
ATOM 1196 O O    . ALA A 1 75  ? 18.798  -0.955  8.112   1.00 2.14 ? 88  ALA A O    1 
ATOM 1197 C CB   . ALA A 1 75  ? 16.345  1.269   7.285   1.00 1.31 ? 88  ALA A CB   1 
ATOM 1198 H H    . ALA A 1 75  ? 15.277  -0.381  5.649   1.00 1.27 ? 88  ALA A H    1 
ATOM 1199 H HA   . ALA A 1 75  ? 17.914  0.356   6.147   1.00 1.38 ? 88  ALA A HA   1 
ATOM 1200 H HB1  . ALA A 1 75  ? 15.322  1.005   7.512   1.00 1.69 ? 88  ALA A HB1  1 
ATOM 1201 H HB2  . ALA A 1 75  ? 16.831  1.624   8.181   1.00 1.62 ? 88  ALA A HB2  1 
ATOM 1202 H HB3  . ALA A 1 75  ? 16.359  2.046   6.536   1.00 1.77 ? 88  ALA A HB3  1 
ATOM 1203 N N    . THR A 1 76  ? 16.720  -1.286  8.757   1.00 1.94 ? 89  THR A N    1 
ATOM 1204 C CA   . THR A 1 76  ? 17.143  -2.102  9.930   1.00 2.58 ? 89  THR A CA   1 
ATOM 1205 C C    . THR A 1 76  ? 16.443  -3.455  9.839   1.00 2.33 ? 89  THR A C    1 
ATOM 1206 O O    . THR A 1 76  ? 15.973  -3.978  10.828  1.00 2.88 ? 89  THR A O    1 
ATOM 1207 C CB   . THR A 1 76  ? 16.740  -1.390  11.225  1.00 3.41 ? 89  THR A CB   1 
ATOM 1208 O OG1  . THR A 1 76  ? 17.019  -2.234  12.334  1.00 4.01 ? 89  THR A OG1  1 
ATOM 1209 C CG2  . THR A 1 76  ? 15.244  -1.068  11.191  1.00 3.15 ? 89  THR A CG2  1 
ATOM 1210 H H    . THR A 1 76  ? 15.768  -1.138  8.589   1.00 1.94 ? 89  THR A H    1 
ATOM 1211 H HA   . THR A 1 76  ? 18.214  -2.244  9.907   1.00 2.81 ? 89  THR A HA   1 
ATOM 1212 H HB   . THR A 1 76  ? 17.299  -0.473  11.322  1.00 3.98 ? 89  THR A HB   1 
ATOM 1213 H HG1  . THR A 1 76  ? 17.281  -1.679  13.072  1.00 4.31 ? 89  THR A HG1  1 
ATOM 1214 H HG21 . THR A 1 76  ? 15.020  -0.485  10.311  1.00 3.50 ? 89  THR A HG21 1 
ATOM 1215 H HG22 . THR A 1 76  ? 14.679  -1.989  11.167  1.00 2.82 ? 89  THR A HG22 1 
ATOM 1216 H HG23 . THR A 1 76  ? 14.976  -0.505  12.072  1.00 3.40 ? 89  THR A HG23 1 
ATOM 1217 N N    . ALA A 1 77  ? 16.380  -3.988  8.628   1.00 1.59 ? 90  ALA A N    1 
ATOM 1218 C CA   . ALA A 1 77  ? 15.713  -5.313  8.308   1.00 1.40 ? 90  ALA A CA   1 
ATOM 1219 C C    . ALA A 1 77  ? 15.033  -5.992  9.508   1.00 1.68 ? 90  ALA A C    1 
ATOM 1220 O O    . ALA A 1 77  ? 15.420  -7.057  9.955   1.00 2.13 ? 90  ALA A O    1 
ATOM 1221 C CB   . ALA A 1 77  ? 16.758  -6.253  7.742   1.00 1.23 ? 90  ALA A CB   1 
ATOM 1222 H H    . ALA A 1 77  ? 16.781  -3.488  7.884   1.00 1.31 ? 90  ALA A H    1 
ATOM 1223 H HA   . ALA A 1 77  ? 14.967  -5.142  7.547   1.00 1.46 ? 90  ALA A HA   1 
ATOM 1224 H HB1  . ALA A 1 77  ? 17.264  -5.769  6.923   1.00 1.79 ? 90  ALA A HB1  1 
ATOM 1225 H HB2  . ALA A 1 77  ? 17.467  -6.499  8.517   1.00 1.58 ? 90  ALA A HB2  1 
ATOM 1226 H HB3  . ALA A 1 77  ? 16.274  -7.151  7.393   1.00 1.42 ? 90  ALA A HB3  1 
ATOM 1227 N N    . ALA A 1 78  ? 14.005  -5.375  10.000  1.00 1.53 ? 91  ALA A N    1 
ATOM 1228 C CA   . ALA A 1 78  ? 13.241  -5.940  11.148  1.00 1.83 ? 91  ALA A CA   1 
ATOM 1229 C C    . ALA A 1 78  ? 12.045  -5.020  11.455  1.00 1.47 ? 91  ALA A C    1 
ATOM 1230 O O    . ALA A 1 78  ? 12.166  -3.817  11.339  1.00 1.50 ? 91  ALA A O    1 
ATOM 1231 C CB   . ALA A 1 78  ? 14.133  -6.038  12.384  1.00 2.27 ? 91  ALA A CB   1 
ATOM 1232 H H    . ALA A 1 78  ? 13.729  -4.533  9.598   1.00 1.34 ? 91  ALA A H    1 
ATOM 1233 H HA   . ALA A 1 78  ? 12.887  -6.924  10.880  1.00 2.18 ? 91  ALA A HA   1 
ATOM 1234 H HB1  . ALA A 1 78  ? 14.807  -5.198  12.410  1.00 2.59 ? 91  ALA A HB1  1 
ATOM 1235 H HB2  . ALA A 1 78  ? 13.514  -6.033  13.271  1.00 2.60 ? 91  ALA A HB2  1 
ATOM 1236 H HB3  . ALA A 1 78  ? 14.698  -6.958  12.347  1.00 2.59 ? 91  ALA A HB3  1 
ATOM 1237 N N    . PRO A 1 79  ? 10.917  -5.595  11.834  1.00 1.69 ? 92  PRO A N    1 
ATOM 1238 C CA   . PRO A 1 79  ? 9.716   -4.813  12.143  1.00 1.36 ? 92  PRO A CA   1 
ATOM 1239 C C    . PRO A 1 79  ? 9.820   -4.173  13.529  1.00 0.89 ? 92  PRO A C    1 
ATOM 1240 O O    . PRO A 1 79  ? 10.832  -4.270  14.197  1.00 1.51 ? 92  PRO A O    1 
ATOM 1241 C CB   . PRO A 1 79  ? 8.586   -5.841  12.113  1.00 2.14 ? 92  PRO A CB   1 
ATOM 1242 C CG   . PRO A 1 79  ? 9.249   -7.212  12.358  1.00 2.90 ? 92  PRO A CG   1 
ATOM 1243 C CD   . PRO A 1 79  ? 10.726  -7.051  11.983  1.00 2.64 ? 92  PRO A CD   1 
ATOM 1244 H HA   . PRO A 1 79  ? 9.557   -4.078  11.389  1.00 1.67 ? 92  PRO A HA   1 
ATOM 1245 H HB2  . PRO A 1 79  ? 7.868   -5.623  12.892  1.00 1.91 ? 92  PRO A HB2  1 
ATOM 1246 H HB3  . PRO A 1 79  ? 8.103   -5.835  11.148  1.00 2.67 ? 92  PRO A HB3  1 
ATOM 1247 H HG2  . PRO A 1 79  ? 9.159   -7.486  13.401  1.00 3.05 ? 92  PRO A HG2  1 
ATOM 1248 H HG3  . PRO A 1 79  ? 8.797   -7.963  11.734  1.00 3.67 ? 92  PRO A HG3  1 
ATOM 1249 H HD2  . PRO A 1 79  ? 11.359  -7.431  12.767  1.00 2.80 ? 92  PRO A HD2  1 
ATOM 1250 H HD3  . PRO A 1 79  ? 10.933  -7.543  11.048  1.00 3.20 ? 92  PRO A HD3  1 
ATOM 1251 N N    . THR A 1 80  ? 8.769   -3.527  13.963  1.00 0.97 ? 93  THR A N    1 
ATOM 1252 C CA   . THR A 1 80  ? 8.774   -2.880  15.308  1.00 1.76 ? 93  THR A CA   1 
ATOM 1253 C C    . THR A 1 80  ? 7.345   -2.866  15.859  1.00 1.71 ? 93  THR A C    1 
ATOM 1254 O O    . THR A 1 80  ? 7.109   -3.198  17.005  1.00 2.32 ? 93  THR A O    1 
ATOM 1255 C CB   . THR A 1 80  ? 9.296   -1.443  15.192  1.00 2.67 ? 93  THR A CB   1 
ATOM 1256 O OG1  . THR A 1 80  ? 9.104   -0.972  13.863  1.00 2.91 ? 93  THR A OG1  1 
ATOM 1257 C CG2  . THR A 1 80  ? 10.786  -1.409  15.536  1.00 3.35 ? 93  THR A CG2  1 
ATOM 1258 H H    . THR A 1 80  ? 7.968   -3.475  13.401  1.00 1.21 ? 93  THR A H    1 
ATOM 1259 H HA   . THR A 1 80  ? 9.411   -3.443  15.974  1.00 2.13 ? 93  THR A HA   1 
ATOM 1260 H HB   . THR A 1 80  ? 8.759   -0.808  15.879  1.00 3.22 ? 93  THR A HB   1 
ATOM 1261 H HG1  . THR A 1 80  ? 9.714   -1.442  13.291  1.00 3.25 ? 93  THR A HG1  1 
ATOM 1262 H HG21 . THR A 1 80  ? 11.320  -2.089  14.888  1.00 3.72 ? 93  THR A HG21 1 
ATOM 1263 H HG22 . THR A 1 80  ? 11.165  -0.408  15.398  1.00 3.59 ? 93  THR A HG22 1 
ATOM 1264 H HG23 . THR A 1 80  ? 10.925  -1.709  16.564  1.00 3.77 ? 93  THR A HG23 1 
ATOM 1265 N N    . ARG A 1 81  ? 6.393   -2.485  15.044  1.00 1.20 ? 94  ARG A N    1 
ATOM 1266 C CA   . ARG A 1 81  ? 4.973   -2.447  15.501  1.00 1.13 ? 94  ARG A CA   1 
ATOM 1267 C C    . ARG A 1 81  ? 4.097   -3.202  14.499  1.00 0.99 ? 94  ARG A C    1 
ATOM 1268 O O    . ARG A 1 81  ? 4.547   -3.582  13.436  1.00 0.98 ? 94  ARG A O    1 
ATOM 1269 C CB   . ARG A 1 81  ? 4.504   -0.995  15.592  1.00 1.13 ? 94  ARG A CB   1 
ATOM 1270 C CG   . ARG A 1 81  ? 4.780   -0.295  14.265  1.00 1.38 ? 94  ARG A CG   1 
ATOM 1271 C CD   . ARG A 1 81  ? 4.310   1.156   14.347  1.00 1.22 ? 94  ARG A CD   1 
ATOM 1272 N NE   . ARG A 1 81  ? 5.294   1.954   15.143  1.00 1.48 ? 94  ARG A NE   1 
ATOM 1273 C CZ   . ARG A 1 81  ? 4.979   3.129   15.651  1.00 1.53 ? 94  ARG A CZ   1 
ATOM 1274 N NH1  . ARG A 1 81  ? 3.787   3.654   15.483  1.00 1.87 ? 94  ARG A NH1  1 
ATOM 1275 N NH2  . ARG A 1 81  ? 5.873   3.787   16.337  1.00 1.90 ? 94  ARG A NH2  1 
ATOM 1276 H H    . ARG A 1 81  ? 6.614   -2.225  14.126  1.00 1.15 ? 94  ARG A H    1 
ATOM 1277 H HA   . ARG A 1 81  ? 4.893   -2.908  16.469  1.00 1.21 ? 94  ARG A HA   1 
ATOM 1278 H HB2  . ARG A 1 81  ? 3.444   -0.970  15.802  1.00 1.23 ? 94  ARG A HB2  1 
ATOM 1279 H HB3  . ARG A 1 81  ? 5.041   -0.490  16.382  1.00 1.42 ? 94  ARG A HB3  1 
ATOM 1280 H HG2  . ARG A 1 81  ? 5.840   -0.322  14.060  1.00 1.83 ? 94  ARG A HG2  1 
ATOM 1281 H HG3  . ARG A 1 81  ? 4.245   -0.801  13.476  1.00 1.84 ? 94  ARG A HG3  1 
ATOM 1282 H HD2  . ARG A 1 81  ? 4.236   1.567   13.352  1.00 1.36 ? 94  ARG A HD2  1 
ATOM 1283 H HD3  . ARG A 1 81  ? 3.344   1.194   14.828  1.00 1.36 ? 94  ARG A HD3  1 
ATOM 1284 H HE   . ARG A 1 81  ? 6.195   1.595   15.291  1.00 2.00 ? 94  ARG A HE   1 
ATOM 1285 H HH11 . ARG A 1 81  ? 3.087   3.167   14.961  1.00 1.97 ? 94  ARG A HH11 1 
ATOM 1286 H HH12 . ARG A 1 81  ? 3.577   4.548   15.880  1.00 2.34 ? 94  ARG A HH12 1 
ATOM 1287 H HH21 . ARG A 1 81  ? 6.784   3.399   16.472  1.00 2.26 ? 94  ARG A HH21 1 
ATOM 1288 H HH22 . ARG A 1 81  ? 5.646   4.680   16.726  1.00 2.09 ? 94  ARG A HH22 1 
ATOM 1289 N N    . HIS A 1 82  ? 2.846   -3.419  14.829  1.00 0.94 ? 95  HIS A N    1 
ATOM 1290 C CA   . HIS A 1 82  ? 1.936   -4.147  13.894  1.00 0.85 ? 95  HIS A CA   1 
ATOM 1291 C C    . HIS A 1 82  ? 1.791   -3.334  12.595  1.00 0.76 ? 95  HIS A C    1 
ATOM 1292 O O    . HIS A 1 82  ? 1.874   -2.123  12.631  1.00 0.76 ? 95  HIS A O    1 
ATOM 1293 C CB   . HIS A 1 82  ? 0.563   -4.317  14.549  1.00 0.86 ? 95  HIS A CB   1 
ATOM 1294 C CG   . HIS A 1 82  ? 0.686   -5.226  15.740  1.00 1.52 ? 95  HIS A CG   1 
ATOM 1295 N ND1  . HIS A 1 82  ? -0.220  -5.197  16.789  1.00 2.32 ? 95  HIS A ND1  1 
ATOM 1296 C CD2  . HIS A 1 82  ? 1.602   -6.196  16.063  1.00 2.36 ? 95  HIS A CD2  1 
ATOM 1297 C CE1  . HIS A 1 82  ? 0.167   -6.123  17.685  1.00 3.05 ? 95  HIS A CE1  1 
ATOM 1298 N NE2  . HIS A 1 82  ? 1.272   -6.761  17.293  1.00 3.08 ? 95  HIS A NE2  1 
ATOM 1299 H H    . HIS A 1 82  ? 2.507   -3.101  15.692  1.00 1.00 ? 95  HIS A H    1 
ATOM 1300 H HA   . HIS A 1 82  ? 2.353   -5.118  13.672  1.00 0.89 ? 95  HIS A HA   1 
ATOM 1301 H HB2  . HIS A 1 82  ? 0.195   -3.352  14.867  1.00 1.05 ? 95  HIS A HB2  1 
ATOM 1302 H HB3  . HIS A 1 82  ? -0.125  -4.748  13.836  1.00 1.22 ? 95  HIS A HB3  1 
ATOM 1303 H HD1  . HIS A 1 82  ? -1.001  -4.608  16.864  1.00 2.70 ? 95  HIS A HD1  1 
ATOM 1304 H HD2  . HIS A 1 82  ? 2.449   -6.478  15.456  1.00 2.84 ? 95  HIS A HD2  1 
ATOM 1305 H HE1  . HIS A 1 82  ? -0.353  -6.325  18.610  1.00 3.85 ? 95  HIS A HE1  1 
ATOM 1306 N N    . PRO A 1 83  ? 1.588   -4.008  11.474  1.00 0.73 ? 96  PRO A N    1 
ATOM 1307 C CA   . PRO A 1 83  ? 1.450   -3.325  10.177  1.00 0.69 ? 96  PRO A CA   1 
ATOM 1308 C C    . PRO A 1 83  ? 0.068   -2.711  9.991   1.00 0.60 ? 96  PRO A C    1 
ATOM 1309 O O    . PRO A 1 83  ? -0.682  -2.513  10.928  1.00 0.58 ? 96  PRO A O    1 
ATOM 1310 C CB   . PRO A 1 83  ? 1.680   -4.424  9.149   1.00 0.78 ? 96  PRO A CB   1 
ATOM 1311 C CG   . PRO A 1 83  ? 1.396   -5.765  9.866   1.00 0.84 ? 96  PRO A CG   1 
ATOM 1312 C CD   . PRO A 1 83  ? 1.484   -5.487  11.380  1.00 0.80 ? 96  PRO A CD   1 
ATOM 1313 H HA   . PRO A 1 83  ? 2.212   -2.570  10.070  1.00 0.73 ? 96  PRO A HA   1 
ATOM 1314 H HB2  . PRO A 1 83  ? 0.998   -4.294  8.316   1.00 0.77 ? 96  PRO A HB2  1 
ATOM 1315 H HB3  . PRO A 1 83  ? 2.693   -4.390  8.804   1.00 0.86 ? 96  PRO A HB3  1 
ATOM 1316 H HG2  . PRO A 1 83  ? 0.407   -6.120  9.608   1.00 0.84 ? 96  PRO A HG2  1 
ATOM 1317 H HG3  . PRO A 1 83  ? 2.137   -6.499  9.588   1.00 0.95 ? 96  PRO A HG3  1 
ATOM 1318 H HD2  . PRO A 1 83  ? 0.592   -5.839  11.881  1.00 0.79 ? 96  PRO A HD2  1 
ATOM 1319 H HD3  . PRO A 1 83  ? 2.364   -5.949  11.800  1.00 0.87 ? 96  PRO A HD3  1 
ATOM 1320 N N    . ILE A 1 84  ? -0.238  -2.370  8.770   1.00 0.61 ? 97  ILE A N    1 
ATOM 1321 C CA   . ILE A 1 84  ? -1.520  -1.720  8.454   1.00 0.57 ? 97  ILE A CA   1 
ATOM 1322 C C    . ILE A 1 84  ? -2.716  -2.649  8.650   1.00 0.57 ? 97  ILE A C    1 
ATOM 1323 O O    . ILE A 1 84  ? -2.624  -3.728  9.202   1.00 0.60 ? 97  ILE A O    1 
ATOM 1324 C CB   . ILE A 1 84  ? -1.417  -1.136  7.009   1.00 0.59 ? 97  ILE A CB   1 
ATOM 1325 C CG1  . ILE A 1 84  ? -1.956  0.296   6.983   1.00 0.63 ? 97  ILE A CG1  1 
ATOM 1326 C CG2  . ILE A 1 84  ? -2.159  -1.964  5.951   1.00 0.64 ? 97  ILE A CG2  1 
ATOM 1327 C CD1  . ILE A 1 84  ? -1.268  1.117   8.064   1.00 0.65 ? 97  ILE A CD1  1 
ATOM 1328 H H    . ILE A 1 84  ? 0.409   -2.506  8.054   1.00 0.67 ? 97  ILE A H    1 
ATOM 1329 H HA   . ILE A 1 84  ? -1.644  -0.907  9.144   1.00 0.58 ? 97  ILE A HA   1 
ATOM 1330 H HB   . ILE A 1 84  ? -0.380  -1.107  6.737   1.00 0.62 ? 97  ILE A HB   1 
ATOM 1331 H HG12 . ILE A 1 84  ? -1.758  0.734   6.017   1.00 0.68 ? 97  ILE A HG12 1 
ATOM 1332 H HG13 . ILE A 1 84  ? -3.012  0.287   7.161   1.00 0.66 ? 97  ILE A HG13 1 
ATOM 1333 H HG21 . ILE A 1 84  ? -2.074  -3.011  6.188   1.00 1.19 ? 97  ILE A HG21 1 
ATOM 1334 H HG22 . ILE A 1 84  ? -3.199  -1.676  5.935   1.00 1.28 ? 97  ILE A HG22 1 
ATOM 1335 H HG23 . ILE A 1 84  ? -1.719  -1.776  4.980   1.00 1.14 ? 97  ILE A HG23 1 
ATOM 1336 H HD11 . ILE A 1 84  ? -0.444  0.542   8.474   1.00 1.14 ? 97  ILE A HD11 1 
ATOM 1337 H HD12 . ILE A 1 84  ? -0.902  2.027   7.643   1.00 1.15 ? 97  ILE A HD12 1 
ATOM 1338 H HD13 . ILE A 1 84  ? -1.977  1.326   8.850   1.00 1.19 ? 97  ILE A HD13 1 
ATOM 1339 N N    . HIS A 1 85  ? -3.845  -2.173  8.228   1.00 0.58 ? 98  HIS A N    1 
ATOM 1340 C CA   . HIS A 1 85  ? -5.112  -2.915  8.387   1.00 0.62 ? 98  HIS A CA   1 
ATOM 1341 C C    . HIS A 1 85  ? -6.078  -2.408  7.323   1.00 0.67 ? 98  HIS A C    1 
ATOM 1342 O O    . HIS A 1 85  ? -6.528  -1.285  7.376   1.00 1.03 ? 98  HIS A O    1 
ATOM 1343 C CB   . HIS A 1 85  ? -5.648  -2.595  9.776   1.00 0.65 ? 98  HIS A CB   1 
ATOM 1344 C CG   . HIS A 1 85  ? -6.757  -3.548  10.132  1.00 0.74 ? 98  HIS A CG   1 
ATOM 1345 N ND1  . HIS A 1 85  ? -7.824  -3.172  10.933  1.00 1.31 ? 98  HIS A ND1  1 
ATOM 1346 C CD2  . HIS A 1 85  ? -6.976  -4.863  9.805   1.00 1.34 ? 98  HIS A CD2  1 
ATOM 1347 C CE1  . HIS A 1 85  ? -8.630  -4.242  11.060  1.00 1.14 ? 98  HIS A CE1  1 
ATOM 1348 N NE2  . HIS A 1 85  ? -8.160  -5.299  10.392  1.00 1.07 ? 98  HIS A NE2  1 
ATOM 1349 H H    . HIS A 1 85  ? -3.862  -1.284  7.821   1.00 0.61 ? 98  HIS A H    1 
ATOM 1350 H HA   . HIS A 1 85  ? -4.950  -3.977  8.275   1.00 0.63 ? 98  HIS A HA   1 
ATOM 1351 H HB2  . HIS A 1 85  ? -4.842  -2.682  10.493  1.00 0.64 ? 98  HIS A HB2  1 
ATOM 1352 H HB3  . HIS A 1 85  ? -6.021  -1.579  9.783   1.00 0.68 ? 98  HIS A HB3  1 
ATOM 1353 H HD1  . HIS A 1 85  ? -7.966  -2.289  11.332  1.00 2.07 ? 98  HIS A HD1  1 
ATOM 1354 H HD2  . HIS A 1 85  ? -6.329  -5.467  9.187   1.00 2.23 ? 98  HIS A HD2  1 
ATOM 1355 H HE1  . HIS A 1 85  ? -9.546  -4.245  11.632  1.00 1.69 ? 98  HIS A HE1  1 
ATOM 1356 N N    . ILE A 1 86  ? -6.377  -3.214  6.350   1.00 0.55 ? 99  ILE A N    1 
ATOM 1357 C CA   . ILE A 1 86  ? -7.282  -2.758  5.251   1.00 0.60 ? 99  ILE A CA   1 
ATOM 1358 C C    . ILE A 1 86  ? -8.738  -3.020  5.667   1.00 0.69 ? 99  ILE A C    1 
ATOM 1359 O O    . ILE A 1 86  ? -9.011  -3.253  6.831   1.00 1.09 ? 99  ILE A O    1 
ATOM 1360 C CB   . ILE A 1 86  ? -6.909  -3.491  3.938   1.00 0.61 ? 99  ILE A CB   1 
ATOM 1361 C CG1  . ILE A 1 86  ? -5.380  -3.725  3.867   1.00 0.68 ? 99  ILE A CG1  1 
ATOM 1362 C CG2  . ILE A 1 86  ? -7.315  -2.649  2.715   1.00 0.68 ? 99  ILE A CG2  1 
ATOM 1363 C CD1  . ILE A 1 86  ? -4.634  -2.388  3.975   1.00 0.92 ? 99  ILE A CD1  1 
ATOM 1364 H H    . ILE A 1 86  ? -5.989  -4.111  6.326   1.00 0.69 ? 99  ILE A H    1 
ATOM 1365 H HA   . ILE A 1 86  ? -7.146  -1.696  5.110   1.00 0.64 ? 99  ILE A HA   1 
ATOM 1366 H HB   . ILE A 1 86  ? -7.422  -4.438  3.910   1.00 0.65 ? 99  ILE A HB   1 
ATOM 1367 H HG12 . ILE A 1 86  ? -5.074  -4.367  4.675   1.00 1.22 ? 99  ILE A HG12 1 
ATOM 1368 H HG13 . ILE A 1 86  ? -5.135  -4.189  2.927   1.00 1.11 ? 99  ILE A HG13 1 
ATOM 1369 H HG21 . ILE A 1 86  ? -7.445  -1.626  3.011   1.00 1.22 ? 99  ILE A HG21 1 
ATOM 1370 H HG22 . ILE A 1 86  ? -6.541  -2.702  1.964   1.00 1.24 ? 99  ILE A HG22 1 
ATOM 1371 H HG23 . ILE A 1 86  ? -8.239  -3.028  2.302   1.00 1.17 ? 99  ILE A HG23 1 
ATOM 1372 H HD11 . ILE A 1 86  ? -4.897  -1.904  4.904   1.00 1.49 ? 99  ILE A HD11 1 
ATOM 1373 H HD12 . ILE A 1 86  ? -3.569  -2.568  3.951   1.00 1.34 ? 99  ILE A HD12 1 
ATOM 1374 H HD13 . ILE A 1 86  ? -4.912  -1.754  3.146   1.00 1.58 ? 99  ILE A HD13 1 
ATOM 1375 N N    . LYS A 1 87  ? -9.678  -2.934  4.757   1.00 0.76 ? 100 LYS A N    1 
ATOM 1376 C CA   . LYS A 1 87  ? -11.107 -3.121  5.136   1.00 0.80 ? 100 LYS A CA   1 
ATOM 1377 C C    . LYS A 1 87  ? -11.710 -4.307  4.380   1.00 0.81 ? 100 LYS A C    1 
ATOM 1378 O O    . LYS A 1 87  ? -11.004 -5.151  3.863   1.00 0.87 ? 100 LYS A O    1 
ATOM 1379 C CB   . LYS A 1 87  ? -11.867 -1.833  4.782   1.00 0.91 ? 100 LYS A CB   1 
ATOM 1380 C CG   . LYS A 1 87  ? -12.819 -1.455  5.921   1.00 1.35 ? 100 LYS A CG   1 
ATOM 1381 C CD   . LYS A 1 87  ? -12.015 -1.154  7.195   1.00 2.27 ? 100 LYS A CD   1 
ATOM 1382 C CE   . LYS A 1 87  ? -12.673 -1.837  8.396   1.00 2.82 ? 100 LYS A CE   1 
ATOM 1383 N NZ   . LYS A 1 87  ? -12.188 -3.241  8.497   1.00 3.51 ? 100 LYS A NZ   1 
ATOM 1384 H H    . LYS A 1 87  ? -9.452  -2.711  3.838   1.00 1.04 ? 100 LYS A H    1 
ATOM 1385 H HA   . LYS A 1 87  ? -11.178 -3.299  6.199   1.00 0.82 ? 100 LYS A HA   1 
ATOM 1386 H HB2  . LYS A 1 87  ? -11.157 -1.031  4.627   1.00 0.95 ? 100 LYS A HB2  1 
ATOM 1387 H HB3  . LYS A 1 87  ? -12.434 -1.984  3.874   1.00 0.97 ? 100 LYS A HB3  1 
ATOM 1388 H HG2  . LYS A 1 87  ? -13.384 -0.579  5.635   1.00 1.53 ? 100 LYS A HG2  1 
ATOM 1389 H HG3  . LYS A 1 87  ? -13.497 -2.272  6.107   1.00 1.73 ? 100 LYS A HG3  1 
ATOM 1390 H HD2  . LYS A 1 87  ? -11.005 -1.523  7.083   1.00 2.69 ? 100 LYS A HD2  1 
ATOM 1391 H HD3  . LYS A 1 87  ? -11.991 -0.088  7.360   1.00 2.73 ? 100 LYS A HD3  1 
ATOM 1392 H HE2  . LYS A 1 87  ? -12.416 -1.302  9.300   1.00 3.00 ? 100 LYS A HE2  1 
ATOM 1393 H HE3  . LYS A 1 87  ? -13.746 -1.834  8.270   1.00 3.16 ? 100 LYS A HE3  1 
ATOM 1394 H HZ1  . LYS A 1 87  ? -11.151 -3.257  8.425   1.00 3.75 ? 100 LYS A HZ1  1 
ATOM 1395 H HZ2  . LYS A 1 87  ? -12.480 -3.644  9.412   1.00 3.89 ? 100 LYS A HZ2  1 
ATOM 1396 H HZ3  . LYS A 1 87  ? -12.594 -3.805  7.724   1.00 3.87 ? 100 LYS A HZ3  1 
ATOM 1397 N N    . ASP A 1 88  ? -13.020 -4.370  4.315   1.00 0.84 ? 101 ASP A N    1 
ATOM 1398 C CA   . ASP A 1 88  ? -13.695 -5.490  3.597   1.00 0.93 ? 101 ASP A CA   1 
ATOM 1399 C C    . ASP A 1 88  ? -13.176 -5.573  2.160   1.00 0.96 ? 101 ASP A C    1 
ATOM 1400 O O    . ASP A 1 88  ? -13.222 -6.619  1.540   1.00 1.04 ? 101 ASP A O    1 
ATOM 1401 C CB   . ASP A 1 88  ? -15.206 -5.246  3.579   1.00 1.05 ? 101 ASP A CB   1 
ATOM 1402 C CG   . ASP A 1 88  ? -15.806 -5.673  4.919   1.00 1.55 ? 101 ASP A CG   1 
ATOM 1403 O OD1  . ASP A 1 88  ? -15.855 -4.846  5.814   1.00 2.19 ? 101 ASP A OD1  1 
ATOM 1404 O OD2  . ASP A 1 88  ? -16.208 -6.820  5.028   1.00 2.18 ? 101 ASP A OD2  1 
ATOM 1405 H H    . ASP A 1 88  ? -13.561 -3.675  4.739   1.00 0.86 ? 101 ASP A H    1 
ATOM 1406 H HA   . ASP A 1 88  ? -13.488 -6.419  4.106   1.00 0.94 ? 101 ASP A HA   1 
ATOM 1407 H HB2  . ASP A 1 88  ? -15.397 -4.196  3.415   1.00 1.41 ? 101 ASP A HB2  1 
ATOM 1408 H HB3  . ASP A 1 88  ? -15.654 -5.824  2.785   1.00 1.43 ? 101 ASP A HB3  1 
ATOM 1409 N N    . GLY A 1 89  ? -12.671 -4.482  1.627   1.00 0.95 ? 102 GLY A N    1 
ATOM 1410 C CA   . GLY A 1 89  ? -12.139 -4.524  0.232   1.00 1.04 ? 102 GLY A CA   1 
ATOM 1411 C C    . GLY A 1 89  ? -12.664 -3.337  -0.576  1.00 1.03 ? 102 GLY A C    1 
ATOM 1412 O O    . GLY A 1 89  ? -13.011 -3.477  -1.735  1.00 1.21 ? 102 GLY A O    1 
ATOM 1413 H H    . GLY A 1 89  ? -12.633 -3.641  2.150   1.00 0.93 ? 102 GLY A H    1 
ATOM 1414 H HA2  . GLY A 1 89  ? -11.064 -4.496  0.263   1.00 1.04 ? 102 GLY A HA2  1 
ATOM 1415 H HA3  . GLY A 1 89  ? -12.454 -5.440  -0.244  1.00 1.14 ? 102 GLY A HA3  1 
ATOM 1416 N N    . ASP A 1 90  ? -12.728 -2.172  0.018   1.00 0.94 ? 103 ASP A N    1 
ATOM 1417 C CA   . ASP A 1 90  ? -13.232 -0.982  -0.728  1.00 0.98 ? 103 ASP A CA   1 
ATOM 1418 C C    . ASP A 1 90  ? -12.049 -0.145  -1.219  1.00 0.94 ? 103 ASP A C    1 
ATOM 1419 O O    . ASP A 1 90  ? -11.099 0.093   -0.491  1.00 0.92 ? 103 ASP A O    1 
ATOM 1420 C CB   . ASP A 1 90  ? -14.109 -0.136  0.196   1.00 1.03 ? 103 ASP A CB   1 
ATOM 1421 C CG   . ASP A 1 90  ? -15.515 -0.735  0.254   1.00 1.46 ? 103 ASP A CG   1 
ATOM 1422 O OD1  . ASP A 1 90  ? -15.684 -1.734  0.932   1.00 2.10 ? 103 ASP A OD1  1 
ATOM 1423 O OD2  . ASP A 1 90  ? -16.399 -0.184  -0.383  1.00 1.93 ? 103 ASP A OD2  1 
ATOM 1424 H H    . ASP A 1 90  ? -12.444 -2.080  0.954   1.00 0.94 ? 103 ASP A H    1 
ATOM 1425 H HA   . ASP A 1 90  ? -13.816 -1.310  -1.575  1.00 1.05 ? 103 ASP A HA   1 
ATOM 1426 H HB2  . ASP A 1 90  ? -13.680 -0.123  1.187   1.00 1.11 ? 103 ASP A HB2  1 
ATOM 1427 H HB3  . ASP A 1 90  ? -14.165 0.873   -0.185  1.00 1.26 ? 103 ASP A HB3  1 
ATOM 1428 N N    . TRP A 1 91  ? -12.101 0.314   -2.451  1.00 0.96 ? 104 TRP A N    1 
ATOM 1429 C CA   . TRP A 1 91  ? -10.980 1.142   -2.992  1.00 0.94 ? 104 TRP A CA   1 
ATOM 1430 C C    . TRP A 1 91  ? -10.781 2.389   -2.126  1.00 0.95 ? 104 TRP A C    1 
ATOM 1431 O O    . TRP A 1 91  ? -9.746  3.013   -2.185  1.00 0.94 ? 104 TRP A O    1 
ATOM 1432 C CB   . TRP A 1 91  ? -11.271 1.557   -4.440  1.00 0.99 ? 104 TRP A CB   1 
ATOM 1433 C CG   . TRP A 1 91  ? -10.604 0.594   -5.373  1.00 0.94 ? 104 TRP A CG   1 
ATOM 1434 C CD1  . TRP A 1 91  ? -11.207 -0.016  -6.419  1.00 0.99 ? 104 TRP A CD1  1 
ATOM 1435 C CD2  . TRP A 1 91  ? -9.224  0.110   -5.357  1.00 0.86 ? 104 TRP A CD2  1 
ATOM 1436 N NE1  . TRP A 1 91  ? -10.292 -0.846  -7.041  1.00 0.95 ? 104 TRP A NE1  1 
ATOM 1437 C CE2  . TRP A 1 91  ? -9.057  -0.804  -6.422  1.00 0.87 ? 104 TRP A CE2  1 
ATOM 1438 C CE3  . TRP A 1 91  ? -8.114  0.370   -4.528  1.00 0.79 ? 104 TRP A CE3  1 
ATOM 1439 C CZ2  . TRP A 1 91  ? -7.840  -1.440  -6.657  1.00 0.82 ? 104 TRP A CZ2  1 
ATOM 1440 C CZ3  . TRP A 1 91  ? -6.876  -0.272  -4.759  1.00 0.73 ? 104 TRP A CZ3  1 
ATOM 1441 C CH2  . TRP A 1 91  ? -6.748  -1.178  -5.824  1.00 0.75 ? 104 TRP A CH2  1 
ATOM 1442 H H    . TRP A 1 91  ? -12.878 0.115   -3.014  1.00 0.99 ? 104 TRP A H    1 
ATOM 1443 H HA   . TRP A 1 91  ? -10.071 0.556   -2.966  1.00 0.89 ? 104 TRP A HA   1 
ATOM 1444 H HB2  . TRP A 1 91  ? -12.337 1.546   -4.611  1.00 1.06 ? 104 TRP A HB2  1 
ATOM 1445 H HB3  . TRP A 1 91  ? -10.888 2.552   -4.615  1.00 1.03 ? 104 TRP A HB3  1 
ATOM 1446 H HD1  . TRP A 1 91  ? -12.236 0.121   -6.718  1.00 1.06 ? 104 TRP A HD1  1 
ATOM 1447 H HE1  . TRP A 1 91  ? -10.477 -1.406  -7.823  1.00 0.99 ? 104 TRP A HE1  1 
ATOM 1448 H HE3  . TRP A 1 91  ? -8.213  1.071   -3.716  1.00 0.81 ? 104 TRP A HE3  1 
ATOM 1449 H HZ2  . TRP A 1 91  ? -7.745  -2.136  -7.476  1.00 0.86 ? 104 TRP A HZ2  1 
ATOM 1450 H HZ3  . TRP A 1 91  ? -6.020  -0.072  -4.112  1.00 0.70 ? 104 TRP A HZ3  1 
ATOM 1451 H HH2  . TRP A 1 91  ? -5.808  -1.676  -5.997  1.00 0.73 ? 104 TRP A HH2  1 
ATOM 1452 N N    . ASN A 1 92  ? -11.751 2.751   -1.312  1.00 1.00 ? 105 ASN A N    1 
ATOM 1453 C CA   . ASN A 1 92  ? -11.584 3.943   -0.432  1.00 1.03 ? 105 ASN A CA   1 
ATOM 1454 C C    . ASN A 1 92  ? -10.523 3.608   0.623   1.00 0.97 ? 105 ASN A C    1 
ATOM 1455 O O    . ASN A 1 92  ? -9.647  4.404   0.921   1.00 0.96 ? 105 ASN A O    1 
ATOM 1456 C CB   . ASN A 1 92  ? -12.911 4.265   0.256   1.00 1.11 ? 105 ASN A CB   1 
ATOM 1457 C CG   . ASN A 1 92  ? -13.841 4.974   -0.731  1.00 1.47 ? 105 ASN A CG   1 
ATOM 1458 O OD1  . ASN A 1 92  ? -14.966 4.560   -0.928  1.00 1.96 ? 105 ASN A OD1  1 
ATOM 1459 N ND2  . ASN A 1 92  ? -13.415 6.033   -1.366  1.00 1.78 ? 105 ASN A ND2  1 
ATOM 1460 H H    . ASN A 1 92  ? -12.580 2.234   -1.271  1.00 1.02 ? 105 ASN A H    1 
ATOM 1461 H HA   . ASN A 1 92  ? -11.260 4.788   -1.020  1.00 1.07 ? 105 ASN A HA   1 
ATOM 1462 H HB2  . ASN A 1 92  ? -13.373 3.347   0.589   1.00 1.16 ? 105 ASN A HB2  1 
ATOM 1463 H HB3  . ASN A 1 92  ? -12.732 4.907   1.105   1.00 1.13 ? 105 ASN A HB3  1 
ATOM 1464 H HD21 . ASN A 1 92  ? -12.508 6.367   -1.207  1.00 2.05 ? 105 ASN A HD21 1 
ATOM 1465 H HD22 . ASN A 1 92  ? -14.005 6.494   -1.999  1.00 2.06 ? 105 ASN A HD22 1 
ATOM 1466 N N    . GLU A 1 93  ? -10.588 2.418   1.175   1.00 0.94 ? 106 GLU A N    1 
ATOM 1467 C CA   . GLU A 1 93  ? -9.579  2.003   2.194   1.00 0.89 ? 106 GLU A CA   1 
ATOM 1468 C C    . GLU A 1 93  ? -8.209  1.956   1.518   1.00 0.86 ? 106 GLU A C    1 
ATOM 1469 O O    . GLU A 1 93  ? -7.288  2.627   1.939   1.00 0.86 ? 106 GLU A O    1 
ATOM 1470 C CB   . GLU A 1 93  ? -9.931  0.619   2.763   1.00 0.90 ? 106 GLU A CB   1 
ATOM 1471 C CG   . GLU A 1 93  ? -8.867  0.189   3.779   1.00 1.21 ? 106 GLU A CG   1 
ATOM 1472 C CD   . GLU A 1 93  ? -8.951  1.054   5.030   1.00 1.92 ? 106 GLU A CD   1 
ATOM 1473 O OE1  . GLU A 1 93  ? -8.598  2.216   4.944   1.00 2.64 ? 106 GLU A OE1  1 
ATOM 1474 O OE2  . GLU A 1 93  ? -9.352  0.531   6.057   1.00 2.41 ? 106 GLU A OE2  1 
ATOM 1475 H H    . GLU A 1 93  ? -11.294 1.795   0.907   1.00 0.97 ? 106 GLU A H    1 
ATOM 1476 H HA   . GLU A 1 93  ? -9.560  2.729   2.993   1.00 0.92 ? 106 GLU A HA   1 
ATOM 1477 H HB2  . GLU A 1 93  ? -10.894 0.661   3.250   1.00 0.94 ? 106 GLU A HB2  1 
ATOM 1478 H HB3  . GLU A 1 93  ? -9.968  -0.104  1.960   1.00 1.00 ? 106 GLU A HB3  1 
ATOM 1479 H HG2  . GLU A 1 93  ? -9.023  -0.837  4.047   1.00 1.61 ? 106 GLU A HG2  1 
ATOM 1480 H HG3  . GLU A 1 93  ? -7.886  0.297   3.339   1.00 1.40 ? 106 GLU A HG3  1 
ATOM 1481 N N    . PHE A 1 94  ? -8.068  1.186   0.462   1.00 0.84 ? 107 PHE A N    1 
ATOM 1482 C CA   . PHE A 1 94  ? -6.745  1.136   -0.239  1.00 0.82 ? 107 PHE A CA   1 
ATOM 1483 C C    . PHE A 1 94  ? -6.457  2.510   -0.874  1.00 0.87 ? 107 PHE A C    1 
ATOM 1484 O O    . PHE A 1 94  ? -5.355  2.774   -1.307  1.00 0.89 ? 107 PHE A O    1 
ATOM 1485 C CB   . PHE A 1 94  ? -6.731  0.105   -1.380  1.00 0.84 ? 107 PHE A CB   1 
ATOM 1486 C CG   . PHE A 1 94  ? -7.124  -1.279  -0.921  1.00 0.80 ? 107 PHE A CG   1 
ATOM 1487 C CD1  . PHE A 1 94  ? -8.470  -1.592  -0.753  1.00 1.30 ? 107 PHE A CD1  1 
ATOM 1488 C CD2  . PHE A 1 94  ? -6.147  -2.261  -0.715  1.00 1.51 ? 107 PHE A CD2  1 
ATOM 1489 C CE1  . PHE A 1 94  ? -8.852  -2.872  -0.369  1.00 1.26 ? 107 PHE A CE1  1 
ATOM 1490 C CE2  . PHE A 1 94  ? -6.530  -3.553  -0.333  1.00 1.56 ? 107 PHE A CE2  1 
ATOM 1491 C CZ   . PHE A 1 94  ? -7.886  -3.855  -0.156  1.00 0.82 ? 107 PHE A CZ   1 
ATOM 1492 H H    . PHE A 1 94  ? -8.830  0.663   0.130   1.00 0.87 ? 107 PHE A H    1 
ATOM 1493 H HA   . PHE A 1 94  ? -5.971  0.899   0.481   1.00 0.78 ? 107 PHE A HA   1 
ATOM 1494 H HB2  . PHE A 1 94  ? -7.422  0.422   -2.136  1.00 0.93 ? 107 PHE A HB2  1 
ATOM 1495 H HB3  . PHE A 1 94  ? -5.739  0.067   -1.806  1.00 0.84 ? 107 PHE A HB3  1 
ATOM 1496 H HD1  . PHE A 1 94  ? -9.216  -0.845  -0.927  1.00 2.10 ? 107 PHE A HD1  1 
ATOM 1497 H HD2  . PHE A 1 94  ? -5.101  -2.024  -0.844  1.00 2.31 ? 107 PHE A HD2  1 
ATOM 1498 H HE1  . PHE A 1 94  ? -9.896  -3.101  -0.241  1.00 2.02 ? 107 PHE A HE1  1 
ATOM 1499 H HE2  . PHE A 1 94  ? -5.785  -4.316  -0.179  1.00 2.39 ? 107 PHE A HE2  1 
ATOM 1500 H HZ   . PHE A 1 94  ? -8.185  -4.846  0.139   1.00 0.85 ? 107 PHE A HZ   1 
ATOM 1501 N N    . ARG A 1 95  ? -7.437  3.383   -0.961  1.00 0.95 ? 108 ARG A N    1 
ATOM 1502 C CA   . ARG A 1 95  ? -7.194  4.714   -1.582  1.00 1.01 ? 108 ARG A CA   1 
ATOM 1503 C C    . ARG A 1 95  ? -6.242  5.500   -0.690  1.00 1.00 ? 108 ARG A C    1 
ATOM 1504 O O    . ARG A 1 95  ? -5.159  5.855   -1.095  1.00 1.00 ? 108 ARG A O    1 
ATOM 1505 C CB   . ARG A 1 95  ? -8.520  5.475   -1.734  1.00 1.09 ? 108 ARG A CB   1 
ATOM 1506 C CG   . ARG A 1 95  ? -8.920  5.542   -3.215  1.00 2.08 ? 108 ARG A CG   1 
ATOM 1507 C CD   . ARG A 1 95  ? -9.362  6.964   -3.572  1.00 2.44 ? 108 ARG A CD   1 
ATOM 1508 N NE   . ARG A 1 95  ? -8.159  7.799   -3.876  1.00 3.08 ? 108 ARG A NE   1 
ATOM 1509 C CZ   . ARG A 1 95  ? -8.251  9.105   -4.034  1.00 3.73 ? 108 ARG A CZ   1 
ATOM 1510 N NH1  . ARG A 1 95  ? -9.401  9.731   -3.929  1.00 4.01 ? 108 ARG A NH1  1 
ATOM 1511 N NH2  . ARG A 1 95  ? -7.174  9.792   -4.300  1.00 4.48 ? 108 ARG A NH2  1 
ATOM 1512 H H    . ARG A 1 95  ? -8.323  3.164   -0.626  1.00 1.00 ? 108 ARG A H    1 
ATOM 1513 H HA   . ARG A 1 95  ? -6.738  4.577   -2.552  1.00 1.02 ? 108 ARG A HA   1 
ATOM 1514 H HB2  . ARG A 1 95  ? -9.290  4.962   -1.182  1.00 1.52 ? 108 ARG A HB2  1 
ATOM 1515 H HB3  . ARG A 1 95  ? -8.410  6.478   -1.347  1.00 1.06 ? 108 ARG A HB3  1 
ATOM 1516 H HG2  . ARG A 1 95  ? -8.078  5.262   -3.831  1.00 2.49 ? 108 ARG A HG2  1 
ATOM 1517 H HG3  . ARG A 1 95  ? -9.737  4.861   -3.396  1.00 2.77 ? 108 ARG A HG3  1 
ATOM 1518 H HD2  . ARG A 1 95  ? -10.007 6.934   -4.437  1.00 2.80 ? 108 ARG A HD2  1 
ATOM 1519 H HD3  . ARG A 1 95  ? -9.897  7.394   -2.737  1.00 2.51 ? 108 ARG A HD3  1 
ATOM 1520 H HE   . ARG A 1 95  ? -7.283  7.366   -3.959  1.00 3.35 ? 108 ARG A HE   1 
ATOM 1521 H HH11 . ARG A 1 95  ? -10.237 9.225   -3.725  1.00 3.75 ? 108 ARG A HH11 1 
ATOM 1522 H HH12 . ARG A 1 95  ? -9.439  10.723  -4.056  1.00 4.72 ? 108 ARG A HH12 1 
ATOM 1523 H HH21 . ARG A 1 95  ? -6.292  9.328   -4.381  1.00 4.65 ? 108 ARG A HH21 1 
ATOM 1524 H HH22 . ARG A 1 95  ? -7.230  10.783  -4.422  1.00 5.06 ? 108 ARG A HH22 1 
ATOM 1525 N N    . ARG A 1 96  ? -6.644  5.774   0.520   1.00 1.00 ? 109 ARG A N    1 
ATOM 1526 C CA   . ARG A 1 96  ? -5.760  6.538   1.447   1.00 1.01 ? 109 ARG A CA   1 
ATOM 1527 C C    . ARG A 1 96  ? -4.543  5.685   1.850   1.00 0.90 ? 109 ARG A C    1 
ATOM 1528 O O    . ARG A 1 96  ? -3.418  6.157   1.851   1.00 0.88 ? 109 ARG A O    1 
ATOM 1529 C CB   . ARG A 1 96  ? -6.550  6.926   2.697   1.00 1.06 ? 109 ARG A CB   1 
ATOM 1530 C CG   . ARG A 1 96  ? -7.576  8.008   2.343   1.00 1.27 ? 109 ARG A CG   1 
ATOM 1531 C CD   . ARG A 1 96  ? -8.872  7.771   3.126   1.00 1.36 ? 109 ARG A CD   1 
ATOM 1532 N NE   . ARG A 1 96  ? -9.917  7.229   2.202   1.00 1.24 ? 109 ARG A NE   1 
ATOM 1533 C CZ   . ARG A 1 96  ? -10.556 8.011   1.354   1.00 1.57 ? 109 ARG A CZ   1 
ATOM 1534 N NH1  . ARG A 1 96  ? -10.306 9.299   1.281   1.00 1.96 ? 109 ARG A NH1  1 
ATOM 1535 N NH2  . ARG A 1 96  ? -11.458 7.493   0.567   1.00 1.82 ? 109 ARG A NH2  1 
ATOM 1536 H H    . ARG A 1 96  ? -7.531  5.475   0.822   1.00 1.01 ? 109 ARG A H    1 
ATOM 1537 H HA   . ARG A 1 96  ? -5.416  7.434   0.953   1.00 1.07 ? 109 ARG A HA   1 
ATOM 1538 H HB2  . ARG A 1 96  ? -7.062  6.055   3.083   1.00 1.16 ? 109 ARG A HB2  1 
ATOM 1539 H HB3  . ARG A 1 96  ? -5.874  7.307   3.447   1.00 1.18 ? 109 ARG A HB3  1 
ATOM 1540 H HG2  . ARG A 1 96  ? -7.174  8.979   2.598   1.00 1.57 ? 109 ARG A HG2  1 
ATOM 1541 H HG3  . ARG A 1 96  ? -7.787  7.973   1.285   1.00 1.54 ? 109 ARG A HG3  1 
ATOM 1542 H HD2  . ARG A 1 96  ? -8.694  7.063   3.922   1.00 1.70 ? 109 ARG A HD2  1 
ATOM 1543 H HD3  . ARG A 1 96  ? -9.214  8.705   3.546   1.00 1.70 ? 109 ARG A HD3  1 
ATOM 1544 H HE   . ARG A 1 96  ? -10.130 6.272   2.228   1.00 1.25 ? 109 ARG A HE   1 
ATOM 1545 H HH11 . ARG A 1 96  ? -9.618  9.716   1.873   1.00 1.93 ? 109 ARG A HH11 1 
ATOM 1546 H HH12 . ARG A 1 96  ? -10.807 9.866   0.628   1.00 2.41 ? 109 ARG A HH12 1 
ATOM 1547 H HH21 . ARG A 1 96  ? -11.659 6.514   0.611   1.00 1.71 ? 109 ARG A HH21 1 
ATOM 1548 H HH22 . ARG A 1 96  ? -11.950 8.075   -0.081  1.00 2.27 ? 109 ARG A HH22 1 
ATOM 1549 N N    . LYS A 1 97  ? -4.766  4.441   2.212   1.00 0.86 ? 110 LYS A N    1 
ATOM 1550 C CA   . LYS A 1 97  ? -3.638  3.560   2.647   1.00 0.76 ? 110 LYS A CA   1 
ATOM 1551 C C    . LYS A 1 97  ? -2.662  3.307   1.507   1.00 0.71 ? 110 LYS A C    1 
ATOM 1552 O O    . LYS A 1 97  ? -1.486  3.569   1.625   1.00 0.70 ? 110 LYS A O    1 
ATOM 1553 C CB   . LYS A 1 97  ? -4.173  2.200   3.091   1.00 0.75 ? 110 LYS A CB   1 
ATOM 1554 C CG   . LYS A 1 97  ? -5.015  2.338   4.355   1.00 1.00 ? 110 LYS A CG   1 
ATOM 1555 C CD   . LYS A 1 97  ? -5.200  0.955   4.981   1.00 1.02 ? 110 LYS A CD   1 
ATOM 1556 C CE   . LYS A 1 97  ? -5.227  1.078   6.498   1.00 1.18 ? 110 LYS A CE   1 
ATOM 1557 N NZ   . LYS A 1 97  ? -6.588  1.490   6.949   1.00 2.03 ? 110 LYS A NZ   1 
ATOM 1558 H H    . LYS A 1 97  ? -5.680  4.090   2.211   1.00 0.90 ? 110 LYS A H    1 
ATOM 1559 H HA   . LYS A 1 97  ? -3.116  4.023   3.472   1.00 0.76 ? 110 LYS A HA   1 
ATOM 1560 H HB2  . LYS A 1 97  ? -4.776  1.779   2.303   1.00 1.03 ? 110 LYS A HB2  1 
ATOM 1561 H HB3  . LYS A 1 97  ? -3.339  1.540   3.292   1.00 0.72 ? 110 LYS A HB3  1 
ATOM 1562 H HG2  . LYS A 1 97  ? -4.513  2.991   5.056   1.00 1.25 ? 110 LYS A HG2  1 
ATOM 1563 H HG3  . LYS A 1 97  ? -5.981  2.750   4.104   1.00 1.42 ? 110 LYS A HG3  1 
ATOM 1564 H HD2  . LYS A 1 97  ? -6.128  0.525   4.639   1.00 1.49 ? 110 LYS A HD2  1 
ATOM 1565 H HD3  . LYS A 1 97  ? -4.378  0.316   4.694   1.00 1.29 ? 110 LYS A HD3  1 
ATOM 1566 H HE2  . LYS A 1 97  ? -4.972  0.125   6.934   1.00 1.49 ? 110 LYS A HE2  1 
ATOM 1567 H HE3  . LYS A 1 97  ? -4.505  1.814   6.808   1.00 1.58 ? 110 LYS A HE3  1 
ATOM 1568 H HZ1  . LYS A 1 97  ? -6.902  2.313   6.398   1.00 2.35 ? 110 LYS A HZ1  1 
ATOM 1569 H HZ2  . LYS A 1 97  ? -7.252  0.708   6.806   1.00 2.56 ? 110 LYS A HZ2  1 
ATOM 1570 H HZ3  . LYS A 1 97  ? -6.559  1.737   7.957   1.00 2.50 ? 110 LYS A HZ3  1 
ATOM 1571 N N    . LEU A 1 98  ? -3.138  2.734   0.436   1.00 0.73 ? 111 LEU A N    1 
ATOM 1572 C CA   . LEU A 1 98  ? -2.235  2.388   -0.700  1.00 0.71 ? 111 LEU A CA   1 
ATOM 1573 C C    . LEU A 1 98  ? -1.658  3.633   -1.379  1.00 0.70 ? 111 LEU A C    1 
ATOM 1574 O O    . LEU A 1 98  ? -0.495  3.658   -1.727  1.00 0.70 ? 111 LEU A O    1 
ATOM 1575 C CB   . LEU A 1 98  ? -2.980  1.552   -1.729  1.00 0.77 ? 111 LEU A CB   1 
ATOM 1576 C CG   . LEU A 1 98  ? -1.972  0.674   -2.468  1.00 0.59 ? 111 LEU A CG   1 
ATOM 1577 C CD1  . LEU A 1 98  ? -1.391  -0.356  -1.497  1.00 0.67 ? 111 LEU A CD1  1 
ATOM 1578 C CD2  . LEU A 1 98  ? -2.669  -0.041  -3.622  1.00 0.70 ? 111 LEU A CD2  1 
ATOM 1579 H H    . LEU A 1 98  ? -4.081  2.485   0.401   1.00 0.80 ? 111 LEU A H    1 
ATOM 1580 H HA   . LEU A 1 98  ? -1.427  1.803   -0.310  1.00 0.67 ? 111 LEU A HA   1 
ATOM 1581 H HB2  . LEU A 1 98  ? -3.709  0.928   -1.230  1.00 0.94 ? 111 LEU A HB2  1 
ATOM 1582 H HB3  . LEU A 1 98  ? -3.477  2.200   -2.433  1.00 1.01 ? 111 LEU A HB3  1 
ATOM 1583 H HG   . LEU A 1 98  ? -1.176  1.292   -2.854  1.00 0.82 ? 111 LEU A HG   1 
ATOM 1584 H HD11 . LEU A 1 98  ? -2.177  -0.724  -0.859  1.00 1.18 ? 111 LEU A HD11 1 
ATOM 1585 H HD12 . LEU A 1 98  ? -0.958  -1.173  -2.049  1.00 1.31 ? 111 LEU A HD12 1 
ATOM 1586 H HD13 . LEU A 1 98  ? -0.630  0.111   -0.889  1.00 1.25 ? 111 LEU A HD13 1 
ATOM 1587 H HD21 . LEU A 1 98  ? -3.732  -0.079  -3.432  1.00 1.17 ? 111 LEU A HD21 1 
ATOM 1588 H HD22 . LEU A 1 98  ? -2.484  0.498   -4.538  1.00 1.32 ? 111 LEU A HD22 1 
ATOM 1589 H HD23 . LEU A 1 98  ? -2.282  -1.044  -3.709  1.00 1.16 ? 111 LEU A HD23 1 
ATOM 1590 N N    . THR A 1 99  ? -2.441  4.666   -1.581  1.00 0.75 ? 112 THR A N    1 
ATOM 1591 C CA   . THR A 1 99  ? -1.893  5.903   -2.241  1.00 0.78 ? 112 THR A CA   1 
ATOM 1592 C C    . THR A 1 99  ? -0.669  6.364   -1.447  1.00 0.76 ? 112 THR A C    1 
ATOM 1593 O O    . THR A 1 99  ? 0.437   6.413   -1.948  1.00 0.74 ? 112 THR A O    1 
ATOM 1594 C CB   . THR A 1 99  ? -2.958  7.015   -2.238  1.00 0.86 ? 112 THR A CB   1 
ATOM 1595 O OG1  . THR A 1 99  ? -4.003  6.667   -3.134  1.00 0.89 ? 112 THR A OG1  1 
ATOM 1596 C CG2  . THR A 1 99  ? -2.338  8.352   -2.674  1.00 0.92 ? 112 THR A CG2  1 
ATOM 1597 H H    . THR A 1 99  ? -3.374  4.632   -1.299  1.00 0.78 ? 112 THR A H    1 
ATOM 1598 H HA   . THR A 1 99  ? -1.603  5.675   -3.256  1.00 0.78 ? 112 THR A HA   1 
ATOM 1599 H HB   . THR A 1 99  ? -3.357  7.123   -1.243  1.00 0.87 ? 112 THR A HB   1 
ATOM 1600 H HG1  . THR A 1 99  ? -3.628  6.598   -4.015  1.00 1.28 ? 112 THR A HG1  1 
ATOM 1601 H HG21 . THR A 1 99  ? -1.737  8.199   -3.557  1.00 1.29 ? 112 THR A HG21 1 
ATOM 1602 H HG22 . THR A 1 99  ? -3.120  9.062   -2.885  1.00 1.32 ? 112 THR A HG22 1 
ATOM 1603 H HG23 . THR A 1 99  ? -1.712  8.731   -1.877  1.00 1.47 ? 112 THR A HG23 1 
ATOM 1604 N N    . PHE A 1 100 ? -0.881  6.679   -0.207  1.00 0.78 ? 113 PHE A N    1 
ATOM 1605 C CA   . PHE A 1 100 ? 0.230   7.122   0.669   1.00 0.80 ? 113 PHE A CA   1 
ATOM 1606 C C    . PHE A 1 100 ? 1.294   6.014   0.757   1.00 0.72 ? 113 PHE A C    1 
ATOM 1607 O O    . PHE A 1 100 ? 2.459   6.276   0.962   1.00 0.72 ? 113 PHE A O    1 
ATOM 1608 C CB   . PHE A 1 100 ? -0.367  7.400   2.054   1.00 0.85 ? 113 PHE A CB   1 
ATOM 1609 C CG   . PHE A 1 100 ? 0.706   7.781   3.037   1.00 0.86 ? 113 PHE A CG   1 
ATOM 1610 C CD1  . PHE A 1 100 ? 1.676   8.725   2.689   1.00 1.54 ? 113 PHE A CD1  1 
ATOM 1611 C CD2  . PHE A 1 100 ? 0.716   7.192   4.301   1.00 1.56 ? 113 PHE A CD2  1 
ATOM 1612 C CE1  . PHE A 1 100 ? 2.662   9.084   3.611   1.00 1.82 ? 113 PHE A CE1  1 
ATOM 1613 C CE2  . PHE A 1 100 ? 1.703   7.548   5.224   1.00 1.78 ? 113 PHE A CE2  1 
ATOM 1614 C CZ   . PHE A 1 100 ? 2.674   8.495   4.881   1.00 1.55 ? 113 PHE A CZ   1 
ATOM 1615 H H    . PHE A 1 100 ? -1.790  6.608   0.164   1.00 0.80 ? 113 PHE A H    1 
ATOM 1616 H HA   . PHE A 1 100 ? 0.670   8.026   0.276   1.00 0.86 ? 113 PHE A HA   1 
ATOM 1617 H HB2  . PHE A 1 100 ? -1.081  8.207   1.977   1.00 1.00 ? 113 PHE A HB2  1 
ATOM 1618 H HB3  . PHE A 1 100 ? -0.873  6.512   2.405   1.00 1.10 ? 113 PHE A HB3  1 
ATOM 1619 H HD1  . PHE A 1 100 ? 1.659   9.171   1.704   1.00 2.28 ? 113 PHE A HD1  1 
ATOM 1620 H HD2  . PHE A 1 100 ? -0.036  6.456   4.560   1.00 2.34 ? 113 PHE A HD2  1 
ATOM 1621 H HE1  . PHE A 1 100 ? 3.412   9.814   3.345   1.00 2.65 ? 113 PHE A HE1  1 
ATOM 1622 H HE2  . PHE A 1 100 ? 1.712   7.096   6.200   1.00 2.57 ? 113 PHE A HE2  1 
ATOM 1623 H HZ   . PHE A 1 100 ? 3.433   8.768   5.595   1.00 1.90 ? 113 PHE A HZ   1 
ATOM 1624 N N    . TYR A 1 101 ? 0.882   4.787   0.606   1.00 0.69 ? 114 TYR A N    1 
ATOM 1625 C CA   . TYR A 1 101 ? 1.821   3.627   0.680   1.00 0.63 ? 114 TYR A CA   1 
ATOM 1626 C C    . TYR A 1 101 ? 2.782   3.639   -0.523  1.00 0.57 ? 114 TYR A C    1 
ATOM 1627 O O    . TYR A 1 101 ? 3.890   4.124   -0.424  1.00 0.59 ? 114 TYR A O    1 
ATOM 1628 C CB   . TYR A 1 101 ? 0.970   2.351   0.698   1.00 0.63 ? 114 TYR A CB   1 
ATOM 1629 C CG   . TYR A 1 101 ? 1.819   1.107   0.608   1.00 0.58 ? 114 TYR A CG   1 
ATOM 1630 C CD1  . TYR A 1 101 ? 2.591   0.694   1.694   1.00 1.28 ? 114 TYR A CD1  1 
ATOM 1631 C CD2  . TYR A 1 101 ? 1.809   0.356   -0.571  1.00 1.31 ? 114 TYR A CD2  1 
ATOM 1632 C CE1  . TYR A 1 101 ? 3.355   -0.475  1.598   1.00 1.37 ? 114 TYR A CE1  1 
ATOM 1633 C CE2  . TYR A 1 101 ? 2.575   -0.808  -0.671  1.00 1.25 ? 114 TYR A CE2  1 
ATOM 1634 C CZ   . TYR A 1 101 ? 3.349   -1.225  0.416   1.00 0.65 ? 114 TYR A CZ   1 
ATOM 1635 O OH   . TYR A 1 101 ? 4.103   -2.377  0.324   1.00 0.75 ? 114 TYR A OH   1 
ATOM 1636 H H    . TYR A 1 101 ? -0.063  4.621   0.439   1.00 0.73 ? 114 TYR A H    1 
ATOM 1637 H HA   . TYR A 1 101 ? 2.392   3.687   1.594   1.00 0.67 ? 114 TYR A HA   1 
ATOM 1638 H HB2  . TYR A 1 101 ? 0.391   2.322   1.606   1.00 0.72 ? 114 TYR A HB2  1 
ATOM 1639 H HB3  . TYR A 1 101 ? 0.302   2.376   -0.140  1.00 0.63 ? 114 TYR A HB3  1 
ATOM 1640 H HD1  . TYR A 1 101 ? 2.599   1.274   2.605   1.00 2.09 ? 114 TYR A HD1  1 
ATOM 1641 H HD2  . TYR A 1 101 ? 1.210   0.679   -1.406  1.00 2.18 ? 114 TYR A HD2  1 
ATOM 1642 H HE1  . TYR A 1 101 ? 3.951   -0.796  2.435   1.00 2.24 ? 114 TYR A HE1  1 
ATOM 1643 H HE2  . TYR A 1 101 ? 2.566   -1.382  -1.587  1.00 2.06 ? 114 TYR A HE2  1 
ATOM 1644 H HH   . TYR A 1 101 ? 5.008   -2.124  0.122   1.00 0.98 ? 114 TYR A HH   1 
ATOM 1645 N N    . LEU A 1 102 ? 2.365   3.088   -1.651  1.00 0.53 ? 115 LEU A N    1 
ATOM 1646 C CA   . LEU A 1 102 ? 3.225   3.031   -2.876  1.00 0.50 ? 115 LEU A CA   1 
ATOM 1647 C C    . LEU A 1 102 ? 3.998   4.347   -3.096  1.00 0.53 ? 115 LEU A C    1 
ATOM 1648 O O    . LEU A 1 102 ? 5.122   4.342   -3.569  1.00 0.52 ? 115 LEU A O    1 
ATOM 1649 C CB   . LEU A 1 102 ? 2.320   2.766   -4.092  1.00 0.57 ? 115 LEU A CB   1 
ATOM 1650 C CG   . LEU A 1 102 ? 1.446   1.506   -3.882  1.00 0.57 ? 115 LEU A CG   1 
ATOM 1651 C CD1  . LEU A 1 102 ? 0.647   1.245   -5.153  1.00 0.72 ? 115 LEU A CD1  1 
ATOM 1652 C CD2  . LEU A 1 102 ? 2.336   0.295   -3.583  1.00 0.56 ? 115 LEU A CD2  1 
ATOM 1653 H H    . LEU A 1 102 ? 1.477   2.688   -1.691  1.00 0.55 ? 115 LEU A H    1 
ATOM 1654 H HA   . LEU A 1 102 ? 3.932   2.222   -2.780  1.00 0.46 ? 115 LEU A HA   1 
ATOM 1655 H HB2  . LEU A 1 102 ? 1.677   3.620   -4.246  1.00 0.63 ? 115 LEU A HB2  1 
ATOM 1656 H HB3  . LEU A 1 102 ? 2.936   2.626   -4.968  1.00 0.59 ? 115 LEU A HB3  1 
ATOM 1657 H HG   . LEU A 1 102 ? 0.747   1.654   -3.066  1.00 0.56 ? 115 LEU A HG   1 
ATOM 1658 H HD11 . LEU A 1 102 ? 1.206   1.595   -6.007  1.00 1.12 ? 115 LEU A HD11 1 
ATOM 1659 H HD12 . LEU A 1 102 ? 0.461   0.187   -5.249  1.00 1.38 ? 115 LEU A HD12 1 
ATOM 1660 H HD13 . LEU A 1 102 ? -0.294  1.774   -5.098  1.00 1.24 ? 115 LEU A HD13 1 
ATOM 1661 H HD21 . LEU A 1 102 ? 2.982   0.521   -2.748  1.00 1.16 ? 115 LEU A HD21 1 
ATOM 1662 H HD22 . LEU A 1 102 ? 1.717   -0.554  -3.337  1.00 1.16 ? 115 LEU A HD22 1 
ATOM 1663 H HD23 . LEU A 1 102 ? 2.936   0.067   -4.450  1.00 1.11 ? 115 LEU A HD23 1 
ATOM 1664 N N    . LYS A 1 103 ? 3.405   5.466   -2.757  1.00 0.60 ? 116 LYS A N    1 
ATOM 1665 C CA   . LYS A 1 103 ? 4.100   6.776   -2.949  1.00 0.65 ? 116 LYS A CA   1 
ATOM 1666 C C    . LYS A 1 103 ? 5.318   6.877   -2.021  1.00 0.63 ? 116 LYS A C    1 
ATOM 1667 O O    . LYS A 1 103 ? 6.434   7.049   -2.474  1.00 0.64 ? 116 LYS A O    1 
ATOM 1668 C CB   . LYS A 1 103 ? 3.132   7.923   -2.646  1.00 0.74 ? 116 LYS A CB   1 
ATOM 1669 C CG   . LYS A 1 103 ? 3.401   9.092   -3.600  1.00 1.08 ? 116 LYS A CG   1 
ATOM 1670 C CD   . LYS A 1 103 ? 2.393   9.058   -4.756  1.00 1.03 ? 116 LYS A CD   1 
ATOM 1671 C CE   . LYS A 1 103 ? 1.985   10.487  -5.124  1.00 1.65 ? 116 LYS A CE   1 
ATOM 1672 N NZ   . LYS A 1 103 ? 1.312   10.485  -6.453  1.00 2.19 ? 116 LYS A NZ   1 
ATOM 1673 H H    . LYS A 1 103 ? 2.500   5.444   -2.378  1.00 0.64 ? 116 LYS A H    1 
ATOM 1674 H HA   . LYS A 1 103 ? 4.431   6.852   -3.974  1.00 0.68 ? 116 LYS A HA   1 
ATOM 1675 H HB2  . LYS A 1 103 ? 2.118   7.579   -2.775  1.00 0.91 ? 116 LYS A HB2  1 
ATOM 1676 H HB3  . LYS A 1 103 ? 3.273   8.253   -1.628  1.00 0.97 ? 116 LYS A HB3  1 
ATOM 1677 H HG2  . LYS A 1 103 ? 3.301   10.023  -3.061  1.00 1.52 ? 116 LYS A HG2  1 
ATOM 1678 H HG3  . LYS A 1 103 ? 4.402   9.012   -3.997  1.00 1.72 ? 116 LYS A HG3  1 
ATOM 1679 H HD2  . LYS A 1 103 ? 2.845   8.581   -5.613  1.00 1.36 ? 116 LYS A HD2  1 
ATOM 1680 H HD3  . LYS A 1 103 ? 1.517   8.503   -4.456  1.00 1.21 ? 116 LYS A HD3  1 
ATOM 1681 H HE2  . LYS A 1 103 ? 1.307   10.870  -4.377  1.00 2.19 ? 116 LYS A HE2  1 
ATOM 1682 H HE3  . LYS A 1 103 ? 2.865   11.113  -5.166  1.00 2.06 ? 116 LYS A HE3  1 
ATOM 1683 H HZ1  . LYS A 1 103 ? 1.793   9.812   -7.084  1.00 2.64 ? 116 LYS A HZ1  1 
ATOM 1684 H HZ2  . LYS A 1 103 ? 0.318   10.204  -6.337  1.00 2.49 ? 116 LYS A HZ2  1 
ATOM 1685 H HZ3  . LYS A 1 103 ? 1.354   11.439  -6.865  1.00 2.62 ? 116 LYS A HZ3  1 
ATOM 1686 N N    . THR A 1 104 ? 5.114   6.790   -0.725  1.00 0.63 ? 117 THR A N    1 
ATOM 1687 C CA   . THR A 1 104 ? 6.263   6.903   0.229   1.00 0.64 ? 117 THR A CA   1 
ATOM 1688 C C    . THR A 1 104 ? 7.329   5.841   -0.081  1.00 0.58 ? 117 THR A C    1 
ATOM 1689 O O    . THR A 1 104 ? 8.492   6.013   0.231   1.00 0.58 ? 117 THR A O    1 
ATOM 1690 C CB   . THR A 1 104 ? 5.760   6.751   1.681   1.00 0.71 ? 117 THR A CB   1 
ATOM 1691 O OG1  . THR A 1 104 ? 6.826   7.037   2.574   1.00 1.58 ? 117 THR A OG1  1 
ATOM 1692 C CG2  . THR A 1 104 ? 5.242   5.330   1.957   1.00 1.19 ? 117 THR A CG2  1 
ATOM 1693 H H    . THR A 1 104 ? 4.205   6.666   -0.380  1.00 0.66 ? 117 THR A H    1 
ATOM 1694 H HA   . THR A 1 104 ? 6.708   7.881   0.120   1.00 0.70 ? 117 THR A HA   1 
ATOM 1695 H HB   . THR A 1 104 ? 4.959   7.451   1.851   1.00 1.40 ? 117 THR A HB   1 
ATOM 1696 H HG1  . THR A 1 104 ? 6.788   7.972   2.790   1.00 1.90 ? 117 THR A HG1  1 
ATOM 1697 H HG21 . THR A 1 104 ? 5.619   4.647   1.216   1.00 1.87 ? 117 THR A HG21 1 
ATOM 1698 H HG22 . THR A 1 104 ? 5.572   5.018   2.935   1.00 1.72 ? 117 THR A HG22 1 
ATOM 1699 H HG23 . THR A 1 104 ? 4.166   5.327   1.931   1.00 1.73 ? 117 THR A HG23 1 
ATOM 1700 N N    . LEU A 1 105 ? 6.936   4.748   -0.684  1.00 0.55 ? 118 LEU A N    1 
ATOM 1701 C CA   . LEU A 1 105 ? 7.917   3.673   -1.006  1.00 0.51 ? 118 LEU A CA   1 
ATOM 1702 C C    . LEU A 1 105 ? 8.899   4.160   -2.063  1.00 0.49 ? 118 LEU A C    1 
ATOM 1703 O O    . LEU A 1 105 ? 10.079  4.302   -1.806  1.00 0.51 ? 118 LEU A O    1 
ATOM 1704 C CB   . LEU A 1 105 ? 7.173   2.421   -1.527  1.00 0.51 ? 118 LEU A CB   1 
ATOM 1705 C CG   . LEU A 1 105 ? 8.149   1.315   -2.021  1.00 0.49 ? 118 LEU A CG   1 
ATOM 1706 C CD1  . LEU A 1 105 ? 8.527   1.576   -3.482  1.00 0.50 ? 118 LEU A CD1  1 
ATOM 1707 C CD2  . LEU A 1 105 ? 9.434   1.273   -1.173  1.00 0.53 ? 118 LEU A CD2  1 
ATOM 1708 H H    . LEU A 1 105 ? 5.994   4.631   -0.919  1.00 0.57 ? 118 LEU A H    1 
ATOM 1709 H HA   . LEU A 1 105 ? 8.462   3.411   -0.111  1.00 0.53 ? 118 LEU A HA   1 
ATOM 1710 H HB2  . LEU A 1 105 ? 6.563   2.019   -0.733  1.00 0.56 ? 118 LEU A HB2  1 
ATOM 1711 H HB3  . LEU A 1 105 ? 6.531   2.713   -2.346  1.00 0.53 ? 118 LEU A HB3  1 
ATOM 1712 H HG   . LEU A 1 105 ? 7.648   0.361   -1.960  1.00 0.52 ? 118 LEU A HG   1 
ATOM 1713 H HD11 . LEU A 1 105 ? 7.769   2.189   -3.945  1.00 1.11 ? 118 LEU A HD11 1 
ATOM 1714 H HD12 . LEU A 1 105 ? 9.477   2.090   -3.524  1.00 1.03 ? 118 LEU A HD12 1 
ATOM 1715 H HD13 . LEU A 1 105 ? 8.602   0.638   -4.009  1.00 1.06 ? 118 LEU A HD13 1 
ATOM 1716 H HD21 . LEU A 1 105 ? 9.187   1.436   -0.135  1.00 1.16 ? 118 LEU A HD21 1 
ATOM 1717 H HD22 . LEU A 1 105 ? 9.911   0.313   -1.285  1.00 1.18 ? 118 LEU A HD22 1 
ATOM 1718 H HD23 . LEU A 1 105 ? 10.109  2.050   -1.506  1.00 1.10 ? 118 LEU A HD23 1 
ATOM 1719 N N    . GLU A 1 106 ? 8.425   4.373   -3.262  1.00 0.49 ? 119 GLU A N    1 
ATOM 1720 C CA   . GLU A 1 106 ? 9.337   4.804   -4.354  1.00 0.51 ? 119 GLU A CA   1 
ATOM 1721 C C    . GLU A 1 106 ? 10.008  6.141   -4.000  1.00 0.58 ? 119 GLU A C    1 
ATOM 1722 O O    . GLU A 1 106 ? 11.024  6.496   -4.567  1.00 0.63 ? 119 GLU A O    1 
ATOM 1723 C CB   . GLU A 1 106 ? 8.544   4.959   -5.653  1.00 0.58 ? 119 GLU A CB   1 
ATOM 1724 C CG   . GLU A 1 106 ? 9.503   4.913   -6.846  1.00 0.62 ? 119 GLU A CG   1 
ATOM 1725 C CD   . GLU A 1 106 ? 8.895   5.684   -8.019  1.00 1.18 ? 119 GLU A CD   1 
ATOM 1726 O OE1  . GLU A 1 106 ? 9.024   6.898   -8.036  1.00 1.93 ? 119 GLU A OE1  1 
ATOM 1727 O OE2  . GLU A 1 106 ? 8.309   5.049   -8.880  1.00 1.86 ? 119 GLU A OE2  1 
ATOM 1728 H H    . GLU A 1 106 ? 7.473   4.221   -3.448  1.00 0.51 ? 119 GLU A H    1 
ATOM 1729 H HA   . GLU A 1 106 ? 10.093  4.040   -4.483  1.00 0.51 ? 119 GLU A HA   1 
ATOM 1730 H HB2  . GLU A 1 106 ? 7.828   4.155   -5.735  1.00 0.74 ? 119 GLU A HB2  1 
ATOM 1731 H HB3  . GLU A 1 106 ? 8.026   5.906   -5.648  1.00 0.65 ? 119 GLU A HB3  1 
ATOM 1732 H HG2  . GLU A 1 106 ? 10.445  5.363   -6.567  1.00 1.11 ? 119 GLU A HG2  1 
ATOM 1733 H HG3  . GLU A 1 106 ? 9.665   3.887   -7.138  1.00 1.24 ? 119 GLU A HG3  1 
ATOM 1734 N N    . ASN A 1 107 ? 9.450   6.880   -3.070  1.00 0.61 ? 120 ASN A N    1 
ATOM 1735 C CA   . ASN A 1 107 ? 10.054  8.187   -2.684  1.00 0.72 ? 120 ASN A CA   1 
ATOM 1736 C C    . ASN A 1 107 ? 11.335  7.933   -1.894  1.00 0.77 ? 120 ASN A C    1 
ATOM 1737 O O    . ASN A 1 107 ? 12.365  8.528   -2.153  1.00 0.87 ? 120 ASN A O    1 
ATOM 1738 C CB   . ASN A 1 107 ? 9.067   8.971   -1.816  1.00 0.83 ? 120 ASN A CB   1 
ATOM 1739 C CG   . ASN A 1 107 ? 8.215   9.879   -2.703  1.00 1.24 ? 120 ASN A CG   1 
ATOM 1740 O OD1  . ASN A 1 107 ? 7.463   9.405   -3.533  1.00 2.01 ? 120 ASN A OD1  1 
ATOM 1741 N ND2  . ASN A 1 107 ? 8.301   11.173  -2.566  1.00 1.63 ? 120 ASN A ND2  1 
ATOM 1742 H H    . ASN A 1 107 ? 8.635   6.574   -2.627  1.00 0.60 ? 120 ASN A H    1 
ATOM 1743 H HA   . ASN A 1 107 ? 10.285  8.753   -3.570  1.00 0.75 ? 120 ASN A HA   1 
ATOM 1744 H HB2  . ASN A 1 107 ? 8.426   8.279   -1.286  1.00 1.03 ? 120 ASN A HB2  1 
ATOM 1745 H HB3  . ASN A 1 107 ? 9.612   9.573   -1.106  1.00 1.01 ? 120 ASN A HB3  1 
ATOM 1746 H HD21 . ASN A 1 107 ? 8.908   11.555  -1.897  1.00 2.04 ? 120 ASN A HD21 1 
ATOM 1747 H HD22 . ASN A 1 107 ? 7.759   11.764  -3.129  1.00 2.00 ? 120 ASN A HD22 1 
ATOM 1748 N N    . ALA A 1 108 ? 11.275  7.045   -0.939  1.00 0.73 ? 121 ALA A N    1 
ATOM 1749 C CA   . ALA A 1 108 ? 12.485  6.730   -0.125  1.00 0.83 ? 121 ALA A CA   1 
ATOM 1750 C C    . ALA A 1 108 ? 13.285  5.594   -0.784  1.00 0.83 ? 121 ALA A C    1 
ATOM 1751 O O    . ALA A 1 108 ? 14.326  5.203   -0.289  1.00 0.97 ? 121 ALA A O    1 
ATOM 1752 C CB   . ALA A 1 108 ? 12.054  6.299   1.278   1.00 0.90 ? 121 ALA A CB   1 
ATOM 1753 H H    . ALA A 1 108 ? 10.432  6.578   -0.762  1.00 0.66 ? 121 ALA A H    1 
ATOM 1754 H HA   . ALA A 1 108 ? 13.106  7.609   -0.053  1.00 0.92 ? 121 ALA A HA   1 
ATOM 1755 H HB1  . ALA A 1 108 ? 11.162  5.695   1.211   1.00 1.34 ? 121 ALA A HB1  1 
ATOM 1756 H HB2  . ALA A 1 108 ? 12.845  5.724   1.737   1.00 1.32 ? 121 ALA A HB2  1 
ATOM 1757 H HB3  . ALA A 1 108 ? 11.852  7.175   1.878   1.00 1.43 ? 121 ALA A HB3  1 
ATOM 1758 N N    . GLN A 1 109 ? 12.816  5.060   -1.891  1.00 0.73 ? 122 GLN A N    1 
ATOM 1759 C CA   . GLN A 1 109 ? 13.558  3.956   -2.565  1.00 0.81 ? 122 GLN A CA   1 
ATOM 1760 C C    . GLN A 1 109 ? 14.773  4.529   -3.298  1.00 1.04 ? 122 GLN A C    1 
ATOM 1761 O O    . GLN A 1 109 ? 15.779  3.863   -3.465  1.00 1.58 ? 122 GLN A O    1 
ATOM 1762 C CB   . GLN A 1 109 ? 12.638  3.261   -3.571  1.00 0.86 ? 122 GLN A CB   1 
ATOM 1763 C CG   . GLN A 1 109 ? 13.245  1.915   -3.973  1.00 0.98 ? 122 GLN A CG   1 
ATOM 1764 C CD   . GLN A 1 109 ? 12.841  1.582   -5.410  1.00 1.57 ? 122 GLN A CD   1 
ATOM 1765 O OE1  . GLN A 1 109 ? 11.772  1.951   -5.854  1.00 2.15 ? 122 GLN A OE1  1 
ATOM 1766 N NE2  . GLN A 1 109 ? 13.656  0.892   -6.161  1.00 2.30 ? 122 GLN A NE2  1 
ATOM 1767 H H    . GLN A 1 109 ? 11.975  5.384   -2.279  1.00 0.65 ? 122 GLN A H    1 
ATOM 1768 H HA   . GLN A 1 109 ? 13.889  3.241   -1.827  1.00 0.96 ? 122 GLN A HA   1 
ATOM 1769 H HB2  . GLN A 1 109 ? 11.669  3.101   -3.121  1.00 1.04 ? 122 GLN A HB2  1 
ATOM 1770 H HB3  . GLN A 1 109 ? 12.530  3.881   -4.448  1.00 0.99 ? 122 GLN A HB3  1 
ATOM 1771 H HG2  . GLN A 1 109 ? 14.321  1.971   -3.905  1.00 1.20 ? 122 GLN A HG2  1 
ATOM 1772 H HG3  . GLN A 1 109 ? 12.881  1.144   -3.311  1.00 1.54 ? 122 GLN A HG3  1 
ATOM 1773 H HE21 . GLN A 1 109 ? 14.518  0.594   -5.802  1.00 2.57 ? 122 GLN A HE21 1 
ATOM 1774 H HE22 . GLN A 1 109 ? 13.406  0.674   -7.083  1.00 2.92 ? 122 GLN A HE22 1 
ATOM 1775 N N    . ALA A 1 110 ? 14.688  5.760   -3.736  1.00 0.94 ? 123 ALA A N    1 
ATOM 1776 C CA   . ALA A 1 110 ? 15.834  6.384   -4.460  1.00 1.24 ? 123 ALA A CA   1 
ATOM 1777 C C    . ALA A 1 110 ? 16.247  7.674   -3.747  1.00 1.27 ? 123 ALA A C    1 
ATOM 1778 O O    . ALA A 1 110 ? 17.260  7.722   -3.074  1.00 1.81 ? 123 ALA A O    1 
ATOM 1779 C CB   . ALA A 1 110 ? 15.415  6.705   -5.897  1.00 2.02 ? 123 ALA A CB   1 
ATOM 1780 H H    . ALA A 1 110 ? 13.867  6.274   -3.589  1.00 0.98 ? 123 ALA A H    1 
ATOM 1781 H HA   . ALA A 1 110 ? 16.667  5.697   -4.473  1.00 1.76 ? 123 ALA A HA   1 
ATOM 1782 H HB1  . ALA A 1 110 ? 14.379  7.010   -5.910  1.00 2.57 ? 123 ALA A HB1  1 
ATOM 1783 H HB2  . ALA A 1 110 ? 16.031  7.505   -6.281  1.00 2.49 ? 123 ALA A HB2  1 
ATOM 1784 H HB3  . ALA A 1 110 ? 15.540  5.827   -6.512  1.00 2.37 ? 123 ALA A HB3  1 
ATOM 1785 N N    . GLN A 1 111 ? 15.470  8.719   -3.890  1.00 1.68 ? 124 GLN A N    1 
ATOM 1786 C CA   . GLN A 1 111 ? 15.808  10.016  -3.226  1.00 2.58 ? 124 GLN A CA   1 
ATOM 1787 C C    . GLN A 1 111 ? 17.169  10.511  -3.720  1.00 3.19 ? 124 GLN A C    1 
ATOM 1788 O O    . GLN A 1 111 ? 18.203  10.125  -3.208  1.00 3.59 ? 124 GLN A O    1 
ATOM 1789 C CB   . GLN A 1 111 ? 15.858  9.819   -1.708  1.00 3.26 ? 124 GLN A CB   1 
ATOM 1790 C CG   . GLN A 1 111 ? 15.481  11.129  -1.011  1.00 4.00 ? 124 GLN A CG   1 
ATOM 1791 C CD   . GLN A 1 111 ? 16.180  11.203  0.348   1.00 4.85 ? 124 GLN A CD   1 
ATOM 1792 O OE1  . GLN A 1 111 ? 15.764  10.565  1.294   1.00 5.23 ? 124 GLN A OE1  1 
ATOM 1793 N NE2  . GLN A 1 111 ? 17.233  11.961  0.485   1.00 5.55 ? 124 GLN A NE2  1 
ATOM 1794 H H    . GLN A 1 111 ? 14.660  8.651   -4.439  1.00 1.83 ? 124 GLN A H    1 
ATOM 1795 H HA   . GLN A 1 111 ? 15.053  10.749  -3.467  1.00 3.04 ? 124 GLN A HA   1 
ATOM 1796 H HB2  . GLN A 1 111 ? 15.161  9.044   -1.423  1.00 3.50 ? 124 GLN A HB2  1 
ATOM 1797 H HB3  . GLN A 1 111 ? 16.856  9.532   -1.415  1.00 3.63 ? 124 GLN A HB3  1 
ATOM 1798 H HG2  . GLN A 1 111 ? 15.791  11.963  -1.623  1.00 4.40 ? 124 GLN A HG2  1 
ATOM 1799 H HG3  . GLN A 1 111 ? 14.412  11.164  -0.865  1.00 4.06 ? 124 GLN A HG3  1 
ATOM 1800 H HE21 . GLN A 1 111 ? 17.570  12.476  -0.279  1.00 5.57 ? 124 GLN A HE21 1 
ATOM 1801 H HE22 . GLN A 1 111 ? 17.688  12.016  1.352   1.00 6.25 ? 124 GLN A HE22 1 
ATOM 1802 N N    . GLN A 1 112 ? 17.176  11.364  -4.716  1.00 3.91 ? 125 GLN A N    1 
ATOM 1803 C CA   . GLN A 1 112 ? 18.466  11.893  -5.258  1.00 4.99 ? 125 GLN A CA   1 
ATOM 1804 C C    . GLN A 1 112 ? 19.322  10.735  -5.778  1.00 5.69 ? 125 GLN A C    1 
ATOM 1805 O O    . GLN A 1 112 ? 19.995  10.113  -4.972  1.00 6.02 ? 125 GLN A O    1 
ATOM 1806 C CB   . GLN A 1 112 ? 19.225  12.632  -4.151  1.00 5.67 ? 125 GLN A CB   1 
ATOM 1807 C CG   . GLN A 1 112 ? 20.440  13.342  -4.751  1.00 6.21 ? 125 GLN A CG   1 
ATOM 1808 C CD   . GLN A 1 112 ? 21.627  12.378  -4.793  1.00 6.80 ? 125 GLN A CD   1 
ATOM 1809 O OE1  . GLN A 1 112 ? 22.199  12.146  -5.839  1.00 6.85 ? 125 GLN A OE1  1 
ATOM 1810 N NE2  . GLN A 1 112 ? 22.023  11.800  -3.691  1.00 7.55 ? 125 GLN A NE2  1 
ATOM 1811 O OXT  . GLN A 1 112 ? 19.288  10.488  -6.972  1.00 6.22 ? 125 GLN A OXT  1 
ATOM 1812 H H    . GLN A 1 112 ? 16.328  11.656  -5.109  1.00 4.05 ? 125 GLN A H    1 
ATOM 1813 H HA   . GLN A 1 112 ? 18.259  12.577  -6.068  1.00 5.22 ? 125 GLN A HA   1 
ATOM 1814 H HB2  . GLN A 1 112 ? 18.571  13.360  -3.692  1.00 5.64 ? 125 GLN A HB2  1 
ATOM 1815 H HB3  . GLN A 1 112 ? 19.555  11.923  -3.406  1.00 6.22 ? 125 GLN A HB3  1 
ATOM 1816 H HG2  . GLN A 1 112 ? 20.206  13.671  -5.753  1.00 6.48 ? 125 GLN A HG2  1 
ATOM 1817 H HG3  . GLN A 1 112 ? 20.695  14.196  -4.141  1.00 6.31 ? 125 GLN A HG3  1 
ATOM 1818 H HE21 . GLN A 1 112 ? 21.561  11.986  -2.847  1.00 7.74 ? 125 GLN A HE21 1 
ATOM 1819 H HE22 . GLN A 1 112 ? 22.781  11.180  -3.709  1.00 8.09 ? 125 GLN A HE22 1 
# 
